data_7OMM
#
_entry.id   7OMM
#
_cell.length_a   1.00
_cell.length_b   1.00
_cell.length_c   1.00
_cell.angle_alpha   90.00
_cell.angle_beta   90.00
_cell.angle_gamma   90.00
#
_symmetry.space_group_name_H-M   'P 1'
#
loop_
_entity.id
_entity.type
_entity.pdbx_description
1 polymer 'LPS-assembly protein LptD'
2 polymer 'LPS-assembly lipoprotein LptE'
3 polymer 'ProMacrobody 21,Maltodextrin-binding protein'
4 polymer 'ProMacrobody 51,Maltodextrin-binding protein'
#
loop_
_entity_poly.entity_id
_entity_poly.type
_entity_poly.pdbx_seq_one_letter_code
_entity_poly.pdbx_strand_id
1 'polypeptide(L)'
;MARLFSLKPLVLSLGFCFGTHCAADTVAAEEADGRVAEGGAQGASESAQASDLTLGSTCLFCSNESGSPERTEAAVQGSG
EASVPEDYTRIVADRMEGQSKVKVRAEGSVIIERDGAVLNTDWADYDQSGDTVTVGDRFALQQDGTLIRGETLTYNLDQQ
TGEAHNVRMETEQGGRRLQSVSRTAEMLGEGRYKLTETQFNTCSAGDAGWYVKAASVEADRGKGIGVAKHAAFVFGGVPL
FYTPWADFPLDGNRKSGLLVPSVSAGSDGVSLSVPYYFNLAPNFDATFAPGIIGERGATFDGQIRYLRPDYSGQTDLTWL
PHDKKSGRNNRYQAKWQHRHDISDTLQAGVDFNQVSDSGYYRDFYGGEEIAGNVNLNRRVWLDYGGRAAGGSLNAGLSVQ
KYQTLANQSGYKDEPYAIMPRLSADWHKNAGRAQIGVSAQFTRFSHDGRQDGSRLVVYPGIKWDFSNSWGYVRPKLGLHA
TYYSLDSFGGKASRSVGRVLPVVNIDGGTTFERNTRLFGGGVVQTIEPRLFYNYIPAKSQNDLPNFDSSESSFGYGQLFR
ENLYYGNDRINAANSLSTAVQSRILDGATGEERFRAGIGQKFYFKDDAVMLDGSVGKNPRSRSDWVAFASGGIGGRFTLD
SSIHYNQNDKRAEHYAVGAGYRPAPGKVLNARYKYGRNEKIYLQADGSYFYDKLSQLDLSAQWPLTRNLSAVVRYNYGFE
AKKPIEMLAGAEYKSSCGCWGAGVYAQRYVTGENTYKNAVFFSLQLKDLSSVGRNPAGRMDVAVPGYIPAHSLSAGRNKR
P
;
A
2 'polypeptide(L)'
;MNKIFLTAAALVLGACGFHLKGADGISPPLTYRSWHIEGGQALQFPLETALYQASGRVDDAAGAQMTLRIDSVSQNKETY
TVTRAAVINEYLLILTVEAQVLKRGEPVGKPMTVSVRRILDYADNEILGKQEEEETLWAEMRQDVAEQIVRRLTFLKAEH
HHHHH
;
B
3 'polypeptide(L)'
;GPSQVQLVESGGGLVQPGGSLRLSCAASGFPVKYEHMYWYRQAPGKEREWVAAINSAGNETHYADSVKGRFTISRDNAKN
TVYLQMNSLKPEDTAVYYCNVKDIGWWAAYDYWGQGTQVTVPPLVIWINGDKGYNGLAEVGKKFEKDTGIKVTVEHPDKL
EEKFPQVAATGDGPDIIFWAHDRFGGYAQSGLLAEITPDKAFQDKLYPFTWDAVRYNGKLIAYPIAVEALSLIYNKDLLP
NPPKTWEEIPALDKELKAKGKSALMFNLQEPYFTWPLIAADGGYAFKYENGKYDIKDVGVDNAGAKAGLTFLVDLIKNKH
MNADTDYSIAEAAFNKGETAMTINGPWAWSNIDTSKVNYGVTVLPTFKGQPSKPFVGVLSAGINAASPNKELAKEFLENY
LLTDEGLEAVNKDKPLGAVALKSYEEELAKDPRIAATMENAQKGEIMPNIPQMSAFWYAVRTAVINAASGRQTVDEALKD
AQTPGSGGGSAWSHPQFEKGGGSGGGSGGSAWSHPQFEKA
;
C
4 'polypeptide(L)'
;GPSQVQLVESGGGSVQAGGSLRLSCAASGSISSITYLGWFRQAPGKEREGVAALATYYGHTYYADSVKGRFTVSLDNAKN
TVYLQMNSLKPEDTALYYCAAAYSGIWTPLGVWATYEYWGQGTQVTVPPLVIWINGDKGYNGLAEVGKKFEKDTGIKVTV
EHPDKLEEKFPQVAATGDGPDIIFWAHDRFGGYAQSGLLAEITPDKAFQDKLYPFTWDAVRYNGKLIAYPIAVEALSLIY
NKDLLPNPPKTWEEIPALDKELKAKGKSALMFNLQEPYFTWPLIAADGGYAFKYENGKYDIKDVGVDNAGAKAGLTFLVD
LIKNKHMNADTDYSIAEAAFNKGETAMTINGPWAWSNIDTSKVNYGVTVLPTFKGQPSKPFVGVLSAGINAASPNKELAK
EFLENYLLTDEGLEAVNKDKPLGAVALKSYEEELAKDPRIAATMENAQKGEIMPNIPQMSAFWYAVRTAVINAASGRQTV
DEALKDAQTPGSGGGSAWSHPQFEKGGGSGGGSGGSAWSHPQFEKA
;
D
#
# COMPACT_ATOMS: atom_id res chain seq x y z
N TYR A 88 3.89 73.18 37.26
CA TYR A 88 3.61 72.78 38.64
C TYR A 88 2.89 71.44 38.67
N THR A 89 2.91 70.78 39.82
CA THR A 89 2.28 69.48 40.02
C THR A 89 1.44 69.56 41.30
N ARG A 90 0.18 69.97 41.16
CA ARG A 90 -0.69 70.20 42.31
C ARG A 90 -1.35 68.90 42.76
N ILE A 91 -1.64 68.83 44.05
CA ILE A 91 -2.26 67.67 44.68
C ILE A 91 -3.61 68.10 45.26
N VAL A 92 -4.65 67.32 44.97
CA VAL A 92 -6.01 67.69 45.40
C VAL A 92 -6.31 67.27 46.81
N ALA A 93 -5.42 66.55 47.48
CA ALA A 93 -5.64 66.17 48.87
C ALA A 93 -5.79 67.42 49.73
N ASP A 94 -6.79 67.40 50.61
CA ASP A 94 -7.04 68.56 51.46
C ASP A 94 -5.95 68.73 52.51
N ARG A 95 -5.49 67.64 53.12
CA ARG A 95 -4.49 67.69 54.17
C ARG A 95 -3.22 66.99 53.73
N MET A 96 -2.08 67.62 54.00
CA MET A 96 -0.76 67.10 53.63
C MET A 96 0.17 67.27 54.81
N GLU A 97 0.77 66.17 55.27
CA GLU A 97 1.69 66.20 56.41
C GLU A 97 3.09 66.52 55.88
N GLY A 98 3.54 67.75 56.11
CA GLY A 98 4.86 68.17 55.69
C GLY A 98 5.17 69.60 56.08
N GLN A 99 6.42 69.89 56.45
CA GLN A 99 6.73 71.24 56.91
C GLN A 99 6.99 72.19 55.74
N SER A 100 8.07 72.00 54.99
CA SER A 100 8.23 72.77 53.76
C SER A 100 8.63 71.92 52.55
N LYS A 101 9.65 71.08 52.72
CA LYS A 101 10.19 70.35 51.57
C LYS A 101 10.56 68.89 51.84
N VAL A 102 10.85 68.50 53.08
CA VAL A 102 11.49 67.22 53.33
C VAL A 102 10.55 66.06 52.98
N LYS A 103 9.27 66.18 53.35
CA LYS A 103 8.32 65.11 53.10
C LYS A 103 6.94 65.72 52.89
N VAL A 104 6.17 65.11 52.00
CA VAL A 104 4.80 65.52 51.73
C VAL A 104 3.96 64.24 51.64
N ARG A 105 3.18 63.99 52.68
CA ARG A 105 2.34 62.80 52.77
C ARG A 105 0.89 63.21 52.58
N ALA A 106 0.28 62.73 51.49
CA ALA A 106 -1.09 63.06 51.13
C ALA A 106 -1.91 61.78 51.02
N GLU A 107 -3.14 61.82 51.54
CA GLU A 107 -4.02 60.66 51.55
C GLU A 107 -5.41 61.06 51.08
N GLY A 108 -6.23 60.05 50.77
CA GLY A 108 -7.60 60.29 50.40
C GLY A 108 -7.84 60.48 48.92
N SER A 109 -7.42 59.52 48.11
CA SER A 109 -7.60 59.56 46.66
C SER A 109 -6.94 60.80 46.06
N VAL A 110 -5.63 60.89 46.27
CA VAL A 110 -4.86 62.07 45.89
C VAL A 110 -4.60 62.08 44.39
N ILE A 111 -4.13 63.22 43.87
CA ILE A 111 -3.79 63.37 42.46
C ILE A 111 -2.43 64.04 42.36
N ILE A 112 -1.77 63.82 41.22
CA ILE A 112 -0.55 64.53 40.86
C ILE A 112 -0.80 65.15 39.50
N GLU A 113 -0.73 66.48 39.41
CA GLU A 113 -1.16 67.19 38.22
C GLU A 113 -0.32 66.78 37.00
N ARG A 114 0.95 67.18 36.98
CA ARG A 114 1.89 66.80 35.92
C ARG A 114 1.24 66.89 34.55
N ASP A 115 0.91 68.11 34.10
CA ASP A 115 -0.04 68.36 33.02
C ASP A 115 0.09 67.34 31.90
N GLY A 116 -1.01 66.63 31.61
CA GLY A 116 -1.04 65.60 30.62
C GLY A 116 -1.03 64.18 31.17
N ALA A 117 -0.84 63.99 32.47
CA ALA A 117 -0.75 62.66 33.07
C ALA A 117 -1.45 62.67 34.42
N VAL A 118 -2.73 62.29 34.43
CA VAL A 118 -3.45 62.15 35.68
C VAL A 118 -2.87 60.99 36.46
N LEU A 119 -2.94 61.07 37.80
CA LEU A 119 -2.44 59.98 38.63
C LEU A 119 -3.30 59.92 39.89
N ASN A 120 -4.29 59.04 39.88
CA ASN A 120 -5.14 58.80 41.05
C ASN A 120 -4.64 57.58 41.81
N THR A 121 -4.47 57.73 43.12
CA THR A 121 -3.93 56.68 43.97
C THR A 121 -4.74 56.65 45.25
N ASP A 122 -4.20 55.99 46.27
CA ASP A 122 -4.81 55.95 47.59
C ASP A 122 -4.07 56.78 48.62
N TRP A 123 -2.75 56.68 48.68
CA TRP A 123 -1.94 57.44 49.62
C TRP A 123 -0.53 57.54 49.07
N ALA A 124 0.34 58.24 49.79
CA ALA A 124 1.67 58.49 49.27
C ALA A 124 2.61 58.85 50.42
N ASP A 125 3.90 58.59 50.19
CA ASP A 125 4.97 59.04 51.08
C ASP A 125 6.13 59.55 50.25
N TYR A 126 6.81 60.59 50.75
CA TYR A 126 7.98 61.14 50.09
C TYR A 126 9.19 61.03 51.02
N ASP A 127 10.38 61.08 50.42
CA ASP A 127 11.62 61.12 51.18
C ASP A 127 12.67 61.79 50.30
N GLN A 128 13.02 63.03 50.61
CA GLN A 128 13.90 63.83 49.76
C GLN A 128 15.35 63.37 49.96
N SER A 129 15.63 62.18 49.44
CA SER A 129 16.97 61.63 49.38
C SER A 129 17.40 61.29 47.96
N GLY A 130 16.48 60.78 47.14
CA GLY A 130 16.75 60.52 45.74
C GLY A 130 15.68 61.14 44.87
N ASP A 131 14.83 61.97 45.48
CA ASP A 131 13.72 62.63 44.78
C ASP A 131 12.76 61.60 44.18
N THR A 132 12.21 60.76 45.05
CA THR A 132 11.35 59.67 44.63
C THR A 132 9.91 59.92 45.07
N VAL A 133 9.01 59.05 44.60
CA VAL A 133 7.59 59.11 44.91
C VAL A 133 7.04 57.70 45.04
N THR A 134 6.29 57.44 46.11
CA THR A 134 5.57 56.19 46.27
C THR A 134 4.08 56.50 46.31
N VAL A 135 3.29 55.71 45.57
CA VAL A 135 1.91 56.07 45.35
C VAL A 135 0.93 55.07 45.98
N GLY A 136 1.30 54.51 47.13
CA GLY A 136 0.32 53.92 48.02
C GLY A 136 0.02 52.47 47.70
N ASP A 137 -1.26 52.15 47.58
CA ASP A 137 -1.73 50.77 47.47
C ASP A 137 -2.56 50.49 46.23
N ARG A 138 -3.44 51.40 45.82
CA ARG A 138 -4.28 51.13 44.66
C ARG A 138 -3.64 51.58 43.36
N PHE A 139 -3.19 52.82 43.28
CA PHE A 139 -2.40 53.33 42.16
C PHE A 139 -3.12 53.10 40.81
N ALA A 140 -4.22 53.82 40.63
CA ALA A 140 -4.95 53.76 39.37
C ALA A 140 -4.56 54.95 38.51
N LEU A 141 -3.47 54.81 37.75
CA LEU A 141 -2.99 55.87 36.88
C LEU A 141 -3.72 55.82 35.55
N GLN A 142 -3.89 56.99 34.94
CA GLN A 142 -4.50 57.07 33.60
C GLN A 142 -4.09 58.38 32.98
N GLN A 143 -3.25 58.34 31.94
CA GLN A 143 -2.67 59.55 31.38
C GLN A 143 -3.14 59.85 29.97
N ASP A 144 -2.88 58.98 29.01
CA ASP A 144 -3.28 59.22 27.62
C ASP A 144 -3.79 57.93 26.99
N GLY A 145 -4.60 57.18 27.73
CA GLY A 145 -5.15 55.95 27.22
C GLY A 145 -4.45 54.68 27.66
N THR A 146 -3.67 54.72 28.73
CA THR A 146 -2.99 53.52 29.26
C THR A 146 -3.30 53.43 30.76
N LEU A 147 -4.45 52.84 31.09
CA LEU A 147 -4.86 52.68 32.48
C LEU A 147 -3.99 51.62 33.14
N ILE A 148 -3.16 52.04 34.09
CA ILE A 148 -2.26 51.16 34.82
C ILE A 148 -2.72 51.10 36.27
N ARG A 149 -2.81 49.89 36.81
CA ARG A 149 -3.30 49.65 38.16
C ARG A 149 -2.27 48.81 38.91
N GLY A 150 -1.38 49.45 39.65
CA GLY A 150 -0.31 48.73 40.32
C GLY A 150 -0.33 48.85 41.83
N GLU A 151 0.80 48.56 42.47
CA GLU A 151 0.89 48.55 43.92
C GLU A 151 1.71 49.71 44.47
N THR A 152 2.95 49.90 44.04
CA THR A 152 3.75 50.92 44.68
C THR A 152 4.28 51.98 43.73
N LEU A 153 4.75 51.60 42.54
CA LEU A 153 5.24 52.54 41.53
C LEU A 153 6.21 53.58 42.13
N THR A 154 7.37 53.08 42.56
CA THR A 154 8.37 53.97 43.16
C THR A 154 9.10 54.69 42.03
N TYR A 155 8.55 55.82 41.59
CA TYR A 155 9.21 56.61 40.56
C TYR A 155 10.49 57.23 41.07
N ASN A 156 11.32 57.67 40.12
CA ASN A 156 12.54 58.42 40.39
C ASN A 156 12.48 59.84 39.88
N LEU A 157 11.78 60.07 38.76
CA LEU A 157 11.39 61.38 38.23
C LEU A 157 12.57 62.29 37.93
N ASP A 158 13.80 61.80 38.11
CA ASP A 158 14.96 62.54 37.62
C ASP A 158 15.37 62.09 36.22
N GLN A 159 15.24 60.80 35.94
CA GLN A 159 15.26 60.28 34.57
C GLN A 159 14.07 59.36 34.34
N GLN A 160 13.05 59.43 35.20
CA GLN A 160 11.83 58.63 35.11
C GLN A 160 12.15 57.14 35.15
N THR A 161 12.68 56.71 36.29
CA THR A 161 12.93 55.29 36.57
C THR A 161 11.84 54.81 37.51
N GLY A 162 10.93 53.99 37.01
CA GLY A 162 9.83 53.50 37.79
C GLY A 162 9.91 52.02 38.10
N GLU A 163 9.15 51.59 39.10
CA GLU A 163 9.13 50.19 39.51
C GLU A 163 7.81 49.94 40.22
N ALA A 164 6.90 49.22 39.57
CA ALA A 164 5.57 48.97 40.10
C ALA A 164 5.40 47.47 40.36
N HIS A 165 4.17 47.09 40.71
CA HIS A 165 3.82 45.69 40.95
C HIS A 165 2.44 45.42 40.39
N ASN A 166 2.22 44.17 39.97
CA ASN A 166 0.92 43.68 39.50
C ASN A 166 0.30 44.59 38.43
N VAL A 167 1.15 45.27 37.67
CA VAL A 167 0.68 46.20 36.65
C VAL A 167 -0.31 45.51 35.72
N ARG A 168 -1.41 46.19 35.43
CA ARG A 168 -2.35 45.77 34.38
C ARG A 168 -2.36 46.87 33.33
N MET A 169 -1.39 46.80 32.41
CA MET A 169 -1.17 47.84 31.42
C MET A 169 -2.06 47.61 30.22
N GLU A 170 -2.76 48.66 29.77
CA GLU A 170 -3.60 48.56 28.58
C GLU A 170 -3.36 49.80 27.73
N THR A 171 -2.35 49.73 26.86
CA THR A 171 -2.02 50.88 26.02
C THR A 171 -2.95 50.94 24.83
N GLU A 172 -3.36 52.15 24.47
CA GLU A 172 -4.21 52.37 23.31
C GLU A 172 -3.48 53.25 22.29
N GLN A 173 -3.99 53.22 21.06
CA GLN A 173 -3.43 54.00 19.96
C GLN A 173 -4.45 54.01 18.85
N GLY A 174 -4.23 54.89 17.87
CA GLY A 174 -5.13 54.98 16.73
C GLY A 174 -5.22 53.70 15.93
N GLY A 175 -6.33 52.98 16.06
CA GLY A 175 -6.60 51.78 15.31
C GLY A 175 -6.25 50.48 16.02
N ARG A 176 -5.31 50.50 16.97
CA ARG A 176 -4.84 49.24 17.62
C ARG A 176 -4.59 49.37 19.13
N ARG A 177 -4.37 48.25 19.82
CA ARG A 177 -4.20 48.27 21.31
C ARG A 177 -3.45 47.04 21.81
N LEU A 178 -3.06 47.04 23.08
CA LEU A 178 -2.41 45.85 23.71
C LEU A 178 -2.95 45.72 25.13
N GLN A 179 -2.98 44.52 25.69
CA GLN A 179 -3.41 44.33 27.10
C GLN A 179 -2.30 43.54 27.79
N SER A 180 -1.86 43.90 29.01
CA SER A 180 -0.85 43.08 29.70
C SER A 180 -1.16 42.94 31.19
N VAL A 181 -1.04 41.73 31.76
CA VAL A 181 -1.17 41.50 33.19
C VAL A 181 0.17 40.98 33.67
N SER A 182 1.04 41.88 34.10
CA SER A 182 2.38 41.51 34.54
C SER A 182 2.40 41.30 36.04
N ARG A 183 3.52 40.78 36.54
CA ARG A 183 3.71 40.57 37.96
C ARG A 183 4.56 41.67 38.59
N THR A 184 5.53 42.19 37.86
CA THR A 184 6.35 43.28 38.36
C THR A 184 6.95 44.00 37.15
N ALA A 185 6.44 45.19 36.87
CA ALA A 185 6.98 45.99 35.78
C ALA A 185 8.18 46.79 36.28
N GLU A 186 9.10 47.07 35.37
CA GLU A 186 10.25 47.89 35.65
C GLU A 186 10.25 49.11 34.72
N MET A 187 11.36 49.83 34.74
CA MET A 187 11.58 50.95 33.82
C MET A 187 13.06 51.28 33.86
N LEU A 188 13.66 51.44 32.68
CA LEU A 188 15.09 51.74 32.55
C LEU A 188 15.24 53.00 31.71
N GLY A 189 15.55 54.11 32.37
CA GLY A 189 15.77 55.35 31.63
C GLY A 189 14.52 55.78 30.89
N GLU A 190 14.64 55.87 29.58
CA GLU A 190 13.54 56.30 28.72
C GLU A 190 13.26 55.24 27.67
N GLY A 191 11.99 54.92 27.46
CA GLY A 191 11.60 54.02 26.41
C GLY A 191 12.16 52.61 26.52
N ARG A 192 12.61 52.22 27.70
CA ARG A 192 13.15 50.87 27.92
C ARG A 192 12.45 50.27 29.12
N TYR A 193 11.78 49.14 28.92
CA TYR A 193 11.13 48.42 30.01
C TYR A 193 11.81 47.08 30.23
N LYS A 194 11.52 46.48 31.38
CA LYS A 194 11.84 45.09 31.67
C LYS A 194 10.60 44.53 32.37
N LEU A 195 9.66 44.05 31.59
CA LEU A 195 8.31 43.78 32.08
C LEU A 195 8.22 42.28 32.37
N THR A 196 8.41 41.91 33.64
CA THR A 196 8.61 40.53 34.02
C THR A 196 7.30 39.80 34.22
N GLU A 197 7.30 38.50 33.88
CA GLU A 197 6.24 37.56 34.23
C GLU A 197 4.87 38.04 33.72
N THR A 198 4.76 38.14 32.41
CA THR A 198 3.60 38.78 31.80
C THR A 198 2.58 37.76 31.33
N GLN A 199 1.43 38.28 30.90
CA GLN A 199 0.40 37.50 30.23
C GLN A 199 -0.34 38.49 29.31
N PHE A 200 0.21 38.66 28.10
CA PHE A 200 -0.28 39.72 27.20
C PHE A 200 -0.94 39.23 25.91
N ASN A 201 -1.77 40.08 25.30
CA ASN A 201 -2.45 39.77 24.01
C ASN A 201 -2.85 41.10 23.37
N THR A 202 -3.24 41.12 22.10
CA THR A 202 -3.75 42.37 21.47
C THR A 202 -5.27 42.39 21.64
N CYS A 203 -5.82 41.38 22.32
CA CYS A 203 -7.28 41.26 22.54
C CYS A 203 -7.71 42.07 23.77
N SER A 204 -9.02 42.28 23.99
CA SER A 204 -9.53 42.98 25.21
C SER A 204 -9.67 42.01 26.40
N ALA A 205 -10.28 42.44 27.50
CA ALA A 205 -10.36 41.63 28.74
C ALA A 205 -11.36 40.45 28.69
N GLY A 206 -11.29 39.51 29.66
CA GLY A 206 -12.20 38.35 29.74
C GLY A 206 -11.50 37.02 29.54
N ASP A 207 -12.23 35.90 29.32
CA ASP A 207 -11.61 34.64 28.94
C ASP A 207 -10.90 34.86 27.61
N ALA A 208 -9.73 35.47 27.69
CA ALA A 208 -8.97 35.81 26.49
C ALA A 208 -8.67 34.56 25.69
N GLY A 209 -9.10 34.56 24.43
CA GLY A 209 -8.92 33.39 23.59
C GLY A 209 -7.47 32.98 23.42
N TRP A 210 -6.56 33.94 23.50
CA TRP A 210 -5.16 33.62 23.30
C TRP A 210 -4.29 34.68 23.96
N TYR A 211 -3.12 34.26 24.42
CA TYR A 211 -2.17 35.15 25.06
C TYR A 211 -0.83 34.45 25.13
N VAL A 212 0.23 35.24 25.15
CA VAL A 212 1.58 34.68 25.16
C VAL A 212 2.19 34.91 26.53
N LYS A 213 1.98 33.96 27.44
CA LYS A 213 2.59 34.06 28.75
C LYS A 213 4.10 33.85 28.66
N ALA A 214 4.83 34.55 29.51
CA ALA A 214 6.29 34.56 29.38
C ALA A 214 6.90 35.10 30.65
N ALA A 215 8.22 35.03 30.70
CA ALA A 215 9.03 35.74 31.70
C ALA A 215 9.41 37.10 31.13
N SER A 216 10.42 37.74 31.73
CA SER A 216 10.85 39.10 31.41
C SER A 216 10.81 39.39 29.90
N VAL A 217 10.18 40.50 29.56
CA VAL A 217 10.07 40.96 28.18
C VAL A 217 10.72 42.35 28.14
N GLU A 218 11.93 42.43 27.62
CA GLU A 218 12.69 43.69 27.65
C GLU A 218 12.41 44.47 26.37
N ALA A 219 11.24 45.10 26.34
CA ALA A 219 10.84 45.91 25.21
C ALA A 219 11.63 47.22 25.19
N ASP A 220 12.27 47.51 24.07
CA ASP A 220 13.10 48.69 23.92
C ASP A 220 12.62 49.58 22.78
N ARG A 221 12.85 50.88 22.92
CA ARG A 221 12.47 51.87 21.90
C ARG A 221 13.62 52.23 20.96
N GLY A 222 14.86 52.25 21.45
CA GLY A 222 15.98 52.49 20.57
C GLY A 222 16.18 51.37 19.56
N LYS A 223 15.85 50.14 19.96
CA LYS A 223 15.86 49.00 19.06
C LYS A 223 14.54 48.28 19.22
N GLY A 224 13.83 48.08 18.11
CA GLY A 224 12.53 47.46 18.18
C GLY A 224 12.59 45.95 18.32
N ILE A 225 13.39 45.46 19.25
CA ILE A 225 13.61 44.03 19.43
C ILE A 225 13.19 43.70 20.87
N GLY A 226 11.96 43.24 21.04
CA GLY A 226 11.49 42.86 22.36
C GLY A 226 11.68 41.39 22.65
N VAL A 227 12.77 41.05 23.35
CA VAL A 227 13.04 39.67 23.71
C VAL A 227 12.00 39.19 24.73
N ALA A 228 11.65 37.91 24.64
CA ALA A 228 10.64 37.31 25.53
C ALA A 228 11.13 35.94 25.98
N LYS A 229 11.77 35.90 27.15
CA LYS A 229 12.34 34.65 27.65
C LYS A 229 11.25 33.68 28.08
N HIS A 230 11.34 32.45 27.60
CA HIS A 230 10.49 31.34 28.05
C HIS A 230 9.01 31.60 27.74
N ALA A 231 8.73 31.93 26.49
CA ALA A 231 7.38 32.30 26.08
C ALA A 231 6.63 31.08 25.55
N ALA A 232 5.41 30.88 26.03
CA ALA A 232 4.58 29.75 25.65
C ALA A 232 3.25 30.26 25.11
N PHE A 233 3.09 30.20 23.78
CA PHE A 233 1.89 30.70 23.13
C PHE A 233 0.69 29.86 23.54
N VAL A 234 -0.15 30.40 24.38
CA VAL A 234 -1.36 29.69 24.83
C VAL A 234 -2.47 29.98 23.83
N PHE A 235 -3.42 29.05 23.72
CA PHE A 235 -4.60 29.22 22.89
C PHE A 235 -5.70 28.35 23.47
N GLY A 236 -6.80 28.96 23.87
CA GLY A 236 -7.88 28.19 24.46
C GLY A 236 -7.66 28.02 25.95
N GLY A 237 -7.13 26.87 26.35
CA GLY A 237 -6.77 26.64 27.73
C GLY A 237 -5.52 25.79 27.88
N VAL A 238 -4.78 25.62 26.80
CA VAL A 238 -3.62 24.72 26.79
C VAL A 238 -2.52 25.33 25.94
N PRO A 239 -1.26 25.29 26.39
CA PRO A 239 -0.18 25.86 25.59
C PRO A 239 -0.01 25.10 24.29
N LEU A 240 0.12 25.86 23.19
CA LEU A 240 0.28 25.29 21.86
C LEU A 240 1.68 25.47 21.31
N PHE A 241 2.61 25.97 22.11
CA PHE A 241 3.96 26.26 21.61
C PHE A 241 4.87 26.48 22.81
N TYR A 242 6.16 26.67 22.52
CA TYR A 242 7.15 26.89 23.56
C TYR A 242 8.48 27.27 22.94
N THR A 243 9.17 28.20 23.58
CA THR A 243 10.49 28.65 23.15
C THR A 243 11.28 29.12 24.35
N PRO A 244 12.61 29.09 24.28
CA PRO A 244 13.43 29.67 25.34
C PRO A 244 13.88 31.10 25.06
N TRP A 245 13.57 31.65 23.89
CA TRP A 245 14.00 32.98 23.48
C TRP A 245 13.26 33.38 22.22
N ALA A 246 12.69 34.57 22.20
CA ALA A 246 11.94 35.03 21.04
C ALA A 246 12.07 36.53 20.89
N ASP A 247 11.93 37.00 19.65
CA ASP A 247 12.01 38.42 19.35
C ASP A 247 10.74 38.87 18.64
N PHE A 248 10.54 40.17 18.62
CA PHE A 248 9.39 40.76 17.94
C PHE A 248 9.84 42.03 17.25
N PRO A 249 9.27 42.36 16.11
CA PRO A 249 9.48 43.69 15.55
C PRO A 249 8.60 44.72 16.23
N LEU A 250 9.16 45.53 17.12
CA LEU A 250 8.35 46.43 17.92
C LEU A 250 7.83 47.62 17.13
N ASP A 251 8.14 47.73 15.85
CA ASP A 251 7.69 48.86 15.05
C ASP A 251 7.50 48.40 13.61
N GLY A 252 7.40 49.35 12.69
CA GLY A 252 7.17 49.04 11.29
C GLY A 252 8.42 48.79 10.47
N ASN A 253 9.53 48.46 11.12
CA ASN A 253 10.76 48.24 10.37
C ASN A 253 10.68 46.93 9.59
N ARG A 254 11.69 46.72 8.74
CA ARG A 254 11.84 45.48 7.98
C ARG A 254 12.63 44.51 8.86
N LYS A 255 11.88 43.66 9.57
CA LYS A 255 12.49 42.70 10.53
C LYS A 255 13.31 41.61 9.85
N SER A 256 14.62 41.78 9.80
CA SER A 256 15.51 40.73 9.26
C SER A 256 15.57 39.58 10.25
N GLY A 257 15.70 38.35 9.77
CA GLY A 257 15.91 37.24 10.70
C GLY A 257 14.62 36.77 11.32
N LEU A 258 13.50 37.40 10.98
CA LEU A 258 12.26 36.84 11.55
C LEU A 258 11.83 35.67 10.68
N LEU A 259 11.48 34.56 11.32
CA LEU A 259 10.94 33.45 10.51
C LEU A 259 9.51 33.91 10.20
N VAL A 260 9.25 34.31 8.96
CA VAL A 260 7.87 34.70 8.56
C VAL A 260 7.03 33.45 8.77
N PRO A 261 5.78 33.52 9.28
CA PRO A 261 5.00 32.35 9.70
C PRO A 261 5.23 30.91 9.18
N SER A 262 4.23 30.33 8.53
CA SER A 262 4.35 28.95 8.03
C SER A 262 3.26 28.72 6.99
N VAL A 263 3.40 27.70 6.15
CA VAL A 263 2.29 27.35 5.21
C VAL A 263 2.02 25.85 5.40
N SER A 264 0.85 25.47 5.89
CA SER A 264 0.61 24.03 6.16
C SER A 264 -0.73 23.60 5.59
N ALA A 265 -0.75 22.65 4.64
CA ALA A 265 -1.99 22.19 3.98
C ALA A 265 -1.70 21.27 2.82
N GLY A 266 -2.34 20.10 2.75
CA GLY A 266 -2.21 19.24 1.58
C GLY A 266 -3.04 18.00 1.66
N SER A 267 -3.01 17.23 0.57
CA SER A 267 -3.75 15.98 0.46
C SER A 267 -2.83 14.77 0.35
N ASP A 268 -1.91 14.77 -0.63
CA ASP A 268 -0.97 13.66 -0.78
C ASP A 268 -0.05 13.52 0.42
N GLY A 269 0.08 14.55 1.24
CA GLY A 269 0.85 14.48 2.46
C GLY A 269 0.32 15.49 3.42
N VAL A 270 1.17 15.98 4.31
CA VAL A 270 0.77 17.12 5.21
C VAL A 270 1.84 18.15 4.92
N SER A 271 2.07 18.43 3.65
CA SER A 271 3.14 19.30 3.18
C SER A 271 3.19 20.63 3.92
N LEU A 272 4.29 20.86 4.64
CA LEU A 272 4.47 22.05 5.44
C LEU A 272 5.76 22.75 5.03
N SER A 273 5.78 24.07 5.18
CA SER A 273 6.96 24.85 4.83
C SER A 273 7.09 26.00 5.82
N VAL A 274 8.32 26.31 6.20
CA VAL A 274 8.59 27.39 7.15
C VAL A 274 9.62 28.33 6.54
N PRO A 275 9.24 29.53 6.12
CA PRO A 275 10.21 30.48 5.57
C PRO A 275 11.05 31.11 6.66
N TYR A 276 12.29 31.44 6.29
CA TYR A 276 13.20 32.18 7.18
C TYR A 276 13.74 33.36 6.39
N TYR A 277 12.99 34.46 6.38
CA TYR A 277 13.49 35.71 5.82
C TYR A 277 14.70 36.17 6.62
N PHE A 278 15.69 36.67 5.89
CA PHE A 278 16.87 37.25 6.56
C PHE A 278 17.47 38.39 5.74
N ASN A 279 17.10 39.64 6.06
CA ASN A 279 17.54 40.84 5.27
C ASN A 279 19.05 41.00 5.26
N LEU A 280 19.61 41.35 4.09
CA LEU A 280 21.09 41.50 3.95
C LEU A 280 21.51 42.97 3.84
N ALA A 281 20.63 43.84 3.35
CA ALA A 281 20.97 45.28 3.17
C ALA A 281 19.69 46.07 2.93
N PRO A 282 19.65 47.41 2.92
CA PRO A 282 18.39 48.09 2.61
C PRO A 282 17.83 47.74 1.22
N ASN A 283 18.68 47.67 0.20
CA ASN A 283 18.25 47.29 -1.17
C ASN A 283 17.89 45.80 -1.35
N PHE A 284 18.68 44.85 -0.84
CA PHE A 284 18.44 43.42 -1.18
C PHE A 284 18.15 42.50 0.01
N ASP A 285 17.37 41.43 -0.19
CA ASP A 285 16.95 40.56 0.93
C ASP A 285 16.58 39.13 0.50
N ALA A 286 17.50 38.18 0.51
CA ALA A 286 17.10 36.78 0.18
C ALA A 286 16.23 36.18 1.28
N THR A 287 15.32 35.28 0.91
CA THR A 287 14.48 34.59 1.92
C THR A 287 14.51 33.09 1.66
N PHE A 288 15.39 32.36 2.34
CA PHE A 288 15.44 30.88 2.20
C PHE A 288 14.22 30.28 2.89
N ALA A 289 13.54 29.33 2.26
CA ALA A 289 12.41 28.67 2.96
C ALA A 289 12.55 27.15 2.88
N PRO A 290 13.09 26.46 3.89
CA PRO A 290 13.13 25.01 3.88
C PRO A 290 11.74 24.41 4.02
N GLY A 291 11.49 23.21 3.47
CA GLY A 291 10.11 22.66 3.50
C GLY A 291 10.06 21.15 3.36
N ILE A 292 8.92 20.53 3.70
CA ILE A 292 8.74 19.06 3.49
C ILE A 292 7.42 18.86 2.74
N ILE A 293 7.25 17.74 2.04
CA ILE A 293 6.00 17.47 1.27
C ILE A 293 5.30 16.24 1.84
N GLY A 294 5.98 15.47 2.68
CA GLY A 294 5.32 14.33 3.29
C GLY A 294 5.16 13.13 2.38
N GLU A 295 5.22 13.34 1.07
CA GLU A 295 5.14 12.25 0.11
C GLU A 295 6.21 12.30 -0.96
N ARG A 296 6.80 13.46 -1.25
CA ARG A 296 7.87 13.58 -2.23
C ARG A 296 9.25 13.56 -1.59
N GLY A 297 9.50 14.48 -0.67
CA GLY A 297 10.81 14.60 -0.05
C GLY A 297 10.97 15.89 0.71
N ALA A 298 12.08 16.59 0.48
CA ALA A 298 12.35 17.87 1.13
C ALA A 298 12.67 18.90 0.06
N THR A 299 12.04 20.07 0.15
CA THR A 299 12.25 21.15 -0.79
C THR A 299 13.01 22.28 -0.14
N PHE A 300 13.56 23.16 -0.98
CA PHE A 300 14.35 24.30 -0.52
C PHE A 300 13.99 25.55 -1.32
N ASP A 301 12.70 25.78 -1.53
CA ASP A 301 12.25 26.91 -2.34
C ASP A 301 12.58 28.22 -1.66
N GLY A 302 13.58 28.93 -2.17
CA GLY A 302 13.94 30.24 -1.67
C GLY A 302 13.93 31.27 -2.78
N GLN A 303 14.38 32.48 -2.48
CA GLN A 303 14.34 33.53 -3.52
C GLN A 303 15.24 34.69 -3.11
N ILE A 304 15.62 35.50 -4.07
CA ILE A 304 16.39 36.74 -3.78
C ILE A 304 15.57 37.89 -4.37
N ARG A 305 15.85 39.12 -3.96
CA ARG A 305 15.12 40.27 -4.50
C ARG A 305 15.98 41.52 -4.29
N TYR A 306 16.64 41.96 -5.35
CA TYR A 306 17.59 43.07 -5.26
C TYR A 306 16.97 44.36 -5.78
N LEU A 307 17.77 45.42 -5.78
CA LEU A 307 17.34 46.74 -6.22
C LEU A 307 18.56 47.64 -6.30
N ARG A 308 18.58 48.51 -7.31
CA ARG A 308 19.64 49.48 -7.50
C ARG A 308 19.03 50.74 -8.06
N PRO A 309 19.76 51.87 -8.30
CA PRO A 309 19.16 53.01 -9.01
C PRO A 309 18.44 52.56 -10.28
N ASP A 310 19.11 51.78 -11.14
CA ASP A 310 18.50 51.38 -12.44
C ASP A 310 18.01 49.93 -12.46
N TYR A 311 18.82 48.96 -12.03
CA TYR A 311 18.39 47.54 -12.19
C TYR A 311 17.60 47.02 -10.99
N SER A 312 16.38 46.55 -11.24
CA SER A 312 15.54 46.01 -10.15
C SER A 312 15.01 44.65 -10.56
N GLY A 313 15.15 43.63 -9.71
CA GLY A 313 14.72 42.28 -10.10
C GLY A 313 14.50 41.31 -8.96
N GLN A 314 13.91 40.16 -9.24
CA GLN A 314 13.68 39.10 -8.22
C GLN A 314 14.20 37.82 -8.86
N THR A 315 14.49 36.77 -8.09
CA THR A 315 15.08 35.54 -8.66
C THR A 315 14.54 34.31 -7.94
N ASP A 316 13.23 34.05 -8.02
CA ASP A 316 12.66 32.92 -7.30
C ASP A 316 13.20 31.62 -7.87
N LEU A 317 13.22 30.59 -7.04
CA LEU A 317 13.66 29.27 -7.49
C LEU A 317 13.22 28.22 -6.47
N THR A 318 13.42 26.96 -6.83
CA THR A 318 13.03 25.81 -6.02
C THR A 318 13.92 24.64 -6.42
N TRP A 319 14.11 23.71 -5.49
CA TRP A 319 14.91 22.53 -5.76
C TRP A 319 14.63 21.49 -4.69
N LEU A 320 14.65 20.22 -5.09
CA LEU A 320 14.45 19.16 -4.13
C LEU A 320 15.23 17.92 -4.52
N PRO A 321 15.93 17.29 -3.59
CA PRO A 321 16.67 16.06 -3.90
C PRO A 321 15.74 14.89 -4.12
N HIS A 322 16.31 13.68 -4.17
CA HIS A 322 15.63 12.46 -4.59
C HIS A 322 14.18 12.40 -4.13
N ASP A 323 13.28 12.23 -5.08
CA ASP A 323 11.85 12.16 -4.84
C ASP A 323 11.46 10.74 -4.44
N LYS A 324 10.36 10.63 -3.71
CA LYS A 324 9.91 9.35 -3.18
C LYS A 324 8.75 8.73 -3.95
N LYS A 325 7.92 9.55 -4.60
CA LYS A 325 6.74 9.06 -5.30
C LYS A 325 6.91 9.00 -6.80
N SER A 326 7.60 9.98 -7.40
CA SER A 326 7.76 9.98 -8.85
C SER A 326 8.96 9.13 -9.27
N GLY A 327 10.14 9.46 -8.79
CA GLY A 327 11.36 8.76 -9.16
C GLY A 327 12.49 9.65 -9.62
N ARG A 328 12.24 10.93 -9.87
CA ARG A 328 13.31 11.84 -10.24
C ARG A 328 14.23 12.09 -9.05
N ASN A 329 15.33 12.77 -9.31
CA ASN A 329 16.27 13.04 -8.24
C ASN A 329 16.63 14.51 -8.11
N ASN A 330 16.70 15.25 -9.23
CA ASN A 330 17.05 16.67 -9.21
C ASN A 330 16.01 17.44 -10.03
N ARG A 331 14.90 17.80 -9.39
CA ARG A 331 13.91 18.67 -9.98
C ARG A 331 14.13 20.08 -9.47
N TYR A 332 13.60 21.06 -10.19
CA TYR A 332 13.87 22.45 -9.83
C TYR A 332 12.90 23.36 -10.57
N GLN A 333 13.14 24.66 -10.47
CA GLN A 333 12.42 25.73 -11.15
C GLN A 333 13.20 27.01 -10.93
N ALA A 334 13.11 27.93 -11.89
CA ALA A 334 13.84 29.18 -11.81
C ALA A 334 13.00 30.30 -12.39
N LYS A 335 13.17 31.50 -11.84
CA LYS A 335 12.49 32.69 -12.33
C LYS A 335 13.44 33.87 -12.25
N TRP A 336 13.13 34.93 -12.98
CA TRP A 336 14.02 36.08 -13.06
C TRP A 336 13.27 37.22 -13.74
N GLN A 337 13.45 38.44 -13.23
CA GLN A 337 12.82 39.60 -13.85
C GLN A 337 13.83 40.61 -14.39
N HIS A 338 14.70 41.14 -13.54
CA HIS A 338 15.80 42.02 -13.93
C HIS A 338 15.39 43.08 -14.95
N ARG A 339 14.50 43.98 -14.53
CA ARG A 339 14.07 45.09 -15.37
C ARG A 339 15.14 46.17 -15.33
N HIS A 340 15.97 46.23 -16.37
CA HIS A 340 17.09 47.15 -16.43
C HIS A 340 16.75 48.40 -17.23
N ASP A 341 17.52 49.47 -16.99
CA ASP A 341 17.43 50.70 -17.75
C ASP A 341 18.84 51.07 -18.22
N ILE A 342 18.96 51.55 -19.45
CA ILE A 342 20.27 51.96 -19.93
C ILE A 342 20.41 53.48 -19.87
N SER A 343 19.66 54.20 -20.71
CA SER A 343 19.61 55.65 -20.59
C SER A 343 18.27 56.16 -21.13
N ASP A 344 17.27 56.23 -20.24
CA ASP A 344 16.07 57.04 -20.43
C ASP A 344 15.21 56.56 -21.60
N THR A 345 15.73 55.65 -22.42
CA THR A 345 14.98 55.15 -23.56
C THR A 345 15.01 53.64 -23.69
N LEU A 346 16.14 53.01 -23.36
CA LEU A 346 16.33 51.57 -23.60
C LEU A 346 16.15 50.82 -22.29
N GLN A 347 15.04 50.10 -22.17
CA GLN A 347 14.93 49.08 -21.14
C GLN A 347 15.52 47.78 -21.64
N ALA A 348 15.83 46.89 -20.71
CA ALA A 348 16.30 45.55 -21.07
C ALA A 348 15.84 44.60 -19.96
N GLY A 349 14.69 43.97 -20.19
CA GLY A 349 14.09 43.07 -19.22
C GLY A 349 14.33 41.62 -19.61
N VAL A 350 14.55 40.78 -18.60
CA VAL A 350 14.79 39.35 -18.79
C VAL A 350 13.70 38.60 -18.03
N ASP A 351 12.68 38.15 -18.75
CA ASP A 351 11.61 37.36 -18.17
C ASP A 351 11.94 35.89 -18.42
N PHE A 352 12.05 35.12 -17.33
CA PHE A 352 12.57 33.76 -17.40
C PHE A 352 11.68 32.84 -16.58
N ASN A 353 11.62 31.58 -17.02
CA ASN A 353 10.94 30.52 -16.29
C ASN A 353 11.31 29.17 -16.90
N GLN A 354 11.71 28.21 -16.07
CA GLN A 354 12.16 26.92 -16.57
C GLN A 354 12.00 25.88 -15.48
N VAL A 355 11.35 24.77 -15.81
CA VAL A 355 11.20 23.65 -14.90
C VAL A 355 12.08 22.50 -15.39
N SER A 356 12.26 21.50 -14.52
CA SER A 356 13.13 20.38 -14.87
C SER A 356 12.51 19.52 -15.96
N ASP A 357 11.34 18.95 -15.69
CA ASP A 357 10.71 17.99 -16.56
C ASP A 357 9.36 18.52 -17.04
N SER A 358 8.61 17.68 -17.75
CA SER A 358 7.29 18.02 -18.24
C SER A 358 6.19 17.73 -17.23
N GLY A 359 6.52 17.66 -15.94
CA GLY A 359 5.54 17.33 -14.95
C GLY A 359 5.69 18.08 -13.64
N TYR A 360 6.43 19.18 -13.64
CA TYR A 360 6.57 19.97 -12.42
C TYR A 360 5.21 20.52 -12.00
N TYR A 361 4.57 21.27 -12.89
CA TYR A 361 3.17 21.59 -12.68
C TYR A 361 2.36 20.31 -12.69
N ARG A 362 1.11 20.43 -12.23
CA ARG A 362 0.17 19.31 -12.25
C ARG A 362 0.58 18.23 -11.25
N ASP A 363 1.76 18.39 -10.63
CA ASP A 363 2.22 17.49 -9.58
C ASP A 363 2.13 18.13 -8.21
N PHE A 364 2.82 19.26 -8.01
CA PHE A 364 2.72 20.02 -6.76
C PHE A 364 2.57 21.50 -7.07
N TYR A 365 1.65 21.83 -7.97
CA TYR A 365 1.26 23.21 -8.23
C TYR A 365 -0.26 23.31 -8.15
N GLY A 366 -0.76 24.55 -8.13
CA GLY A 366 -2.16 24.81 -7.89
C GLY A 366 -3.07 24.40 -9.02
N GLY A 367 -4.24 25.03 -9.06
CA GLY A 367 -5.24 24.78 -10.06
C GLY A 367 -5.21 25.68 -11.27
N GLU A 368 -4.27 26.64 -11.32
CA GLU A 368 -4.10 27.52 -12.46
C GLU A 368 -2.95 27.09 -13.36
N GLU A 369 -2.38 25.91 -13.14
CA GLU A 369 -1.43 25.34 -14.09
C GLU A 369 -2.05 25.11 -15.46
N ILE A 370 -3.37 25.20 -15.57
CA ILE A 370 -4.05 24.94 -16.84
C ILE A 370 -3.62 25.95 -17.89
N ALA A 371 -3.65 27.22 -17.55
CA ALA A 371 -3.38 28.30 -18.49
C ALA A 371 -2.04 28.94 -18.20
N GLY A 372 -1.39 29.42 -19.25
CA GLY A 372 -0.11 30.09 -19.12
C GLY A 372 0.97 29.23 -18.48
N ASN A 373 0.70 27.93 -18.37
CA ASN A 373 1.64 27.00 -17.78
C ASN A 373 1.73 25.69 -18.55
N VAL A 374 1.14 25.62 -19.74
CA VAL A 374 1.45 24.51 -20.63
C VAL A 374 2.75 24.78 -21.36
N ASN A 375 3.02 26.04 -21.71
CA ASN A 375 4.30 26.41 -22.30
C ASN A 375 4.82 27.66 -21.61
N LEU A 376 5.97 27.53 -20.95
CA LEU A 376 6.50 28.61 -20.14
C LEU A 376 7.31 29.58 -21.00
N ASN A 377 7.60 30.74 -20.43
CA ASN A 377 8.21 31.82 -21.19
C ASN A 377 9.69 31.99 -20.84
N ARG A 378 10.46 32.44 -21.83
CA ARG A 378 11.85 32.84 -21.65
C ARG A 378 12.18 33.99 -22.62
N ARG A 379 12.33 35.21 -22.11
CA ARG A 379 12.47 36.35 -23.01
C ARG A 379 13.68 37.21 -22.71
N VAL A 380 13.98 38.12 -23.64
CA VAL A 380 14.96 39.21 -23.52
C VAL A 380 14.49 40.27 -24.50
N TRP A 381 14.56 41.55 -24.14
CA TRP A 381 14.09 42.59 -25.04
C TRP A 381 14.84 43.90 -24.83
N LEU A 382 14.63 44.82 -25.77
CA LEU A 382 15.10 46.19 -25.66
C LEU A 382 13.93 47.10 -26.01
N ASP A 383 14.20 48.40 -26.13
CA ASP A 383 13.17 49.37 -26.45
C ASP A 383 13.82 50.61 -27.05
N TYR A 384 12.99 51.62 -27.31
CA TYR A 384 13.37 52.92 -27.83
C TYR A 384 12.10 53.75 -27.92
N GLY A 385 12.26 55.07 -28.03
CA GLY A 385 11.12 55.93 -28.23
C GLY A 385 11.44 57.40 -28.28
N GLY A 386 10.87 58.13 -29.24
CA GLY A 386 11.02 59.56 -29.26
C GLY A 386 11.18 60.09 -30.68
N ARG A 387 12.28 60.83 -30.86
CA ARG A 387 12.63 61.62 -32.04
C ARG A 387 11.80 62.90 -32.09
N ALA A 388 10.72 62.96 -31.30
CA ALA A 388 10.11 64.20 -30.83
C ALA A 388 9.78 65.22 -31.92
N ALA A 389 9.99 64.87 -33.20
CA ALA A 389 9.83 65.83 -34.32
C ALA A 389 9.19 65.13 -35.51
N GLY A 390 7.86 65.16 -35.59
CA GLY A 390 7.17 64.45 -36.67
C GLY A 390 7.53 62.99 -36.65
N GLY A 391 7.66 62.39 -35.46
CA GLY A 391 7.91 60.94 -35.42
C GLY A 391 7.57 60.32 -34.09
N SER A 392 7.26 59.03 -34.07
CA SER A 392 7.07 58.33 -32.77
C SER A 392 7.75 56.98 -32.90
N LEU A 393 9.08 56.94 -33.04
CA LEU A 393 9.77 55.65 -33.29
C LEU A 393 9.67 54.73 -32.08
N ASN A 394 9.81 53.43 -32.29
CA ASN A 394 9.85 52.41 -31.19
C ASN A 394 10.69 51.27 -31.75
N ALA A 395 11.14 50.31 -30.94
CA ALA A 395 11.89 49.15 -31.47
C ALA A 395 11.99 48.03 -30.44
N GLY A 396 13.03 47.19 -30.53
CA GLY A 396 13.25 46.17 -29.52
C GLY A 396 13.57 44.82 -30.10
N LEU A 397 14.71 44.25 -29.71
CA LEU A 397 15.25 43.04 -30.31
C LEU A 397 14.93 41.86 -29.40
N SER A 398 13.69 41.40 -29.46
CA SER A 398 13.27 40.30 -28.60
C SER A 398 13.93 39.00 -29.02
N VAL A 399 14.16 38.12 -28.04
CA VAL A 399 14.73 36.79 -28.25
C VAL A 399 13.96 35.84 -27.35
N GLN A 400 13.08 35.03 -27.93
CA GLN A 400 12.20 34.19 -27.15
C GLN A 400 12.33 32.73 -27.60
N LYS A 401 12.16 31.83 -26.63
CA LYS A 401 12.10 30.39 -26.92
C LYS A 401 11.31 29.75 -25.79
N TYR A 402 10.04 29.44 -26.06
CA TYR A 402 9.17 28.87 -25.05
C TYR A 402 9.69 27.50 -24.60
N GLN A 403 9.15 27.03 -23.48
CA GLN A 403 9.35 25.66 -23.03
C GLN A 403 7.97 25.05 -22.83
N THR A 404 7.65 24.06 -23.64
CA THR A 404 6.32 23.45 -23.65
C THR A 404 6.35 22.16 -22.84
N LEU A 405 5.35 21.98 -21.99
CA LEU A 405 5.24 20.77 -21.18
C LEU A 405 4.40 19.73 -21.91
N ALA A 406 4.57 18.47 -21.50
CA ALA A 406 3.71 17.38 -21.94
C ALA A 406 2.44 17.40 -21.09
N ASN A 407 1.44 16.59 -21.44
CA ASN A 407 0.20 16.59 -20.70
C ASN A 407 0.26 15.50 -19.64
N GLN A 408 0.25 14.22 -20.01
CA GLN A 408 0.61 13.16 -19.08
C GLN A 408 1.37 12.02 -19.72
N SER A 409 1.40 11.93 -21.05
CA SER A 409 2.04 10.82 -21.74
C SER A 409 3.05 11.25 -22.80
N GLY A 410 3.43 12.52 -22.85
CA GLY A 410 4.43 12.97 -23.78
C GLY A 410 3.90 13.35 -25.15
N TYR A 411 2.95 14.28 -25.19
CA TYR A 411 2.41 14.78 -26.45
C TYR A 411 2.39 16.30 -26.37
N LYS A 412 3.39 16.95 -26.96
CA LYS A 412 3.52 18.39 -26.94
C LYS A 412 3.58 18.94 -28.35
N ASP A 413 3.11 20.19 -28.50
CA ASP A 413 3.02 20.83 -29.82
C ASP A 413 4.31 21.56 -30.18
N GLU A 414 4.93 22.24 -29.21
CA GLU A 414 6.23 22.88 -29.40
C GLU A 414 6.20 23.92 -30.50
N PRO A 415 5.57 25.09 -30.27
CA PRO A 415 5.59 26.15 -31.28
C PRO A 415 6.98 26.65 -31.61
N TYR A 416 7.07 27.58 -32.55
CA TYR A 416 8.35 28.04 -33.07
C TYR A 416 9.11 28.84 -32.01
N ALA A 417 10.30 29.30 -32.40
CA ALA A 417 11.18 30.05 -31.50
C ALA A 417 11.73 31.25 -32.27
N ILE A 418 11.56 32.43 -31.71
CA ILE A 418 11.95 33.68 -32.36
C ILE A 418 13.35 34.05 -31.88
N MET A 419 14.36 33.87 -32.73
CA MET A 419 15.69 34.22 -32.26
C MET A 419 15.94 35.73 -32.31
N PRO A 420 15.94 36.41 -33.49
CA PRO A 420 15.86 37.87 -33.45
C PRO A 420 14.46 38.40 -33.71
N ARG A 421 14.19 39.67 -33.44
CA ARG A 421 12.95 40.31 -33.86
C ARG A 421 13.18 41.82 -33.86
N LEU A 422 13.38 42.41 -35.04
CA LEU A 422 13.74 43.82 -35.15
C LEU A 422 12.50 44.66 -35.46
N SER A 423 11.61 44.76 -34.49
CA SER A 423 10.41 45.57 -34.65
C SER A 423 10.76 47.05 -34.76
N ALA A 424 9.93 47.79 -35.49
CA ALA A 424 10.08 49.25 -35.57
C ALA A 424 8.72 49.83 -35.95
N ASP A 425 8.01 50.38 -34.98
CA ASP A 425 6.70 50.98 -35.23
C ASP A 425 6.83 52.49 -35.45
N TRP A 426 5.71 53.10 -35.82
CA TRP A 426 5.66 54.52 -36.16
C TRP A 426 4.28 55.06 -35.90
N HIS A 427 4.21 56.37 -35.69
CA HIS A 427 2.94 57.07 -35.57
C HIS A 427 3.16 58.57 -35.61
N LYS A 428 2.41 59.28 -36.45
CA LYS A 428 2.44 60.74 -36.44
C LYS A 428 1.14 61.27 -37.01
N ASN A 429 0.97 62.58 -36.94
CA ASN A 429 -0.25 63.24 -37.38
C ASN A 429 0.11 64.38 -38.31
N ALA A 430 -0.57 64.44 -39.46
CA ALA A 430 -0.39 65.50 -40.44
C ALA A 430 -1.45 66.59 -40.30
N GLY A 431 -1.89 66.86 -39.07
CA GLY A 431 -3.01 67.75 -38.84
C GLY A 431 -4.32 67.01 -38.75
N ARG A 432 -4.79 66.46 -39.87
CA ARG A 432 -5.98 65.64 -39.90
C ARG A 432 -5.68 64.18 -40.19
N ALA A 433 -4.87 63.90 -41.20
CA ALA A 433 -4.49 62.53 -41.51
C ALA A 433 -3.60 61.96 -40.41
N GLN A 434 -3.42 60.64 -40.45
CA GLN A 434 -2.67 59.93 -39.41
C GLN A 434 -1.83 58.84 -40.09
N ILE A 435 -0.55 59.13 -40.27
CA ILE A 435 0.36 58.17 -40.92
C ILE A 435 0.82 57.15 -39.89
N GLY A 436 0.63 55.88 -40.22
CA GLY A 436 1.18 54.81 -39.39
C GLY A 436 2.00 53.82 -40.18
N VAL A 437 3.31 53.79 -39.94
CA VAL A 437 4.21 52.89 -40.64
C VAL A 437 4.62 51.79 -39.67
N SER A 438 5.27 50.75 -40.21
CA SER A 438 5.76 49.65 -39.38
C SER A 438 6.93 49.01 -40.10
N ALA A 439 7.40 47.89 -39.55
CA ALA A 439 8.46 47.05 -40.09
C ALA A 439 8.57 45.85 -39.17
N GLN A 440 9.36 44.86 -39.57
CA GLN A 440 9.54 43.67 -38.76
C GLN A 440 10.63 42.81 -39.37
N PHE A 441 11.03 41.79 -38.61
CA PHE A 441 11.99 40.77 -39.04
C PHE A 441 11.98 39.68 -37.99
N THR A 442 12.07 38.42 -38.41
CA THR A 442 12.05 37.32 -37.47
C THR A 442 12.63 36.08 -38.14
N ARG A 443 13.52 35.39 -37.42
CA ARG A 443 13.99 34.08 -37.84
C ARG A 443 13.44 33.04 -36.87
N PHE A 444 12.62 32.13 -37.39
CA PHE A 444 12.00 31.06 -36.60
C PHE A 444 12.86 29.82 -36.72
N SER A 445 13.48 29.40 -35.63
CA SER A 445 14.32 28.21 -35.61
C SER A 445 13.54 27.06 -34.99
N HIS A 446 13.61 25.89 -35.63
CA HIS A 446 12.89 24.72 -35.15
C HIS A 446 13.56 23.48 -35.72
N ASP A 447 13.11 22.32 -35.25
CA ASP A 447 13.64 21.04 -35.71
C ASP A 447 12.59 20.18 -36.39
N GLY A 448 11.43 19.97 -35.74
CA GLY A 448 10.38 19.17 -36.34
C GLY A 448 9.77 19.78 -37.58
N ARG A 449 9.91 21.09 -37.75
CA ARG A 449 9.43 21.78 -38.95
C ARG A 449 10.56 22.66 -39.49
N GLN A 450 10.30 23.29 -40.63
CA GLN A 450 11.34 24.02 -41.32
C GLN A 450 11.59 25.37 -40.64
N ASP A 451 12.79 25.90 -40.87
CA ASP A 451 13.20 27.19 -40.36
C ASP A 451 12.90 28.26 -41.41
N GLY A 452 13.43 29.46 -41.22
CA GLY A 452 13.33 30.48 -42.24
C GLY A 452 13.01 31.88 -41.74
N SER A 453 13.83 32.85 -42.11
CA SER A 453 13.57 34.23 -41.73
C SER A 453 12.42 34.79 -42.55
N ARG A 454 12.05 36.03 -42.26
CA ARG A 454 11.04 36.73 -43.05
C ARG A 454 11.22 38.23 -42.84
N LEU A 455 10.24 39.01 -43.30
CA LEU A 455 10.30 40.46 -43.27
C LEU A 455 8.93 41.00 -43.63
N VAL A 456 8.53 42.11 -42.99
CA VAL A 456 7.20 42.67 -43.18
C VAL A 456 7.29 44.19 -43.14
N VAL A 457 6.68 44.85 -44.13
CA VAL A 457 6.60 46.30 -44.20
C VAL A 457 5.15 46.67 -44.45
N TYR A 458 4.56 47.47 -43.57
CA TYR A 458 3.13 47.78 -43.59
C TYR A 458 2.91 49.28 -43.47
N PRO A 459 3.20 50.04 -44.53
CA PRO A 459 3.06 51.52 -44.46
C PRO A 459 1.64 52.02 -44.66
N GLY A 460 0.86 52.03 -43.58
CA GLY A 460 -0.52 52.47 -43.66
C GLY A 460 -0.69 53.97 -43.45
N ILE A 461 -1.81 54.49 -43.96
CA ILE A 461 -2.19 55.88 -43.77
C ILE A 461 -3.71 55.93 -43.61
N LYS A 462 -4.18 56.39 -42.45
CA LYS A 462 -5.65 56.42 -42.14
C LYS A 462 -6.13 57.84 -41.89
N TRP A 463 -6.80 58.48 -42.84
CA TRP A 463 -7.38 59.82 -42.61
C TRP A 463 -8.61 59.65 -41.72
N ASP A 464 -9.07 60.72 -41.07
CA ASP A 464 -10.29 60.66 -40.22
C ASP A 464 -11.18 61.88 -40.47
N PHE A 465 -12.51 61.75 -40.40
CA PHE A 465 -13.46 62.83 -40.65
C PHE A 465 -14.65 62.61 -39.73
N SER A 466 -14.72 63.37 -38.65
CA SER A 466 -15.89 63.41 -37.77
C SER A 466 -16.33 64.86 -37.67
N ASN A 467 -17.43 65.21 -38.32
CA ASN A 467 -17.81 66.62 -38.38
C ASN A 467 -18.47 67.06 -37.07
N SER A 468 -19.67 66.56 -36.80
CA SER A 468 -20.27 66.68 -35.48
C SER A 468 -21.01 65.44 -35.01
N TRP A 469 -21.51 64.60 -35.91
CA TRP A 469 -22.42 63.51 -35.58
C TRP A 469 -21.82 62.15 -35.88
N GLY A 470 -21.39 61.92 -37.12
CA GLY A 470 -20.91 60.62 -37.54
C GLY A 470 -19.53 60.72 -38.14
N TYR A 471 -18.74 59.67 -37.94
CA TYR A 471 -17.36 59.63 -38.39
C TYR A 471 -17.21 58.77 -39.63
N VAL A 472 -16.20 59.09 -40.44
CA VAL A 472 -15.73 58.23 -41.51
C VAL A 472 -14.21 58.25 -41.47
N ARG A 473 -13.59 57.12 -41.81
CA ARG A 473 -12.11 57.02 -41.71
C ARG A 473 -11.58 56.06 -42.79
N PRO A 474 -11.22 56.45 -44.05
CA PRO A 474 -10.61 55.51 -44.98
C PRO A 474 -9.20 55.11 -44.57
N LYS A 475 -8.53 54.28 -45.38
CA LYS A 475 -7.19 53.82 -45.07
C LYS A 475 -6.61 53.17 -46.32
N LEU A 476 -5.29 53.33 -46.51
CA LEU A 476 -4.59 52.77 -47.67
C LEU A 476 -3.26 52.18 -47.20
N GLY A 477 -3.28 50.90 -46.83
CA GLY A 477 -2.06 50.20 -46.45
C GLY A 477 -1.44 49.45 -47.62
N LEU A 478 -0.33 48.76 -47.32
CA LEU A 478 0.33 47.92 -48.31
C LEU A 478 1.14 46.87 -47.58
N HIS A 479 0.60 45.66 -47.49
CA HIS A 479 1.31 44.56 -46.83
C HIS A 479 2.35 43.98 -47.77
N ALA A 480 3.57 43.76 -47.26
CA ALA A 480 4.67 43.26 -48.09
C ALA A 480 5.51 42.27 -47.28
N THR A 481 5.17 40.98 -47.38
CA THR A 481 5.95 39.93 -46.76
C THR A 481 7.04 39.46 -47.71
N TYR A 482 8.05 38.79 -47.14
CA TYR A 482 9.11 38.19 -47.94
C TYR A 482 9.77 37.11 -47.09
N TYR A 483 9.59 35.85 -47.46
CA TYR A 483 10.16 34.75 -46.72
C TYR A 483 11.51 34.35 -47.31
N SER A 484 12.27 33.58 -46.54
CA SER A 484 13.44 32.87 -47.04
C SER A 484 13.62 31.63 -46.16
N LEU A 485 13.10 30.51 -46.63
CA LEU A 485 13.09 29.27 -45.87
C LEU A 485 14.12 28.30 -46.45
N ASP A 486 14.91 27.69 -45.56
CA ASP A 486 16.01 26.84 -45.94
C ASP A 486 15.86 25.47 -45.29
N SER A 487 16.69 24.53 -45.71
CA SER A 487 16.65 23.15 -45.22
C SER A 487 15.25 22.57 -45.39
N PHE A 488 14.64 22.86 -46.54
CA PHE A 488 13.30 22.37 -46.81
C PHE A 488 13.31 20.86 -46.99
N GLY A 489 12.41 20.17 -46.32
CA GLY A 489 12.30 18.73 -46.44
C GLY A 489 11.41 18.32 -47.59
N GLY A 490 10.32 19.06 -47.79
CA GLY A 490 9.39 18.79 -48.86
C GLY A 490 9.24 19.94 -49.83
N LYS A 491 7.99 20.32 -50.14
CA LYS A 491 7.70 21.37 -51.09
C LYS A 491 7.43 22.66 -50.32
N ALA A 492 8.37 23.61 -50.42
CA ALA A 492 8.20 24.93 -49.85
C ALA A 492 9.13 25.86 -50.60
N SER A 493 8.56 26.83 -51.32
CA SER A 493 9.34 27.66 -52.23
C SER A 493 10.53 28.29 -51.51
N ARG A 494 11.69 28.25 -52.17
CA ARG A 494 12.92 28.69 -51.54
C ARG A 494 12.91 30.18 -51.23
N SER A 495 12.20 30.98 -52.02
CA SER A 495 12.12 32.41 -51.78
C SER A 495 10.85 32.95 -52.45
N VAL A 496 10.07 33.72 -51.68
CA VAL A 496 8.79 34.24 -52.13
C VAL A 496 8.74 35.74 -51.89
N GLY A 497 7.58 36.33 -52.13
CA GLY A 497 7.36 37.74 -51.88
C GLY A 497 6.00 38.19 -52.38
N ARG A 498 5.29 38.99 -51.59
CA ARG A 498 3.92 39.35 -51.91
C ARG A 498 3.68 40.81 -51.56
N VAL A 499 2.68 41.39 -52.21
CA VAL A 499 2.19 42.74 -51.92
C VAL A 499 0.68 42.71 -52.02
N LEU A 500 0.01 43.14 -50.95
CA LEU A 500 -1.45 43.08 -50.85
C LEU A 500 -1.98 44.44 -50.45
N PRO A 501 -2.38 45.27 -51.41
CA PRO A 501 -2.89 46.61 -51.07
C PRO A 501 -4.17 46.55 -50.27
N VAL A 502 -4.12 47.00 -49.02
CA VAL A 502 -5.27 46.96 -48.13
C VAL A 502 -5.96 48.32 -48.17
N VAL A 503 -7.25 48.32 -48.48
CA VAL A 503 -8.06 49.53 -48.54
C VAL A 503 -9.40 49.24 -47.86
N ASN A 504 -9.62 49.84 -46.70
CA ASN A 504 -10.88 49.71 -46.01
C ASN A 504 -11.40 51.09 -45.66
N ILE A 505 -12.73 51.20 -45.58
CA ILE A 505 -13.39 52.48 -45.32
C ILE A 505 -14.31 52.27 -44.12
N ASP A 506 -13.81 52.51 -42.92
CA ASP A 506 -14.61 52.43 -41.72
C ASP A 506 -15.32 53.75 -41.48
N GLY A 507 -16.55 53.68 -40.99
CA GLY A 507 -17.25 54.87 -40.59
C GLY A 507 -18.74 54.66 -40.42
N GLY A 508 -19.30 55.25 -39.38
CA GLY A 508 -20.70 55.07 -39.07
C GLY A 508 -21.25 56.24 -38.30
N THR A 509 -22.53 56.52 -38.50
CA THR A 509 -23.17 57.66 -37.85
C THR A 509 -23.52 57.30 -36.42
N THR A 510 -24.37 58.13 -35.81
CA THR A 510 -24.75 57.92 -34.40
C THR A 510 -26.09 58.62 -34.20
N PHE A 511 -27.01 58.00 -33.45
CA PHE A 511 -28.33 58.61 -33.16
C PHE A 511 -28.45 58.67 -31.65
N GLU A 512 -29.21 59.65 -31.16
CA GLU A 512 -29.43 59.79 -29.70
C GLU A 512 -30.92 60.08 -29.52
N ARG A 513 -31.57 59.48 -28.54
CA ARG A 513 -33.02 59.57 -28.35
C ARG A 513 -33.33 59.44 -26.86
N ASN A 514 -34.47 59.96 -26.45
CA ASN A 514 -34.90 59.92 -25.07
C ASN A 514 -36.30 59.35 -24.89
N THR A 515 -36.97 58.96 -25.97
CA THR A 515 -38.39 58.61 -25.91
C THR A 515 -38.65 57.14 -25.60
N ARG A 516 -37.65 56.28 -25.77
CA ARG A 516 -37.82 54.84 -25.55
C ARG A 516 -37.03 54.37 -24.33
N LEU A 517 -37.03 55.16 -23.26
CA LEU A 517 -36.31 54.80 -22.04
C LEU A 517 -37.13 53.83 -21.21
N PHE A 518 -36.43 52.93 -20.52
CA PHE A 518 -37.05 51.93 -19.65
C PHE A 518 -36.32 51.94 -18.31
N GLY A 519 -36.94 52.56 -17.31
CA GLY A 519 -36.34 52.62 -15.99
C GLY A 519 -36.93 53.69 -15.12
N GLY A 520 -36.08 54.51 -14.50
CA GLY A 520 -36.52 55.61 -13.69
C GLY A 520 -35.93 56.93 -14.12
N GLY A 521 -35.79 57.13 -15.44
CA GLY A 521 -35.17 58.33 -15.95
C GLY A 521 -33.84 58.09 -16.63
N VAL A 522 -33.77 57.09 -17.52
CA VAL A 522 -32.52 56.85 -18.31
C VAL A 522 -32.56 57.53 -19.69
N VAL A 523 -31.44 57.51 -20.42
CA VAL A 523 -31.37 58.11 -21.79
C VAL A 523 -30.96 56.99 -22.75
N GLN A 524 -31.64 56.81 -23.90
CA GLN A 524 -31.37 55.64 -24.78
C GLN A 524 -30.63 56.04 -26.04
N THR A 525 -29.41 55.56 -26.20
CA THR A 525 -28.64 55.88 -27.42
C THR A 525 -28.72 54.69 -28.39
N ILE A 526 -28.98 54.91 -29.69
CA ILE A 526 -28.96 53.82 -30.72
C ILE A 526 -27.89 54.21 -31.75
N GLU A 527 -26.92 53.35 -32.05
CA GLU A 527 -25.81 53.77 -32.96
C GLU A 527 -25.53 52.77 -34.07
N PRO A 528 -25.75 53.08 -35.36
CA PRO A 528 -25.34 52.17 -36.43
C PRO A 528 -23.93 52.43 -36.98
N ARG A 529 -23.29 51.48 -37.67
CA ARG A 529 -22.00 51.73 -38.30
C ARG A 529 -21.75 50.67 -39.36
N LEU A 530 -20.75 50.93 -40.20
CA LEU A 530 -20.43 50.02 -41.30
C LEU A 530 -18.94 49.71 -41.36
N PHE A 531 -18.52 49.03 -42.42
CA PHE A 531 -17.13 48.66 -42.68
C PHE A 531 -17.09 48.05 -44.07
N TYR A 532 -15.97 48.22 -44.76
CA TYR A 532 -15.80 47.62 -46.09
C TYR A 532 -14.32 47.56 -46.39
N ASN A 533 -13.75 46.36 -46.44
CA ASN A 533 -12.32 46.18 -46.65
C ASN A 533 -12.08 45.37 -47.93
N TYR A 534 -11.19 45.88 -48.78
CA TYR A 534 -10.83 45.24 -50.03
C TYR A 534 -9.39 44.78 -49.95
N ILE A 535 -9.16 43.49 -50.19
CA ILE A 535 -7.82 42.90 -50.16
C ILE A 535 -7.69 41.90 -51.30
N PRO A 536 -6.84 42.16 -52.29
CA PRO A 536 -6.68 41.22 -53.41
C PRO A 536 -6.20 39.86 -52.95
N ALA A 537 -6.37 38.87 -53.83
CA ALA A 537 -6.14 37.48 -53.50
C ALA A 537 -4.82 36.97 -54.08
N LYS A 538 -4.30 35.92 -53.45
CA LYS A 538 -3.10 35.24 -53.92
C LYS A 538 -3.15 33.80 -53.44
N SER A 539 -2.17 33.01 -53.90
CA SER A 539 -2.04 31.61 -53.51
C SER A 539 -0.87 31.51 -52.55
N GLN A 540 -1.17 31.58 -51.24
CA GLN A 540 -0.14 31.63 -50.20
C GLN A 540 -0.22 30.44 -49.26
N ASN A 541 -0.76 29.31 -49.70
CA ASN A 541 -0.90 28.14 -48.86
C ASN A 541 0.29 27.19 -48.93
N ASP A 542 1.21 27.41 -49.87
CA ASP A 542 2.46 26.64 -49.89
C ASP A 542 3.47 27.18 -48.90
N LEU A 543 3.28 28.40 -48.40
CA LEU A 543 4.13 29.00 -47.39
C LEU A 543 3.72 28.49 -46.00
N PRO A 544 4.67 28.14 -45.14
CA PRO A 544 4.32 27.53 -43.86
C PRO A 544 3.64 28.51 -42.93
N ASN A 545 2.99 27.96 -41.91
CA ASN A 545 2.27 28.75 -40.92
C ASN A 545 3.17 28.91 -39.71
N PHE A 546 3.95 29.99 -39.69
CA PHE A 546 4.88 30.24 -38.60
C PHE A 546 4.15 30.64 -37.32
N ASP A 547 3.43 31.76 -37.36
CA ASP A 547 2.83 32.31 -36.16
C ASP A 547 1.38 32.73 -36.30
N SER A 548 0.77 32.62 -37.48
CA SER A 548 -0.59 33.10 -37.67
C SER A 548 -1.60 32.18 -37.00
N SER A 549 -2.76 32.75 -36.69
CA SER A 549 -3.84 32.02 -36.04
C SER A 549 -5.16 32.74 -36.31
N GLU A 550 -6.23 31.97 -36.41
CA GLU A 550 -7.54 32.55 -36.68
C GLU A 550 -8.07 33.26 -35.43
N SER A 551 -8.69 34.42 -35.63
CA SER A 551 -9.12 35.25 -34.52
C SER A 551 -10.45 34.75 -33.94
N SER A 552 -10.71 35.17 -32.70
CA SER A 552 -11.94 34.80 -32.02
C SER A 552 -13.11 35.53 -32.65
N PHE A 553 -14.10 34.79 -33.13
CA PHE A 553 -15.24 35.38 -33.82
C PHE A 553 -16.26 35.85 -32.78
N GLY A 554 -16.44 37.17 -32.69
CA GLY A 554 -17.43 37.75 -31.81
C GLY A 554 -18.07 38.96 -32.45
N TYR A 555 -18.49 39.94 -31.65
CA TYR A 555 -19.05 41.16 -32.23
C TYR A 555 -17.95 42.06 -32.78
N GLY A 556 -16.91 42.31 -31.99
CA GLY A 556 -15.83 43.16 -32.43
C GLY A 556 -15.09 42.65 -33.65
N GLN A 557 -15.29 41.37 -33.99
CA GLN A 557 -14.58 40.79 -35.13
C GLN A 557 -15.00 41.42 -36.44
N LEU A 558 -16.25 41.88 -36.54
CA LEU A 558 -16.75 42.42 -37.81
C LEU A 558 -15.97 43.63 -38.27
N PHE A 559 -15.33 44.35 -37.35
CA PHE A 559 -14.65 45.60 -37.66
C PHE A 559 -13.13 45.45 -37.70
N ARG A 560 -12.64 44.25 -38.00
CA ARG A 560 -11.20 44.01 -38.12
C ARG A 560 -10.87 43.66 -39.56
N GLU A 561 -9.72 44.16 -40.03
CA GLU A 561 -9.30 43.99 -41.41
C GLU A 561 -8.50 42.71 -41.65
N ASN A 562 -8.47 41.81 -40.68
CA ASN A 562 -7.71 40.57 -40.82
C ASN A 562 -8.35 39.47 -39.99
N LEU A 563 -8.81 38.41 -40.66
CA LEU A 563 -9.39 37.28 -39.93
C LEU A 563 -8.31 36.53 -39.17
N TYR A 564 -7.33 35.97 -39.89
CA TYR A 564 -6.17 35.34 -39.26
C TYR A 564 -5.33 36.43 -38.65
N TYR A 565 -5.40 36.60 -37.33
CA TYR A 565 -4.70 37.69 -36.68
C TYR A 565 -3.25 37.24 -36.44
N GLY A 566 -2.45 37.37 -37.50
CA GLY A 566 -1.06 36.99 -37.48
C GLY A 566 -0.33 37.72 -38.58
N ASN A 567 0.57 37.03 -39.27
CA ASN A 567 1.24 37.66 -40.42
C ASN A 567 1.32 36.80 -41.67
N ASP A 568 1.22 35.47 -41.58
CA ASP A 568 1.35 34.64 -42.76
C ASP A 568 0.09 34.70 -43.61
N ARG A 569 -1.03 34.24 -43.05
CA ARG A 569 -2.28 34.15 -43.79
C ARG A 569 -3.04 35.45 -43.66
N ILE A 570 -3.22 36.15 -44.79
CA ILE A 570 -4.04 37.35 -44.86
C ILE A 570 -5.12 37.07 -45.88
N ASN A 571 -6.36 36.95 -45.39
CA ASN A 571 -7.48 36.59 -46.26
C ASN A 571 -7.73 37.67 -47.31
N ALA A 572 -8.32 37.26 -48.41
CA ALA A 572 -8.76 38.17 -49.46
C ALA A 572 -10.24 38.47 -49.21
N ALA A 573 -10.56 39.73 -48.90
CA ALA A 573 -11.96 40.03 -48.52
C ALA A 573 -12.57 41.20 -49.27
N ASN A 574 -13.87 41.17 -49.53
CA ASN A 574 -14.63 42.30 -50.13
C ASN A 574 -15.96 42.26 -49.38
N SER A 575 -16.07 42.85 -48.19
CA SER A 575 -17.27 42.67 -47.34
C SER A 575 -17.87 44.00 -46.94
N LEU A 576 -19.12 44.03 -46.44
CA LEU A 576 -19.74 45.28 -45.93
C LEU A 576 -20.33 45.01 -44.57
N SER A 577 -19.49 44.83 -43.55
CA SER A 577 -20.02 44.44 -42.22
C SER A 577 -21.03 45.48 -41.80
N THR A 578 -22.19 45.05 -41.35
CA THR A 578 -23.24 46.04 -41.03
C THR A 578 -23.55 45.88 -39.56
N ALA A 579 -23.66 46.95 -38.79
CA ALA A 579 -23.88 46.74 -37.34
C ALA A 579 -24.79 47.79 -36.75
N VAL A 580 -25.33 47.53 -35.56
CA VAL A 580 -26.20 48.50 -34.81
C VAL A 580 -26.03 48.19 -33.32
N GLN A 581 -25.64 49.17 -32.51
CA GLN A 581 -25.35 48.90 -31.08
C GLN A 581 -26.08 49.98 -30.29
N SER A 582 -26.67 49.67 -29.15
CA SER A 582 -27.46 50.71 -28.45
C SER A 582 -27.05 50.74 -26.98
N ARG A 583 -26.75 51.91 -26.42
CA ARG A 583 -26.27 51.93 -25.03
C ARG A 583 -27.28 52.70 -24.19
N ILE A 584 -27.72 52.16 -23.06
CA ILE A 584 -28.62 52.93 -22.16
C ILE A 584 -27.73 53.70 -21.19
N LEU A 585 -27.81 55.03 -21.19
CA LEU A 585 -26.89 55.86 -20.36
C LEU A 585 -27.76 56.55 -19.32
N ASP A 586 -27.28 56.67 -18.07
CA ASP A 586 -28.12 57.23 -16.98
C ASP A 586 -28.55 58.68 -17.26
N GLY A 587 -29.60 59.15 -16.59
CA GLY A 587 -30.10 60.50 -16.79
C GLY A 587 -29.39 61.58 -16.00
N ALA A 588 -28.56 61.21 -15.03
CA ALA A 588 -27.79 62.16 -14.25
C ALA A 588 -26.31 62.15 -14.60
N THR A 589 -25.71 60.97 -14.67
CA THR A 589 -24.33 60.79 -15.07
C THR A 589 -24.29 59.94 -16.34
N GLY A 590 -23.08 59.56 -16.75
CA GLY A 590 -22.94 58.81 -17.97
C GLY A 590 -22.41 57.40 -17.78
N GLU A 591 -22.86 56.72 -16.72
CA GLU A 591 -22.45 55.35 -16.48
C GLU A 591 -23.33 54.40 -17.29
N GLU A 592 -22.68 53.48 -18.01
CA GLU A 592 -23.41 52.52 -18.82
C GLU A 592 -24.25 51.61 -17.95
N ARG A 593 -25.52 51.47 -18.30
CA ARG A 593 -26.42 50.53 -17.63
C ARG A 593 -26.65 49.26 -18.42
N PHE A 594 -26.63 49.34 -19.74
CA PHE A 594 -26.93 48.19 -20.59
C PHE A 594 -26.48 48.49 -22.01
N ARG A 595 -25.91 47.50 -22.67
CA ARG A 595 -25.42 47.65 -24.03
C ARG A 595 -25.86 46.45 -24.85
N ALA A 596 -26.39 46.72 -26.04
CA ALA A 596 -26.87 45.70 -26.95
C ALA A 596 -26.07 45.76 -28.25
N GLY A 597 -26.50 44.98 -29.24
CA GLY A 597 -25.87 45.02 -30.53
C GLY A 597 -26.13 43.77 -31.33
N ILE A 598 -25.98 43.90 -32.65
CA ILE A 598 -26.10 42.79 -33.58
C ILE A 598 -25.49 43.21 -34.91
N GLY A 599 -24.84 42.27 -35.59
CA GLY A 599 -24.21 42.57 -36.87
C GLY A 599 -23.94 41.31 -37.65
N GLN A 600 -23.74 41.49 -38.95
CA GLN A 600 -23.58 40.34 -39.85
C GLN A 600 -22.94 40.82 -41.13
N LYS A 601 -21.77 40.27 -41.46
CA LYS A 601 -20.96 40.78 -42.56
C LYS A 601 -21.39 40.18 -43.89
N PHE A 602 -21.55 41.03 -44.89
CA PHE A 602 -21.96 40.60 -46.22
C PHE A 602 -20.76 40.04 -46.97
N TYR A 603 -20.93 39.82 -48.27
CA TYR A 603 -19.83 39.45 -49.15
C TYR A 603 -20.17 39.93 -50.56
N PHE A 604 -19.14 40.12 -51.37
CA PHE A 604 -19.32 40.57 -52.75
C PHE A 604 -18.61 39.65 -53.72
N SER A 621 -23.72 35.20 -48.90
CA SER A 621 -23.62 36.59 -48.49
C SER A 621 -23.61 36.74 -46.97
N ARG A 622 -24.61 36.16 -46.31
CA ARG A 622 -24.76 36.33 -44.86
C ARG A 622 -23.84 35.37 -44.11
N SER A 623 -24.11 34.07 -44.21
CA SER A 623 -23.24 33.01 -43.73
C SER A 623 -23.08 32.97 -42.21
N ASP A 624 -23.66 33.93 -41.48
CA ASP A 624 -23.51 33.97 -40.03
C ASP A 624 -24.42 35.05 -39.46
N TRP A 625 -24.45 35.11 -38.13
CA TRP A 625 -25.08 36.19 -37.37
C TRP A 625 -24.31 36.33 -36.07
N VAL A 626 -24.20 37.56 -35.57
CA VAL A 626 -23.47 37.82 -34.33
C VAL A 626 -24.25 38.84 -33.52
N ALA A 627 -24.61 38.47 -32.29
CA ALA A 627 -25.31 39.36 -31.38
C ALA A 627 -24.67 39.24 -30.01
N PHE A 628 -25.02 40.18 -29.12
CA PHE A 628 -24.47 40.22 -27.78
C PHE A 628 -25.26 41.24 -26.97
N ALA A 629 -25.14 41.13 -25.65
CA ALA A 629 -25.77 42.09 -24.74
C ALA A 629 -25.16 41.95 -23.36
N SER A 630 -24.68 43.05 -22.78
CA SER A 630 -24.01 43.01 -21.49
C SER A 630 -24.26 44.31 -20.75
N GLY A 631 -24.76 44.20 -19.52
CA GLY A 631 -25.06 45.37 -18.74
C GLY A 631 -25.20 45.09 -17.26
N GLY A 632 -26.20 45.72 -16.63
CA GLY A 632 -26.45 45.53 -15.21
C GLY A 632 -27.26 46.67 -14.64
N ILE A 633 -28.13 46.39 -13.67
CA ILE A 633 -28.98 47.41 -13.10
C ILE A 633 -28.29 48.02 -11.89
N GLY A 634 -27.00 47.76 -11.76
CA GLY A 634 -26.21 48.27 -10.66
C GLY A 634 -25.33 47.22 -10.04
N GLY A 635 -25.51 46.95 -8.75
CA GLY A 635 -24.79 45.86 -8.11
C GLY A 635 -25.47 44.53 -8.35
N ARG A 636 -26.79 44.51 -8.27
CA ARG A 636 -27.58 43.30 -8.43
C ARG A 636 -28.08 43.16 -9.86
N PHE A 637 -28.56 41.96 -10.18
CA PHE A 637 -29.09 41.60 -11.50
C PHE A 637 -28.13 41.99 -12.61
N THR A 638 -26.87 41.62 -12.42
CA THR A 638 -25.85 41.84 -13.47
C THR A 638 -26.07 40.74 -14.53
N LEU A 639 -25.80 41.03 -15.80
CA LEU A 639 -26.06 40.09 -16.89
C LEU A 639 -25.05 40.32 -18.00
N ASP A 640 -24.52 39.24 -18.55
CA ASP A 640 -23.63 39.28 -19.69
C ASP A 640 -23.89 38.06 -20.57
N SER A 641 -24.00 38.28 -21.88
CA SER A 641 -24.35 37.21 -22.81
C SER A 641 -23.67 37.44 -24.14
N SER A 642 -23.91 36.53 -25.08
CA SER A 642 -23.37 36.59 -26.43
C SER A 642 -24.02 35.48 -27.25
N ILE A 643 -23.71 35.45 -28.53
CA ILE A 643 -24.18 34.38 -29.42
C ILE A 643 -23.34 34.42 -30.69
N HIS A 644 -23.32 33.30 -31.42
CA HIS A 644 -22.66 33.24 -32.73
C HIS A 644 -23.48 32.28 -33.59
N TYR A 645 -24.38 32.84 -34.37
CA TYR A 645 -25.30 32.08 -35.20
C TYR A 645 -24.79 32.02 -36.63
N ASN A 646 -25.12 30.92 -37.31
CA ASN A 646 -24.87 30.79 -38.74
C ASN A 646 -26.07 30.10 -39.36
N GLN A 647 -26.63 30.71 -40.40
CA GLN A 647 -27.87 30.24 -41.00
C GLN A 647 -27.58 29.52 -42.32
N ASN A 648 -28.59 28.77 -42.78
CA ASN A 648 -28.54 27.89 -43.94
C ASN A 648 -27.68 26.66 -43.68
N ASP A 649 -26.99 26.61 -42.54
CA ASP A 649 -26.11 25.49 -42.23
C ASP A 649 -26.57 24.71 -41.00
N LYS A 650 -26.73 25.35 -39.85
CA LYS A 650 -27.01 24.64 -38.61
C LYS A 650 -27.68 25.61 -37.63
N ARG A 651 -27.74 25.20 -36.36
CA ARG A 651 -28.42 26.01 -35.35
C ARG A 651 -27.51 27.11 -34.82
N ALA A 652 -26.42 26.76 -34.16
CA ALA A 652 -25.65 27.75 -33.43
C ALA A 652 -24.25 27.22 -33.17
N GLU A 653 -23.28 28.14 -33.19
CA GLU A 653 -21.89 27.76 -32.96
C GLU A 653 -21.52 27.79 -31.48
N HIS A 654 -21.42 29.01 -30.94
CA HIS A 654 -20.91 29.16 -29.55
C HIS A 654 -21.67 30.21 -28.74
N TYR A 655 -22.91 29.93 -28.35
CA TYR A 655 -23.64 30.88 -27.46
C TYR A 655 -23.09 30.80 -26.05
N ALA A 656 -23.24 31.86 -25.25
CA ALA A 656 -22.84 31.85 -23.82
C ALA A 656 -23.84 32.70 -23.04
N VAL A 657 -23.98 32.48 -21.74
CA VAL A 657 -24.90 33.30 -20.90
C VAL A 657 -24.21 33.59 -19.57
N GLY A 658 -24.65 34.60 -18.84
CA GLY A 658 -23.99 34.98 -17.57
C GLY A 658 -25.01 35.54 -16.59
N ALA A 659 -24.60 35.81 -15.34
CA ALA A 659 -25.51 36.45 -14.36
C ALA A 659 -24.70 36.96 -13.17
N GLY A 660 -25.30 36.99 -11.97
CA GLY A 660 -24.56 37.39 -10.75
C GLY A 660 -25.20 38.53 -10.00
N TYR A 661 -25.87 38.24 -8.89
CA TYR A 661 -26.60 39.29 -8.14
C TYR A 661 -25.99 39.41 -6.75
N ARG A 662 -25.63 40.63 -6.34
CA ARG A 662 -25.04 40.85 -5.00
C ARG A 662 -26.11 41.48 -4.10
N PRO A 663 -26.77 40.72 -3.20
CA PRO A 663 -27.72 41.30 -2.28
C PRO A 663 -27.05 42.29 -1.33
N ALA A 664 -25.86 41.99 -0.83
CA ALA A 664 -25.20 42.86 0.16
C ALA A 664 -23.69 42.99 -0.16
N PRO A 665 -22.77 43.66 0.62
CA PRO A 665 -21.35 43.65 0.28
C PRO A 665 -20.78 42.26 0.09
N GLY A 666 -21.39 41.27 0.74
CA GLY A 666 -21.01 39.85 0.54
C GLY A 666 -22.21 39.13 -0.06
N LYS A 667 -22.52 37.93 0.41
CA LYS A 667 -23.77 37.24 -0.02
C LYS A 667 -23.87 37.09 -1.55
N VAL A 668 -22.76 36.91 -2.28
CA VAL A 668 -22.83 36.88 -3.77
C VAL A 668 -23.33 35.53 -4.28
N LEU A 669 -23.93 35.50 -5.48
CA LEU A 669 -24.30 34.18 -6.08
C LEU A 669 -24.05 34.19 -7.60
N ASN A 670 -22.78 34.35 -8.03
CA ASN A 670 -22.45 34.45 -9.48
C ASN A 670 -22.65 33.11 -10.19
N ALA A 671 -23.13 33.11 -11.44
CA ALA A 671 -23.32 31.88 -12.25
C ALA A 671 -23.00 32.17 -13.73
N ARG A 672 -22.60 31.17 -14.52
CA ARG A 672 -22.21 31.40 -15.93
C ARG A 672 -22.25 30.12 -16.77
N TYR A 673 -22.86 30.17 -17.95
CA TYR A 673 -22.95 29.05 -18.88
C TYR A 673 -21.97 29.25 -20.04
N LYS A 674 -21.76 28.18 -20.81
CA LYS A 674 -20.91 28.26 -21.99
C LYS A 674 -21.17 27.06 -22.87
N TYR A 675 -21.40 27.29 -24.17
CA TYR A 675 -21.63 26.23 -25.14
C TYR A 675 -20.72 26.43 -26.34
N GLY A 676 -20.49 25.35 -27.07
CA GLY A 676 -19.76 25.41 -28.32
C GLY A 676 -19.48 24.03 -28.91
N ARG A 677 -19.67 23.89 -30.21
CA ARG A 677 -19.39 22.63 -30.88
C ARG A 677 -18.05 22.71 -31.61
N ASN A 678 -17.40 21.55 -31.75
CA ASN A 678 -16.07 21.44 -32.34
C ASN A 678 -15.06 22.35 -31.61
N GLU A 679 -14.85 22.00 -30.35
CA GLU A 679 -13.84 22.66 -29.52
C GLU A 679 -12.78 21.64 -29.13
N LYS A 680 -11.52 21.95 -29.41
CA LYS A 680 -10.42 21.04 -29.15
C LYS A 680 -10.26 20.82 -27.65
N ILE A 681 -10.05 19.57 -27.23
CA ILE A 681 -10.01 19.22 -25.82
C ILE A 681 -8.59 18.85 -25.37
N TYR A 682 -8.04 17.72 -25.86
CA TYR A 682 -6.91 17.19 -25.11
C TYR A 682 -5.73 16.65 -25.93
N LEU A 683 -5.57 17.05 -27.19
CA LEU A 683 -4.31 16.82 -27.91
C LEU A 683 -3.96 15.34 -27.99
N GLN A 684 -4.72 14.62 -28.82
CA GLN A 684 -4.48 13.20 -29.05
C GLN A 684 -3.06 12.91 -29.54
N ALA A 685 -2.71 11.63 -29.60
CA ALA A 685 -1.32 11.19 -29.74
C ALA A 685 -0.62 11.84 -30.93
N ASP A 686 -1.18 11.72 -32.13
CA ASP A 686 -0.50 12.23 -33.32
C ASP A 686 -0.27 13.74 -33.21
N GLY A 687 -1.29 14.47 -32.77
CA GLY A 687 -1.22 15.91 -32.72
C GLY A 687 -2.55 16.53 -33.10
N SER A 688 -3.41 15.73 -33.72
CA SER A 688 -4.77 16.16 -34.00
C SER A 688 -5.53 16.25 -32.69
N TYR A 689 -6.02 17.44 -32.36
CA TYR A 689 -6.74 17.62 -31.12
C TYR A 689 -8.08 16.91 -31.14
N PHE A 690 -8.45 16.32 -30.02
CA PHE A 690 -9.78 15.72 -29.90
C PHE A 690 -10.82 16.82 -30.01
N TYR A 691 -11.75 16.66 -30.96
CA TYR A 691 -12.78 17.66 -31.23
C TYR A 691 -14.12 17.17 -30.69
N ASP A 692 -14.74 17.97 -29.84
CA ASP A 692 -16.02 17.61 -29.24
C ASP A 692 -16.73 18.89 -28.81
N LYS A 693 -17.98 18.73 -28.39
CA LYS A 693 -18.83 19.86 -28.08
C LYS A 693 -18.90 20.09 -26.58
N LEU A 694 -18.92 21.36 -26.18
CA LEU A 694 -18.86 21.76 -24.78
C LEU A 694 -20.26 22.06 -24.23
N SER A 695 -20.43 21.78 -22.94
CA SER A 695 -21.63 22.22 -22.22
C SER A 695 -21.25 22.29 -20.75
N GLN A 696 -20.98 23.49 -20.26
CA GLN A 696 -20.52 23.68 -18.90
C GLN A 696 -21.36 24.75 -18.21
N LEU A 697 -21.41 24.67 -16.88
CA LEU A 697 -22.21 25.60 -16.10
C LEU A 697 -21.57 25.69 -14.71
N ASP A 698 -20.81 26.75 -14.47
CA ASP A 698 -20.12 26.94 -13.19
C ASP A 698 -20.99 27.78 -12.27
N LEU A 699 -21.12 27.34 -11.02
CA LEU A 699 -21.92 28.03 -10.02
C LEU A 699 -21.01 28.43 -8.87
N SER A 700 -21.25 29.62 -8.32
CA SER A 700 -20.43 30.15 -7.25
C SER A 700 -21.33 30.81 -6.22
N ALA A 701 -20.80 30.99 -5.01
CA ALA A 701 -21.56 31.61 -3.94
C ALA A 701 -20.63 31.94 -2.78
N GLN A 702 -21.02 32.92 -1.99
CA GLN A 702 -20.39 33.20 -0.70
C GLN A 702 -21.50 33.77 0.20
N TRP A 703 -22.14 32.89 0.94
CA TRP A 703 -23.38 33.23 1.66
C TRP A 703 -23.23 32.94 3.14
N PRO A 704 -23.23 33.97 4.01
CA PRO A 704 -23.13 33.72 5.45
C PRO A 704 -24.17 32.74 5.95
N LEU A 705 -23.72 31.56 6.39
CA LEU A 705 -24.62 30.53 6.86
C LEU A 705 -25.07 30.78 8.30
N THR A 706 -24.26 31.49 9.08
CA THR A 706 -24.56 31.80 10.46
C THR A 706 -24.04 33.20 10.75
N ARG A 707 -24.62 33.87 11.74
CA ARG A 707 -24.12 35.22 12.15
C ARG A 707 -22.60 35.28 12.06
N ASN A 708 -21.90 34.28 12.59
CA ASN A 708 -20.40 34.36 12.63
C ASN A 708 -19.73 33.33 11.71
N LEU A 709 -20.47 32.48 11.00
CA LEU A 709 -19.78 31.54 10.06
C LEU A 709 -20.18 31.85 8.62
N SER A 710 -19.22 32.16 7.77
CA SER A 710 -19.50 32.42 6.33
C SER A 710 -19.14 31.18 5.54
N ALA A 711 -19.52 31.13 4.26
CA ALA A 711 -19.14 29.96 3.44
C ALA A 711 -18.77 30.41 2.04
N VAL A 712 -17.89 29.69 1.35
CA VAL A 712 -17.59 30.01 -0.08
C VAL A 712 -17.72 28.71 -0.85
N VAL A 713 -18.40 28.70 -2.01
CA VAL A 713 -18.64 27.42 -2.74
C VAL A 713 -18.46 27.66 -4.24
N ARG A 714 -17.80 26.75 -4.95
CA ARG A 714 -17.66 26.80 -6.40
C ARG A 714 -17.94 25.40 -6.95
N TYR A 715 -18.47 25.36 -8.18
CA TYR A 715 -18.85 24.08 -8.78
C TYR A 715 -18.93 24.28 -10.28
N ASN A 716 -18.06 23.60 -11.03
CA ASN A 716 -17.97 23.76 -12.48
C ASN A 716 -18.37 22.44 -13.14
N TYR A 717 -19.64 22.33 -13.51
CA TYR A 717 -20.17 21.10 -14.09
C TYR A 717 -19.88 21.03 -15.58
N GLY A 718 -19.83 19.80 -16.09
CA GLY A 718 -19.73 19.57 -17.51
C GLY A 718 -20.75 18.55 -17.99
N PHE A 719 -21.68 18.96 -18.85
CA PHE A 719 -22.72 18.07 -19.32
C PHE A 719 -22.25 17.11 -20.40
N GLU A 720 -21.10 17.38 -21.03
CA GLU A 720 -20.61 16.50 -22.08
C GLU A 720 -20.20 15.13 -21.54
N ALA A 721 -19.83 15.05 -20.26
CA ALA A 721 -19.43 13.81 -19.63
C ALA A 721 -20.07 13.58 -18.27
N LYS A 722 -20.89 14.51 -17.79
CA LYS A 722 -21.61 14.37 -16.51
C LYS A 722 -20.64 14.25 -15.33
N LYS A 723 -19.57 15.06 -15.36
CA LYS A 723 -18.60 15.12 -14.28
C LYS A 723 -18.16 16.55 -14.05
N PRO A 724 -18.09 16.99 -12.81
CA PRO A 724 -17.64 18.36 -12.54
C PRO A 724 -16.14 18.52 -12.76
N ILE A 725 -15.77 19.63 -13.37
CA ILE A 725 -14.36 19.89 -13.64
C ILE A 725 -13.64 20.34 -12.36
N GLU A 726 -14.19 21.35 -11.68
CA GLU A 726 -13.61 21.87 -10.47
C GLU A 726 -14.71 22.11 -9.45
N MET A 727 -14.36 22.00 -8.17
CA MET A 727 -15.32 22.26 -7.11
C MET A 727 -14.57 22.64 -5.85
N LEU A 728 -15.18 23.51 -5.05
CA LEU A 728 -14.53 24.08 -3.87
C LEU A 728 -15.56 24.22 -2.77
N ALA A 729 -15.06 24.29 -1.53
CA ALA A 729 -15.93 24.48 -0.38
C ALA A 729 -15.07 24.98 0.79
N GLY A 730 -15.46 26.13 1.35
CA GLY A 730 -14.72 26.72 2.44
C GLY A 730 -15.62 27.12 3.59
N ALA A 731 -14.99 27.68 4.62
CA ALA A 731 -15.72 28.15 5.80
C ALA A 731 -14.80 29.08 6.58
N GLU A 732 -15.29 30.26 6.91
CA GLU A 732 -14.53 31.26 7.64
C GLU A 732 -15.27 31.64 8.91
N TYR A 733 -14.52 32.23 9.86
CA TYR A 733 -15.05 32.50 11.18
C TYR A 733 -14.49 33.82 11.70
N LYS A 734 -15.18 34.37 12.71
CA LYS A 734 -14.74 35.58 13.37
C LYS A 734 -15.24 35.55 14.81
N SER A 735 -14.69 36.44 15.62
CA SER A 735 -15.13 36.59 17.02
C SER A 735 -14.73 37.97 17.51
N SER A 736 -14.76 38.16 18.83
CA SER A 736 -14.48 39.51 19.40
C SER A 736 -13.01 39.91 19.28
N CYS A 737 -12.06 39.04 19.67
CA CYS A 737 -10.60 39.40 19.68
C CYS A 737 -9.91 38.80 18.46
N GLY A 738 -10.68 38.44 17.43
CA GLY A 738 -10.05 37.73 16.33
C GLY A 738 -9.63 36.38 16.89
N CYS A 739 -10.30 35.96 17.97
CA CYS A 739 -9.92 34.70 18.64
C CYS A 739 -9.73 33.64 17.57
N TRP A 740 -10.61 33.64 16.58
CA TRP A 740 -10.46 32.54 15.61
C TRP A 740 -9.88 33.07 14.30
N GLY A 741 -10.64 33.83 13.52
CA GLY A 741 -10.12 34.21 12.20
C GLY A 741 -9.69 32.95 11.45
N ALA A 742 -10.47 31.87 11.54
CA ALA A 742 -10.03 30.58 10.96
C ALA A 742 -10.74 30.27 9.64
N GLY A 743 -9.99 29.93 8.58
CA GLY A 743 -10.61 29.51 7.31
C GLY A 743 -10.08 28.19 6.80
N VAL A 744 -10.96 27.23 6.51
CA VAL A 744 -10.54 25.92 5.94
C VAL A 744 -11.10 25.83 4.52
N TYR A 745 -10.26 25.62 3.50
CA TYR A 745 -10.75 25.62 2.10
C TYR A 745 -10.35 24.32 1.42
N ALA A 746 -11.29 23.62 0.78
CA ALA A 746 -10.98 22.31 0.15
C ALA A 746 -11.33 22.34 -1.32
N GLN A 747 -10.44 21.90 -2.20
CA GLN A 747 -10.71 21.98 -3.67
C GLN A 747 -10.34 20.67 -4.35
N ARG A 748 -11.18 20.17 -5.25
CA ARG A 748 -10.82 18.97 -6.02
C ARG A 748 -10.88 19.32 -7.50
N TYR A 749 -9.74 19.71 -8.05
CA TYR A 749 -9.66 20.11 -9.45
C TYR A 749 -9.39 18.88 -10.31
N VAL A 750 -9.12 19.11 -11.59
CA VAL A 750 -8.70 18.07 -12.52
C VAL A 750 -7.34 18.48 -13.08
N THR A 751 -6.46 17.51 -13.28
CA THR A 751 -5.12 17.77 -13.77
C THR A 751 -4.88 17.27 -15.18
N GLY A 752 -5.16 16.00 -15.45
CA GLY A 752 -5.03 15.43 -16.77
C GLY A 752 -6.39 15.07 -17.35
N GLU A 753 -6.33 14.26 -18.42
CA GLU A 753 -7.56 13.78 -19.04
C GLU A 753 -8.42 13.00 -18.06
N ASN A 754 -7.80 12.29 -17.14
CA ASN A 754 -8.53 11.51 -16.14
C ASN A 754 -8.05 11.72 -14.71
N THR A 755 -6.83 12.19 -14.49
CA THR A 755 -6.24 12.22 -13.15
C THR A 755 -6.81 13.40 -12.36
N TYR A 756 -7.75 13.10 -11.46
CA TYR A 756 -8.18 14.08 -10.50
C TYR A 756 -7.17 14.16 -9.35
N LYS A 757 -7.16 15.30 -8.67
CA LYS A 757 -6.21 15.50 -7.57
C LYS A 757 -6.79 16.54 -6.63
N ASN A 758 -7.20 16.11 -5.44
CA ASN A 758 -7.82 17.00 -4.47
C ASN A 758 -6.77 17.63 -3.56
N ALA A 759 -7.22 18.59 -2.76
CA ALA A 759 -6.35 19.30 -1.83
C ALA A 759 -7.21 19.96 -0.77
N VAL A 760 -6.55 20.34 0.33
CA VAL A 760 -7.22 21.03 1.44
C VAL A 760 -6.29 22.12 1.92
N PHE A 761 -6.85 23.18 2.51
CA PHE A 761 -6.05 24.30 2.96
C PHE A 761 -6.55 24.78 4.32
N PHE A 762 -5.66 25.49 5.02
CA PHE A 762 -5.98 26.06 6.33
C PHE A 762 -5.49 27.50 6.36
N SER A 763 -6.09 28.28 7.26
CA SER A 763 -5.70 29.67 7.45
C SER A 763 -6.12 30.12 8.83
N LEU A 764 -5.18 30.67 9.59
CA LEU A 764 -5.41 31.13 10.95
C LEU A 764 -5.03 32.60 11.05
N GLN A 765 -5.87 33.37 11.72
CA GLN A 765 -5.72 34.83 11.74
C GLN A 765 -5.95 35.34 13.16
N LEU A 766 -5.01 36.16 13.64
CA LEU A 766 -5.11 36.82 14.92
C LEU A 766 -5.10 38.33 14.70
N LYS A 767 -5.68 39.06 15.66
CA LYS A 767 -5.88 40.49 15.46
C LYS A 767 -4.57 41.25 15.57
N ASP A 768 -4.25 42.01 14.52
CA ASP A 768 -3.12 42.93 14.43
C ASP A 768 -1.77 42.24 14.23
N LEU A 769 -1.71 40.92 14.33
CA LEU A 769 -0.49 40.18 14.01
C LEU A 769 -0.85 38.94 13.17
N SER A 770 -0.94 39.13 11.87
CA SER A 770 -1.10 38.05 10.89
C SER A 770 -0.93 38.67 9.51
N SER A 771 -1.28 37.91 8.47
CA SER A 771 -1.26 38.41 7.11
C SER A 771 -2.36 37.72 6.31
N VAL A 772 -2.88 38.44 5.32
CA VAL A 772 -3.97 37.95 4.46
C VAL A 772 -3.50 38.02 3.01
N GLY A 773 -3.82 36.98 2.24
CA GLY A 773 -3.49 36.97 0.83
C GLY A 773 -3.10 35.61 0.28
N ARG A 774 -2.72 34.69 1.16
CA ARG A 774 -2.30 33.36 0.72
C ARG A 774 -3.51 32.53 0.29
N ASN A 775 -3.86 32.63 -0.99
CA ASN A 775 -4.98 31.90 -1.56
C ASN A 775 -4.53 31.25 -2.87
N PRO A 776 -5.19 30.17 -3.30
CA PRO A 776 -4.74 29.45 -4.50
C PRO A 776 -4.64 30.35 -5.74
N ALA A 777 -5.72 31.02 -6.09
CA ALA A 777 -5.73 31.88 -7.28
C ALA A 777 -6.91 32.83 -7.17
N GLY A 778 -7.21 33.52 -8.28
CA GLY A 778 -8.36 34.39 -8.33
C GLY A 778 -9.61 33.64 -8.69
N ARG A 779 -10.38 33.26 -7.67
CA ARG A 779 -11.58 32.45 -7.83
C ARG A 779 -12.78 33.31 -8.22
N MET A 780 -13.97 32.77 -8.03
CA MET A 780 -15.23 33.47 -8.25
C MET A 780 -15.15 34.92 -7.80
N ASP A 781 -15.76 35.80 -8.61
CA ASP A 781 -15.40 37.20 -8.77
C ASP A 781 -14.86 37.91 -7.52
N VAL A 782 -15.66 38.02 -6.46
CA VAL A 782 -15.28 38.90 -5.36
C VAL A 782 -14.51 38.16 -4.26
N ALA A 783 -15.12 37.10 -3.69
CA ALA A 783 -14.50 36.33 -2.61
C ALA A 783 -13.86 37.21 -1.55
N VAL A 784 -14.57 38.22 -1.07
CA VAL A 784 -14.00 39.13 -0.07
C VAL A 784 -13.74 38.37 1.22
N PRO A 785 -12.56 38.51 1.83
CA PRO A 785 -12.25 37.73 3.04
C PRO A 785 -13.19 38.09 4.18
N GLY A 786 -13.52 37.08 4.98
CA GLY A 786 -14.45 37.27 6.08
C GLY A 786 -13.81 37.22 7.45
N TYR A 787 -12.63 37.84 7.60
CA TYR A 787 -11.95 37.88 8.89
C TYR A 787 -11.05 39.10 8.95
N ILE A 788 -10.24 39.16 10.01
CA ILE A 788 -9.57 40.36 10.50
C ILE A 788 -8.57 40.91 9.50
N PRO A 789 -8.40 42.25 9.41
CA PRO A 789 -7.33 42.82 8.57
C PRO A 789 -5.94 42.28 8.89
N ALA A 790 -5.49 42.43 10.13
CA ALA A 790 -4.22 41.87 10.60
C ALA A 790 -3.04 42.39 9.77
N HIS A 791 -2.78 43.69 9.91
CA HIS A 791 -1.77 44.37 9.11
C HIS A 791 -0.34 44.14 9.59
N SER A 792 -0.05 44.47 10.85
CA SER A 792 1.34 44.58 11.30
C SER A 792 2.10 43.25 11.26
N LEU A 793 1.40 42.12 11.41
CA LEU A 793 1.95 40.77 11.31
C LEU A 793 2.81 40.39 12.51
N SER A 794 3.14 41.36 13.37
CA SER A 794 3.80 41.03 14.63
C SER A 794 3.93 42.30 15.48
N ALA A 795 3.59 42.17 16.77
CA ALA A 795 3.95 43.12 17.81
C ALA A 795 3.41 44.53 17.59
N GLY A 796 2.62 44.74 16.54
CA GLY A 796 2.04 46.04 16.32
C GLY A 796 3.08 47.12 16.01
N ARG A 797 2.75 48.35 16.41
CA ARG A 797 3.56 49.51 16.05
C ARG A 797 3.87 50.46 17.19
N ASN A 798 3.09 50.49 18.26
CA ASN A 798 3.19 51.53 19.27
C ASN A 798 3.54 50.94 20.63
N LYS A 799 4.36 51.65 21.39
CA LYS A 799 4.64 51.32 22.79
C LYS A 799 5.10 52.60 23.48
N ARG A 800 4.30 53.07 24.43
CA ARG A 800 4.57 54.32 25.14
C ARG A 800 3.97 54.22 26.54
N PRO A 801 4.51 54.98 27.52
CA PRO A 801 3.94 54.97 28.86
C PRO A 801 2.53 55.56 28.90
N THR B 31 -17.78 76.62 -21.07
CA THR B 31 -16.87 76.73 -19.94
C THR B 31 -16.01 75.47 -19.83
N TYR B 32 -16.57 74.34 -20.23
CA TYR B 32 -15.87 73.06 -20.19
C TYR B 32 -15.48 72.56 -21.58
N ARG B 33 -15.48 73.45 -22.58
CA ARG B 33 -15.17 73.04 -23.94
C ARG B 33 -13.72 72.57 -24.06
N SER B 34 -12.78 73.41 -23.66
CA SER B 34 -11.36 73.04 -23.64
C SER B 34 -11.02 72.42 -22.30
N TRP B 35 -10.49 71.19 -22.33
CA TRP B 35 -10.25 70.41 -21.14
C TRP B 35 -8.81 69.91 -21.13
N HIS B 36 -8.17 69.96 -19.97
CA HIS B 36 -6.79 69.52 -19.82
C HIS B 36 -6.74 68.19 -19.07
N ILE B 37 -5.72 67.39 -19.39
CA ILE B 37 -5.56 66.06 -18.84
C ILE B 37 -4.13 65.92 -18.32
N GLU B 38 -3.99 65.26 -17.17
CA GLU B 38 -2.68 64.97 -16.59
C GLU B 38 -2.81 63.73 -15.71
N GLY B 39 -1.76 62.91 -15.71
CA GLY B 39 -1.75 61.71 -14.90
C GLY B 39 -2.30 60.49 -15.62
N GLY B 40 -1.50 59.43 -15.67
CA GLY B 40 -1.90 58.22 -16.36
C GLY B 40 -1.32 58.17 -17.76
N GLN B 41 -0.31 57.34 -17.97
CA GLN B 41 0.43 57.33 -19.22
C GLN B 41 -0.23 56.47 -20.30
N ALA B 42 -0.94 55.41 -19.90
CA ALA B 42 -1.55 54.52 -20.89
C ALA B 42 -2.62 55.23 -21.70
N LEU B 43 -3.55 55.89 -21.02
CA LEU B 43 -4.66 56.57 -21.69
C LEU B 43 -4.33 58.02 -22.00
N GLN B 44 -3.21 58.26 -22.67
CA GLN B 44 -2.83 59.63 -23.02
C GLN B 44 -3.25 60.00 -24.44
N PHE B 45 -3.13 59.07 -25.37
CA PHE B 45 -3.56 59.30 -26.75
C PHE B 45 -5.08 59.12 -26.90
N PRO B 46 -5.69 58.05 -26.38
CA PRO B 46 -7.14 57.89 -26.59
C PRO B 46 -7.96 58.97 -25.92
N LEU B 47 -7.53 59.48 -24.76
CA LEU B 47 -8.28 60.53 -24.09
C LEU B 47 -8.31 61.80 -24.93
N GLU B 48 -7.14 62.26 -25.38
CA GLU B 48 -7.12 63.45 -26.22
C GLU B 48 -7.82 63.20 -27.55
N THR B 49 -7.81 61.97 -28.03
CA THR B 49 -8.56 61.64 -29.25
C THR B 49 -10.06 61.86 -29.03
N ALA B 50 -10.61 61.23 -27.99
CA ALA B 50 -12.04 61.35 -27.73
C ALA B 50 -12.44 62.75 -27.29
N LEU B 51 -11.50 63.57 -26.82
CA LEU B 51 -11.80 64.98 -26.61
C LEU B 51 -11.83 65.73 -27.93
N TYR B 52 -10.77 65.60 -28.74
CA TYR B 52 -10.67 66.30 -30.01
C TYR B 52 -11.81 65.92 -30.96
N GLN B 53 -12.41 64.75 -30.76
CA GLN B 53 -13.62 64.43 -31.51
C GLN B 53 -14.75 65.40 -31.18
N ALA B 54 -14.95 65.68 -29.89
CA ALA B 54 -16.00 66.57 -29.43
C ALA B 54 -15.60 68.04 -29.47
N SER B 55 -14.60 68.38 -30.27
CA SER B 55 -14.13 69.76 -30.44
C SER B 55 -13.67 70.34 -29.10
N GLY B 56 -12.70 69.66 -28.49
CA GLY B 56 -12.11 70.13 -27.25
C GLY B 56 -10.60 70.19 -27.32
N ARG B 57 -10.03 71.33 -26.94
CA ARG B 57 -8.59 71.53 -26.98
C ARG B 57 -7.98 71.20 -25.63
N VAL B 58 -6.79 70.61 -25.65
CA VAL B 58 -6.07 70.28 -24.43
C VAL B 58 -4.89 71.22 -24.29
N ASP B 59 -5.07 72.32 -23.56
CA ASP B 59 -4.02 73.30 -23.37
C ASP B 59 -3.12 72.86 -22.21
N ASP B 60 -1.81 72.95 -22.42
CA ASP B 60 -0.84 72.55 -21.40
C ASP B 60 -0.73 73.62 -20.34
N ALA B 61 -0.73 73.19 -19.07
CA ALA B 61 -0.59 74.08 -17.92
C ALA B 61 -1.69 75.14 -17.90
N ALA B 62 -2.92 74.70 -18.15
CA ALA B 62 -4.11 75.57 -18.07
C ALA B 62 -5.04 74.95 -17.03
N GLY B 63 -4.82 75.27 -15.77
CA GLY B 63 -5.59 74.74 -14.66
C GLY B 63 -6.81 75.52 -14.27
N ALA B 64 -7.12 76.62 -14.97
CA ALA B 64 -8.31 77.39 -14.64
C ALA B 64 -9.58 76.58 -14.90
N GLN B 65 -9.78 76.15 -16.14
CA GLN B 65 -10.85 75.23 -16.46
C GLN B 65 -10.58 73.88 -15.82
N MET B 66 -11.66 73.16 -15.49
CA MET B 66 -11.54 71.93 -14.72
C MET B 66 -10.71 70.90 -15.45
N THR B 67 -9.69 70.39 -14.78
CA THR B 67 -8.81 69.37 -15.36
C THR B 67 -9.22 67.98 -14.87
N LEU B 68 -8.62 66.96 -15.48
CA LEU B 68 -8.88 65.57 -15.16
C LEU B 68 -7.59 64.88 -14.79
N ARG B 69 -7.63 64.06 -13.74
CA ARG B 69 -6.44 63.38 -13.25
C ARG B 69 -6.77 61.92 -12.97
N ILE B 70 -6.10 61.02 -13.68
CA ILE B 70 -6.22 59.57 -13.47
C ILE B 70 -5.11 59.13 -12.53
N ASP B 71 -5.48 58.43 -11.46
CA ASP B 71 -4.49 57.95 -10.52
C ASP B 71 -3.62 56.86 -11.14
N SER B 72 -4.26 55.84 -11.72
CA SER B 72 -3.54 54.73 -12.34
C SER B 72 -4.51 53.92 -13.17
N VAL B 73 -3.96 53.14 -14.10
CA VAL B 73 -4.72 52.20 -14.90
C VAL B 73 -4.31 50.78 -14.51
N SER B 74 -5.30 49.97 -14.16
CA SER B 74 -5.05 48.62 -13.65
C SER B 74 -5.71 47.61 -14.56
N GLN B 75 -4.92 46.64 -15.05
CA GLN B 75 -5.40 45.61 -15.93
C GLN B 75 -4.80 44.28 -15.51
N ASN B 76 -5.44 43.19 -15.96
CA ASN B 76 -4.99 41.86 -15.63
C ASN B 76 -5.60 40.89 -16.63
N LYS B 77 -5.24 39.61 -16.49
CA LYS B 77 -5.70 38.57 -17.40
C LYS B 77 -5.73 37.26 -16.65
N GLU B 78 -6.91 36.64 -16.56
CA GLU B 78 -7.08 35.42 -15.79
C GLU B 78 -7.81 34.37 -16.61
N THR B 79 -7.72 33.13 -16.14
CA THR B 79 -8.41 32.01 -16.78
C THR B 79 -9.91 32.13 -16.56
N TYR B 80 -10.68 31.79 -17.60
CA TYR B 80 -12.13 31.92 -17.54
C TYR B 80 -12.84 30.58 -17.60
N THR B 81 -12.60 29.78 -18.64
CA THR B 81 -13.22 28.47 -18.76
C THR B 81 -12.18 27.48 -19.29
N VAL B 82 -12.08 26.33 -18.62
CA VAL B 82 -11.18 25.27 -19.04
C VAL B 82 -12.01 24.10 -19.54
N THR B 83 -11.41 23.30 -20.41
CA THR B 83 -12.13 22.20 -21.04
C THR B 83 -12.21 21.01 -20.08
N ARG B 84 -12.63 19.86 -20.60
CA ARG B 84 -12.85 18.70 -19.75
C ARG B 84 -11.54 18.14 -19.21
N ALA B 85 -10.45 18.28 -19.96
CA ALA B 85 -9.17 17.67 -19.62
C ALA B 85 -8.14 18.71 -19.17
N ALA B 86 -8.60 19.70 -18.42
CA ALA B 86 -7.74 20.74 -17.84
C ALA B 86 -6.84 21.37 -18.90
N VAL B 87 -7.49 21.91 -19.94
CA VAL B 87 -6.82 22.61 -21.01
C VAL B 87 -7.47 23.98 -21.18
N ILE B 88 -6.63 25.02 -21.27
CA ILE B 88 -7.15 26.38 -21.38
C ILE B 88 -8.01 26.51 -22.63
N ASN B 89 -9.13 27.20 -22.49
CA ASN B 89 -10.01 27.46 -23.63
C ASN B 89 -10.20 28.93 -23.92
N GLU B 90 -10.33 29.77 -22.90
CA GLU B 90 -10.43 31.21 -23.13
C GLU B 90 -10.07 31.95 -21.86
N TYR B 91 -9.53 33.15 -22.04
CA TYR B 91 -9.11 34.01 -20.95
C TYR B 91 -10.19 35.03 -20.64
N LEU B 92 -9.86 35.99 -19.79
CA LEU B 92 -10.71 37.13 -19.50
C LEU B 92 -9.83 38.34 -19.25
N LEU B 93 -10.19 39.47 -19.84
CA LEU B 93 -9.38 40.67 -19.80
C LEU B 93 -10.16 41.79 -19.16
N ILE B 94 -9.59 42.41 -18.13
CA ILE B 94 -10.24 43.52 -17.44
C ILE B 94 -9.32 44.73 -17.49
N LEU B 95 -9.93 45.92 -17.46
CA LEU B 95 -9.17 47.17 -17.46
C LEU B 95 -9.96 48.17 -16.62
N THR B 96 -9.57 48.33 -15.36
CA THR B 96 -10.24 49.24 -14.44
C THR B 96 -9.47 50.55 -14.36
N VAL B 97 -10.16 51.67 -14.59
CA VAL B 97 -9.56 52.99 -14.57
C VAL B 97 -10.27 53.84 -13.53
N GLU B 98 -9.51 54.42 -12.61
CA GLU B 98 -10.05 55.39 -11.68
C GLU B 98 -9.71 56.80 -12.13
N ALA B 99 -10.55 57.76 -11.75
CA ALA B 99 -10.38 59.12 -12.23
C ALA B 99 -10.91 60.08 -11.18
N GLN B 100 -10.67 61.37 -11.43
CA GLN B 100 -11.05 62.43 -10.51
C GLN B 100 -10.96 63.77 -11.24
N VAL B 101 -12.00 64.58 -11.10
CA VAL B 101 -11.95 65.95 -11.60
C VAL B 101 -11.28 66.83 -10.56
N LEU B 102 -10.49 67.80 -11.02
CA LEU B 102 -9.69 68.61 -10.13
C LEU B 102 -10.34 69.96 -9.82
N LYS B 103 -10.63 70.77 -10.84
CA LYS B 103 -11.10 72.13 -10.66
C LYS B 103 -10.09 72.94 -9.84
N ARG B 104 -8.83 72.85 -10.23
CA ARG B 104 -7.69 73.56 -9.64
C ARG B 104 -7.40 73.13 -8.21
N GLY B 105 -8.17 72.20 -7.65
CA GLY B 105 -7.96 71.74 -6.29
C GLY B 105 -7.96 70.23 -6.24
N GLU B 106 -7.27 69.69 -5.23
CA GLU B 106 -7.14 68.24 -5.11
C GLU B 106 -8.41 67.58 -4.55
N PRO B 107 -8.96 68.03 -3.40
CA PRO B 107 -10.04 67.26 -2.78
C PRO B 107 -11.39 67.40 -3.48
N VAL B 108 -11.68 68.59 -4.01
CA VAL B 108 -13.02 68.85 -4.56
C VAL B 108 -13.28 67.96 -5.77
N GLY B 109 -14.57 67.82 -6.09
CA GLY B 109 -14.98 66.97 -7.20
C GLY B 109 -15.69 65.72 -6.76
N LYS B 110 -15.50 64.64 -7.52
CA LYS B 110 -16.10 63.33 -7.22
C LYS B 110 -15.37 62.25 -8.01
N PRO B 111 -14.95 61.17 -7.36
CA PRO B 111 -14.20 60.12 -8.07
C PRO B 111 -15.10 59.28 -8.95
N MET B 112 -14.69 59.09 -10.20
CA MET B 112 -15.39 58.24 -11.15
C MET B 112 -14.45 57.10 -11.56
N THR B 113 -14.97 55.88 -11.52
CA THR B 113 -14.18 54.70 -11.84
C THR B 113 -14.97 53.82 -12.81
N VAL B 114 -14.43 53.65 -14.01
CA VAL B 114 -15.08 52.84 -15.04
C VAL B 114 -14.28 51.56 -15.24
N SER B 115 -14.86 50.62 -15.99
CA SER B 115 -14.24 49.33 -16.20
C SER B 115 -14.89 48.66 -17.40
N VAL B 116 -14.06 48.05 -18.25
CA VAL B 116 -14.53 47.32 -19.42
C VAL B 116 -13.83 45.97 -19.43
N ARG B 117 -14.46 44.99 -20.06
CA ARG B 117 -13.90 43.65 -20.10
C ARG B 117 -14.26 42.96 -21.41
N ARG B 118 -13.31 42.18 -21.94
CA ARG B 118 -13.52 41.36 -23.12
C ARG B 118 -13.03 39.95 -22.82
N ILE B 119 -13.20 39.06 -23.81
CA ILE B 119 -12.86 37.65 -23.68
C ILE B 119 -11.96 37.26 -24.84
N LEU B 120 -10.97 36.42 -24.56
CA LEU B 120 -9.95 36.05 -25.54
C LEU B 120 -9.96 34.54 -25.72
N ASP B 121 -10.27 34.08 -26.93
CA ASP B 121 -10.15 32.67 -27.25
C ASP B 121 -8.68 32.30 -27.40
N TYR B 122 -8.22 31.36 -26.56
CA TYR B 122 -6.81 30.97 -26.51
C TYR B 122 -6.78 29.44 -26.54
N ALA B 123 -6.72 28.87 -27.74
CA ALA B 123 -7.09 27.47 -27.89
C ALA B 123 -6.16 26.51 -27.15
N ASP B 124 -4.97 26.25 -27.69
CA ASP B 124 -3.95 25.59 -26.88
C ASP B 124 -2.55 26.13 -27.17
N ASN B 125 -2.27 26.39 -28.45
CA ASN B 125 -0.89 26.55 -28.91
C ASN B 125 -0.74 27.66 -29.94
N GLU B 126 -1.72 28.55 -30.06
CA GLU B 126 -1.60 29.68 -30.98
C GLU B 126 -0.98 30.84 -30.24
N ILE B 127 -0.14 30.53 -29.24
CA ILE B 127 0.46 31.56 -28.38
C ILE B 127 1.21 32.59 -29.21
N LEU B 128 1.87 32.16 -30.28
CA LEU B 128 2.63 33.10 -31.11
C LEU B 128 1.75 34.17 -31.73
N GLY B 129 0.47 33.87 -31.93
CA GLY B 129 -0.44 34.86 -32.46
C GLY B 129 -1.28 35.51 -31.38
N LYS B 130 -1.51 34.79 -30.27
CA LYS B 130 -2.34 35.34 -29.20
C LYS B 130 -1.59 36.41 -28.42
N GLN B 131 -0.28 36.23 -28.20
CA GLN B 131 0.50 37.27 -27.52
C GLN B 131 0.53 38.58 -28.29
N GLU B 132 0.10 38.56 -29.55
CA GLU B 132 0.05 39.75 -30.39
C GLU B 132 -1.38 40.21 -30.64
N GLU B 133 -2.36 39.31 -30.53
CA GLU B 133 -3.76 39.73 -30.57
C GLU B 133 -4.18 40.41 -29.28
N GLU B 134 -3.62 39.98 -28.15
CA GLU B 134 -3.94 40.60 -26.88
C GLU B 134 -3.59 42.09 -26.88
N GLU B 135 -2.59 42.48 -27.66
CA GLU B 135 -2.18 43.88 -27.72
C GLU B 135 -3.27 44.74 -28.33
N THR B 136 -3.78 44.35 -29.50
CA THR B 136 -4.85 45.13 -30.11
C THR B 136 -6.14 45.02 -29.30
N LEU B 137 -6.33 43.93 -28.56
CA LEU B 137 -7.50 43.85 -27.69
C LEU B 137 -7.40 44.88 -26.57
N TRP B 138 -6.23 45.01 -25.95
CA TRP B 138 -6.05 46.03 -24.93
C TRP B 138 -6.18 47.43 -25.51
N ALA B 139 -5.71 47.64 -26.74
CA ALA B 139 -5.87 48.95 -27.37
C ALA B 139 -7.33 49.30 -27.56
N GLU B 140 -8.13 48.33 -28.03
CA GLU B 140 -9.57 48.55 -28.17
C GLU B 140 -10.22 48.87 -26.82
N MET B 141 -9.85 48.13 -25.78
CA MET B 141 -10.43 48.38 -24.47
C MET B 141 -10.05 49.76 -23.95
N ARG B 142 -8.80 50.19 -24.19
CA ARG B 142 -8.38 51.52 -23.79
C ARG B 142 -9.18 52.59 -24.52
N GLN B 143 -9.38 52.42 -25.83
CA GLN B 143 -10.19 53.37 -26.58
C GLN B 143 -11.61 53.44 -26.04
N ASP B 144 -12.21 52.30 -25.72
CA ASP B 144 -13.57 52.29 -25.22
C ASP B 144 -13.66 52.97 -23.86
N VAL B 145 -12.70 52.71 -22.97
CA VAL B 145 -12.69 53.37 -21.67
C VAL B 145 -12.56 54.88 -21.83
N ALA B 146 -11.69 55.32 -22.75
CA ALA B 146 -11.56 56.75 -23.01
C ALA B 146 -12.89 57.35 -23.44
N GLU B 147 -13.56 56.70 -24.40
CA GLU B 147 -14.83 57.23 -24.89
C GLU B 147 -15.87 57.27 -23.79
N GLN B 148 -15.89 56.25 -22.94
CA GLN B 148 -16.89 56.20 -21.87
C GLN B 148 -16.65 57.31 -20.84
N ILE B 149 -15.39 57.54 -20.48
CA ILE B 149 -15.08 58.64 -19.57
C ILE B 149 -15.47 59.97 -20.20
N VAL B 150 -15.25 60.12 -21.50
CA VAL B 150 -15.61 61.37 -22.17
C VAL B 150 -17.11 61.57 -22.17
N ARG B 151 -17.87 60.48 -22.36
CA ARG B 151 -19.33 60.58 -22.27
C ARG B 151 -19.76 61.02 -20.88
N ARG B 152 -19.14 60.44 -19.84
CA ARG B 152 -19.47 60.85 -18.48
C ARG B 152 -19.11 62.29 -18.21
N LEU B 153 -18.03 62.79 -18.83
CA LEU B 153 -17.60 64.16 -18.59
C LEU B 153 -18.51 65.17 -19.29
N THR B 154 -18.81 64.94 -20.57
CA THR B 154 -19.71 65.84 -21.27
C THR B 154 -21.14 65.75 -20.75
N PHE B 155 -21.53 64.60 -20.16
CA PHE B 155 -22.83 64.52 -19.54
C PHE B 155 -22.90 65.35 -18.26
N LEU B 156 -21.76 65.80 -17.74
CA LEU B 156 -21.72 66.69 -16.59
C LEU B 156 -21.88 68.15 -16.96
N LYS B 157 -21.78 68.48 -18.26
CA LYS B 157 -21.84 69.87 -18.70
C LYS B 157 -23.20 70.51 -18.40
N ALA B 158 -24.22 69.71 -18.11
CA ALA B 158 -25.54 70.24 -17.78
C ALA B 158 -25.53 70.87 -16.40
N VAL C 5 -26.57 3.40 -11.79
CA VAL C 5 -25.78 2.82 -12.87
C VAL C 5 -25.59 1.33 -12.61
N GLN C 6 -25.13 0.60 -13.62
CA GLN C 6 -25.02 -0.84 -13.49
C GLN C 6 -24.18 -1.38 -14.64
N LEU C 7 -23.27 -2.29 -14.32
CA LEU C 7 -22.45 -2.98 -15.31
C LEU C 7 -22.63 -4.48 -15.14
N VAL C 8 -22.72 -5.19 -16.26
CA VAL C 8 -22.86 -6.64 -16.25
C VAL C 8 -21.90 -7.22 -17.28
N GLU C 9 -21.18 -8.27 -16.90
CA GLU C 9 -20.27 -8.95 -17.80
C GLU C 9 -20.92 -10.23 -18.33
N SER C 10 -20.19 -10.94 -19.21
CA SER C 10 -20.73 -12.13 -19.84
C SER C 10 -19.59 -12.92 -20.45
N GLY C 11 -19.85 -14.21 -20.66
CA GLY C 11 -18.92 -15.07 -21.36
C GLY C 11 -18.06 -15.98 -20.51
N GLY C 12 -18.45 -16.21 -19.25
CA GLY C 12 -17.67 -17.11 -18.41
C GLY C 12 -18.03 -18.56 -18.64
N GLY C 13 -17.05 -19.42 -18.42
CA GLY C 13 -17.27 -20.85 -18.62
C GLY C 13 -15.96 -21.62 -18.56
N LEU C 14 -16.02 -22.93 -18.84
CA LEU C 14 -14.80 -23.76 -18.70
C LEU C 14 -14.15 -23.99 -20.06
N VAL C 15 -12.86 -23.68 -20.16
CA VAL C 15 -12.11 -23.98 -21.41
C VAL C 15 -10.77 -24.59 -20.97
N GLN C 16 -10.21 -25.51 -21.75
CA GLN C 16 -8.95 -26.21 -21.38
C GLN C 16 -7.75 -25.26 -21.46
N PRO C 17 -6.62 -25.52 -20.77
CA PRO C 17 -5.43 -24.70 -20.96
C PRO C 17 -5.01 -24.72 -22.44
N GLY C 18 -4.64 -23.56 -23.00
CA GLY C 18 -4.35 -23.49 -24.44
C GLY C 18 -5.60 -23.12 -25.23
N GLY C 19 -6.70 -22.81 -24.54
CA GLY C 19 -7.96 -22.42 -25.22
C GLY C 19 -8.06 -20.93 -25.49
N SER C 20 -9.24 -20.44 -25.92
CA SER C 20 -9.44 -18.98 -26.11
C SER C 20 -10.81 -18.55 -25.54
N LEU C 21 -10.98 -17.26 -25.24
CA LEU C 21 -12.24 -16.73 -24.70
C LEU C 21 -12.16 -15.21 -24.72
N ARG C 22 -13.29 -14.57 -25.06
CA ARG C 22 -13.40 -13.12 -25.08
C ARG C 22 -14.59 -12.71 -24.23
N LEU C 23 -14.32 -12.08 -23.09
CA LEU C 23 -15.37 -11.62 -22.20
C LEU C 23 -15.81 -10.21 -22.61
N SER C 24 -17.10 -9.94 -22.41
CA SER C 24 -17.70 -8.67 -22.79
C SER C 24 -18.26 -7.98 -21.56
N CYS C 25 -18.05 -6.67 -21.47
CA CYS C 25 -18.50 -5.86 -20.35
C CYS C 25 -19.51 -4.85 -20.88
N ALA C 26 -20.78 -5.26 -20.92
CA ALA C 26 -21.86 -4.41 -21.43
C ALA C 26 -22.22 -3.41 -20.34
N ALA C 27 -21.76 -2.17 -20.51
CA ALA C 27 -21.99 -1.12 -19.52
C ALA C 27 -23.18 -0.26 -19.93
N SER C 28 -23.90 0.25 -18.93
CA SER C 28 -25.04 1.12 -19.17
C SER C 28 -25.30 1.93 -17.91
N GLY C 29 -26.01 3.05 -18.09
CA GLY C 29 -26.32 3.95 -17.01
C GLY C 29 -25.53 5.23 -16.97
N PHE C 30 -24.55 5.39 -17.86
CA PHE C 30 -23.71 6.57 -17.88
C PHE C 30 -22.94 6.67 -19.20
N PRO C 31 -22.36 7.83 -19.52
CA PRO C 31 -21.62 7.97 -20.79
C PRO C 31 -20.28 7.26 -20.79
N VAL C 32 -20.28 5.97 -21.14
CA VAL C 32 -19.06 5.16 -21.17
C VAL C 32 -18.06 5.72 -22.17
N LYS C 33 -18.54 6.39 -23.22
CA LYS C 33 -17.67 6.83 -24.31
C LYS C 33 -16.56 7.76 -23.87
N TYR C 34 -16.57 8.21 -22.62
CA TYR C 34 -15.63 9.23 -22.16
C TYR C 34 -14.74 8.78 -21.02
N GLU C 35 -14.83 7.53 -20.57
CA GLU C 35 -14.13 7.09 -19.38
C GLU C 35 -13.24 5.89 -19.69
N HIS C 36 -12.17 5.76 -18.90
CA HIS C 36 -11.35 4.56 -18.92
C HIS C 36 -12.18 3.35 -18.49
N MET C 37 -11.64 2.18 -18.75
CA MET C 37 -12.20 0.93 -18.24
C MET C 37 -11.07 0.10 -17.67
N TYR C 38 -11.29 -0.45 -16.48
CA TYR C 38 -10.30 -1.23 -15.78
C TYR C 38 -10.81 -2.64 -15.59
N TRP C 39 -10.08 -3.62 -16.12
CA TRP C 39 -10.38 -5.03 -15.94
C TRP C 39 -9.54 -5.57 -14.80
N TYR C 40 -10.21 -6.15 -13.80
CA TYR C 40 -9.54 -6.72 -12.65
C TYR C 40 -9.94 -8.19 -12.52
N ARG C 41 -9.21 -8.91 -11.68
CA ARG C 41 -9.55 -10.29 -11.40
C ARG C 41 -9.18 -10.62 -9.97
N GLN C 42 -9.88 -11.60 -9.41
CA GLN C 42 -9.67 -12.03 -8.03
C GLN C 42 -9.80 -13.55 -8.01
N ALA C 43 -8.67 -14.24 -7.98
CA ALA C 43 -8.68 -15.70 -7.88
C ALA C 43 -9.46 -16.13 -6.63
N PRO C 44 -9.95 -17.37 -6.60
CA PRO C 44 -10.74 -17.79 -5.44
C PRO C 44 -9.90 -17.95 -4.19
N GLY C 45 -10.03 -17.01 -3.26
CA GLY C 45 -9.27 -17.03 -2.03
C GLY C 45 -7.89 -16.42 -2.11
N LYS C 46 -7.72 -15.38 -2.91
CA LYS C 46 -6.42 -14.71 -3.05
C LYS C 46 -6.66 -13.20 -3.13
N GLU C 47 -5.59 -12.48 -3.44
CA GLU C 47 -5.64 -11.03 -3.51
C GLU C 47 -5.99 -10.56 -4.92
N ARG C 48 -6.82 -9.53 -4.99
CA ARG C 48 -7.32 -9.01 -6.26
C ARG C 48 -6.24 -8.18 -6.94
N GLU C 49 -5.79 -8.64 -8.10
CA GLU C 49 -4.66 -8.04 -8.80
C GLU C 49 -5.12 -7.26 -10.03
N TRP C 50 -4.22 -6.47 -10.61
CA TRP C 50 -4.58 -5.70 -11.84
C TRP C 50 -4.33 -6.55 -13.08
N VAL C 51 -5.17 -6.41 -14.11
CA VAL C 51 -4.96 -7.14 -15.39
C VAL C 51 -4.58 -6.13 -16.48
N ALA C 52 -5.54 -5.34 -16.98
CA ALA C 52 -5.27 -4.39 -18.08
C ALA C 52 -6.29 -3.25 -18.11
N ALA C 53 -6.01 -2.18 -18.85
CA ALA C 53 -6.94 -1.03 -18.95
C ALA C 53 -7.00 -0.50 -20.40
N ILE C 54 -8.07 0.23 -20.74
CA ILE C 54 -8.24 0.75 -22.14
C ILE C 54 -8.45 2.26 -22.09
N ASN C 55 -8.00 2.98 -23.12
CA ASN C 55 -8.15 4.45 -23.19
C ASN C 55 -9.54 4.78 -23.68
N SER C 56 -9.88 6.06 -23.78
CA SER C 56 -11.24 6.47 -24.20
C SER C 56 -11.55 5.94 -25.60
N ALA C 57 -10.59 6.04 -26.53
CA ALA C 57 -10.86 5.64 -27.94
C ALA C 57 -10.30 4.25 -28.22
N GLY C 58 -9.62 3.64 -27.25
CA GLY C 58 -9.00 2.32 -27.48
C GLY C 58 -7.62 2.47 -28.09
N ASN C 59 -7.17 3.71 -28.30
CA ASN C 59 -5.85 3.98 -28.91
C ASN C 59 -4.72 3.49 -28.00
N GLU C 60 -4.82 3.70 -26.68
CA GLU C 60 -3.70 3.34 -25.77
C GLU C 60 -4.10 2.24 -24.79
N THR C 61 -3.21 1.32 -24.50
CA THR C 61 -3.49 0.18 -23.62
C THR C 61 -2.30 -0.06 -22.70
N HIS C 62 -2.59 -0.42 -21.45
CA HIS C 62 -1.59 -0.85 -20.50
C HIS C 62 -1.90 -2.27 -20.06
N TYR C 63 -0.90 -3.14 -20.12
CA TYR C 63 -1.03 -4.53 -19.70
C TYR C 63 -0.13 -4.80 -18.50
N ALA C 64 -0.58 -5.72 -17.65
CA ALA C 64 0.26 -6.18 -16.55
C ALA C 64 1.45 -6.95 -17.12
N ASP C 65 2.61 -6.78 -16.50
CA ASP C 65 3.82 -7.40 -17.02
C ASP C 65 3.71 -8.92 -17.05
N SER C 66 2.83 -9.49 -16.23
CA SER C 66 2.64 -10.94 -16.21
C SER C 66 1.66 -11.42 -17.27
N VAL C 67 0.87 -10.54 -17.87
CA VAL C 67 -0.15 -10.93 -18.84
C VAL C 67 0.20 -10.42 -20.24
N LYS C 68 1.44 -10.00 -20.45
CA LYS C 68 1.82 -9.46 -21.75
C LYS C 68 1.92 -10.58 -22.79
N GLY C 69 1.39 -10.30 -23.98
CA GLY C 69 1.42 -11.26 -25.07
C GLY C 69 0.31 -12.28 -25.06
N ARG C 70 -0.30 -12.56 -23.91
CA ARG C 70 -1.37 -13.54 -23.82
C ARG C 70 -2.77 -12.92 -23.88
N PHE C 71 -2.92 -11.68 -23.44
CA PHE C 71 -4.21 -11.01 -23.42
C PHE C 71 -4.14 -9.72 -24.24
N THR C 72 -5.31 -9.29 -24.71
CA THR C 72 -5.45 -8.00 -25.39
C THR C 72 -6.84 -7.46 -25.13
N ILE C 73 -6.92 -6.18 -24.78
CA ILE C 73 -8.17 -5.53 -24.42
C ILE C 73 -8.64 -4.65 -25.58
N SER C 74 -9.93 -4.73 -25.89
CA SER C 74 -10.53 -3.94 -26.93
C SER C 74 -11.81 -3.31 -26.41
N ARG C 75 -12.20 -2.18 -27.01
CA ARG C 75 -13.41 -1.49 -26.59
C ARG C 75 -14.20 -1.09 -27.82
N ASP C 76 -15.50 -0.85 -27.61
CA ASP C 76 -16.42 -0.56 -28.70
C ASP C 76 -17.40 0.50 -28.20
N ASN C 77 -17.33 1.70 -28.78
CA ASN C 77 -18.23 2.78 -28.40
C ASN C 77 -19.46 2.83 -29.31
N ALA C 78 -20.14 1.69 -29.47
CA ALA C 78 -21.38 1.65 -30.23
C ALA C 78 -22.42 0.87 -29.44
N LYS C 79 -21.95 0.02 -28.53
CA LYS C 79 -22.81 -0.70 -27.61
C LYS C 79 -22.43 -0.43 -26.16
N ASN C 80 -21.52 0.51 -25.91
CA ASN C 80 -20.98 0.76 -24.58
C ASN C 80 -20.38 -0.53 -24.00
N THR C 81 -19.65 -1.26 -24.84
CA THR C 81 -19.12 -2.57 -24.46
C THR C 81 -17.63 -2.63 -24.78
N VAL C 82 -16.88 -3.32 -23.90
CA VAL C 82 -15.47 -3.55 -24.11
C VAL C 82 -15.22 -5.05 -24.08
N TYR C 83 -14.15 -5.48 -24.74
CA TYR C 83 -13.81 -6.89 -24.84
C TYR C 83 -12.38 -7.13 -24.37
N LEU C 84 -12.19 -8.26 -23.69
CA LEU C 84 -10.87 -8.70 -23.24
C LEU C 84 -10.61 -10.07 -23.86
N GLN C 85 -9.72 -10.10 -24.85
CA GLN C 85 -9.45 -11.32 -25.62
C GLN C 85 -8.30 -12.07 -24.97
N MET C 86 -8.50 -13.37 -24.73
CA MET C 86 -7.53 -14.20 -24.04
C MET C 86 -7.18 -15.41 -24.89
N ASN C 87 -5.89 -15.74 -24.94
CA ASN C 87 -5.41 -16.88 -25.72
C ASN C 87 -4.22 -17.51 -24.99
N SER C 88 -4.00 -18.80 -25.26
CA SER C 88 -2.95 -19.59 -24.62
C SER C 88 -3.14 -19.59 -23.10
N LEU C 89 -4.34 -19.98 -22.69
CA LEU C 89 -4.73 -19.93 -21.29
C LEU C 89 -4.02 -21.02 -20.50
N LYS C 90 -3.93 -20.81 -19.20
CA LYS C 90 -3.13 -21.65 -18.31
C LYS C 90 -3.89 -21.87 -17.02
N PRO C 91 -3.48 -22.86 -16.21
CA PRO C 91 -4.19 -23.10 -14.94
C PRO C 91 -4.19 -21.93 -14.00
N GLU C 92 -3.19 -21.05 -14.04
CA GLU C 92 -3.15 -19.92 -13.12
C GLU C 92 -4.03 -18.75 -13.58
N ASP C 93 -4.60 -18.82 -14.78
CA ASP C 93 -5.45 -17.75 -15.28
C ASP C 93 -6.82 -17.72 -14.63
N THR C 94 -7.23 -18.78 -13.93
CA THR C 94 -8.57 -18.84 -13.37
C THR C 94 -8.74 -17.83 -12.23
N ALA C 95 -9.85 -17.11 -12.27
CA ALA C 95 -10.17 -16.09 -11.28
C ALA C 95 -11.63 -15.71 -11.46
N VAL C 96 -12.05 -14.64 -10.79
CA VAL C 96 -13.32 -13.97 -11.05
C VAL C 96 -12.99 -12.58 -11.56
N TYR C 97 -13.34 -12.34 -12.83
CA TYR C 97 -12.96 -11.06 -13.47
C TYR C 97 -14.01 -9.99 -13.17
N TYR C 98 -13.55 -8.78 -12.90
CA TYR C 98 -14.48 -7.67 -12.56
C TYR C 98 -14.23 -6.52 -13.53
N CYS C 99 -15.29 -5.99 -14.11
CA CYS C 99 -15.23 -4.72 -14.87
C CYS C 99 -15.31 -3.56 -13.88
N ASN C 100 -14.32 -2.66 -13.90
CA ASN C 100 -14.31 -1.57 -12.93
C ASN C 100 -14.14 -0.24 -13.64
N VAL C 101 -14.90 0.76 -13.19
CA VAL C 101 -14.82 2.13 -13.68
C VAL C 101 -14.69 3.06 -12.49
N LYS C 102 -13.91 4.13 -12.65
CA LYS C 102 -13.60 5.04 -11.56
C LYS C 102 -14.07 6.45 -11.88
N ASP C 103 -14.43 7.19 -10.84
CA ASP C 103 -14.72 8.62 -10.91
C ASP C 103 -15.88 8.91 -11.87
N ILE C 104 -17.06 8.42 -11.50
CA ILE C 104 -18.22 8.60 -12.37
C ILE C 104 -19.42 9.16 -11.62
N GLY C 105 -19.22 9.72 -10.45
CA GLY C 105 -20.30 10.21 -9.64
C GLY C 105 -20.66 11.67 -9.91
N TRP C 106 -21.55 12.20 -9.08
CA TRP C 106 -21.82 13.63 -9.08
C TRP C 106 -20.62 14.43 -8.62
N TRP C 107 -19.71 13.82 -7.86
CA TRP C 107 -18.51 14.48 -7.38
C TRP C 107 -17.24 13.91 -7.99
N ALA C 108 -17.37 13.01 -8.96
CA ALA C 108 -16.23 12.32 -9.56
C ALA C 108 -15.41 11.58 -8.50
N ALA C 109 -16.10 10.78 -7.69
CA ALA C 109 -15.43 10.04 -6.64
C ALA C 109 -15.94 8.61 -6.46
N TYR C 110 -16.87 8.16 -7.28
CA TYR C 110 -17.49 6.86 -7.08
C TYR C 110 -16.83 5.79 -7.95
N ASP C 111 -16.94 4.55 -7.50
CA ASP C 111 -16.50 3.38 -8.25
C ASP C 111 -17.63 2.38 -8.35
N TYR C 112 -17.57 1.52 -9.36
CA TYR C 112 -18.60 0.49 -9.52
C TYR C 112 -17.97 -0.76 -10.09
N TRP C 113 -18.26 -1.89 -9.44
CA TRP C 113 -17.79 -3.20 -9.86
C TRP C 113 -19.00 -4.03 -10.29
N GLY C 114 -18.85 -4.76 -11.40
CA GLY C 114 -19.92 -5.58 -11.90
C GLY C 114 -20.15 -6.82 -11.04
N GLN C 115 -21.14 -7.61 -11.46
CA GLN C 115 -21.42 -8.87 -10.77
C GLN C 115 -20.35 -9.92 -11.04
N GLY C 116 -19.49 -9.72 -12.02
CA GLY C 116 -18.37 -10.60 -12.27
C GLY C 116 -18.75 -11.84 -13.05
N THR C 117 -17.74 -12.44 -13.67
CA THR C 117 -17.87 -13.69 -14.39
C THR C 117 -16.81 -14.67 -13.88
N GLN C 118 -17.09 -15.95 -14.05
CA GLN C 118 -16.21 -17.00 -13.58
C GLN C 118 -15.52 -17.69 -14.75
N VAL C 119 -14.19 -17.69 -14.71
CA VAL C 119 -13.39 -18.33 -15.80
C VAL C 119 -12.52 -19.39 -15.14
N THR C 120 -12.81 -20.68 -15.36
CA THR C 120 -11.93 -21.66 -14.68
C THR C 120 -11.22 -22.54 -15.69
N VAL C 121 -9.89 -22.46 -15.69
CA VAL C 121 -9.05 -23.30 -16.59
C VAL C 121 -8.51 -24.40 -15.67
N PRO C 122 -8.86 -25.69 -15.89
CA PRO C 122 -8.47 -26.73 -14.94
C PRO C 122 -7.07 -27.38 -15.11
N PRO C 123 -6.49 -28.16 -14.14
CA PRO C 123 -5.13 -28.69 -14.34
C PRO C 123 -5.08 -29.81 -15.38
N LEU C 124 -3.88 -30.14 -15.87
CA LEU C 124 -3.73 -31.20 -16.90
C LEU C 124 -4.33 -32.48 -16.33
N VAL C 125 -5.14 -33.20 -17.13
CA VAL C 125 -5.85 -34.39 -16.58
C VAL C 125 -5.24 -35.68 -17.11
N ILE C 126 -4.46 -36.39 -16.28
CA ILE C 126 -3.97 -37.71 -16.67
C ILE C 126 -4.81 -38.78 -15.96
N TRP C 127 -5.24 -39.81 -16.71
CA TRP C 127 -5.83 -41.03 -16.16
C TRP C 127 -4.86 -42.19 -16.36
N ILE C 128 -4.66 -42.98 -15.30
CA ILE C 128 -3.83 -44.19 -15.26
C ILE C 128 -4.39 -45.14 -14.20
N ASN C 129 -4.24 -46.46 -14.39
CA ASN C 129 -4.84 -47.47 -13.52
C ASN C 129 -4.30 -47.43 -12.08
N GLY C 130 -5.16 -47.83 -11.13
CA GLY C 130 -4.91 -47.76 -9.69
C GLY C 130 -3.84 -48.76 -9.19
N ASP C 131 -3.36 -49.69 -10.04
CA ASP C 131 -2.25 -50.59 -9.71
C ASP C 131 -0.88 -49.98 -10.10
N LYS C 132 -0.86 -48.95 -10.97
CA LYS C 132 0.35 -48.29 -11.47
C LYS C 132 0.84 -47.17 -10.54
N GLY C 133 2.02 -46.63 -10.88
CA GLY C 133 2.75 -45.65 -10.08
C GLY C 133 2.22 -44.24 -10.32
N TYR C 134 0.98 -43.97 -9.90
CA TYR C 134 0.29 -42.69 -10.06
C TYR C 134 0.85 -41.55 -9.17
N ASN C 135 1.42 -41.88 -7.99
CA ASN C 135 2.10 -40.90 -7.12
C ASN C 135 3.47 -40.52 -7.68
N GLY C 136 4.17 -41.49 -8.29
CA GLY C 136 5.45 -41.30 -8.97
C GLY C 136 5.27 -40.48 -10.26
N LEU C 137 4.14 -40.67 -10.98
CA LEU C 137 3.73 -39.90 -12.14
C LEU C 137 3.29 -38.47 -11.78
N ALA C 138 2.73 -38.29 -10.57
CA ALA C 138 2.39 -36.98 -10.02
C ALA C 138 3.62 -36.15 -9.62
N GLU C 139 4.75 -36.80 -9.29
CA GLU C 139 6.06 -36.15 -9.10
C GLU C 139 6.66 -35.61 -10.41
N VAL C 140 6.42 -36.32 -11.54
CA VAL C 140 6.74 -35.83 -12.89
C VAL C 140 5.86 -34.63 -13.27
N GLY C 141 4.60 -34.63 -12.78
CA GLY C 141 3.63 -33.56 -12.95
C GLY C 141 3.99 -32.30 -12.14
N LYS C 142 4.63 -32.46 -10.96
CA LYS C 142 5.15 -31.37 -10.13
C LYS C 142 6.38 -30.68 -10.75
N LYS C 143 7.25 -31.46 -11.42
CA LYS C 143 8.39 -30.92 -12.16
C LYS C 143 7.97 -30.25 -13.47
N PHE C 144 6.90 -30.74 -14.12
CA PHE C 144 6.24 -30.10 -15.26
C PHE C 144 5.69 -28.72 -14.85
N GLU C 145 4.88 -28.69 -13.78
CA GLU C 145 4.31 -27.49 -13.14
C GLU C 145 5.35 -26.44 -12.72
N LYS C 146 6.51 -26.88 -12.20
CA LYS C 146 7.60 -26.01 -11.78
C LYS C 146 8.21 -25.23 -12.96
N ASP C 147 8.52 -25.95 -14.04
CA ASP C 147 9.12 -25.38 -15.25
C ASP C 147 8.16 -24.54 -16.09
N THR C 148 6.85 -24.87 -16.10
CA THR C 148 5.90 -24.34 -17.08
C THR C 148 4.76 -23.48 -16.48
N GLY C 149 4.52 -23.59 -15.17
CA GLY C 149 3.48 -22.85 -14.43
C GLY C 149 2.08 -23.51 -14.51
N ILE C 150 1.94 -24.68 -15.17
CA ILE C 150 0.65 -25.36 -15.40
C ILE C 150 0.62 -26.65 -14.57
N LYS C 151 -0.32 -26.70 -13.60
CA LYS C 151 -0.58 -27.85 -12.75
C LYS C 151 -0.98 -29.10 -13.56
N VAL C 152 -0.53 -30.26 -13.05
CA VAL C 152 -0.89 -31.57 -13.56
C VAL C 152 -1.59 -32.34 -12.43
N THR C 153 -2.71 -33.00 -12.76
CA THR C 153 -3.45 -33.86 -11.84
C THR C 153 -3.48 -35.28 -12.43
N VAL C 154 -3.03 -36.26 -11.64
CA VAL C 154 -3.11 -37.68 -11.98
C VAL C 154 -4.27 -38.29 -11.18
N GLU C 155 -5.23 -38.87 -11.89
CA GLU C 155 -6.39 -39.58 -11.34
C GLU C 155 -6.28 -41.07 -11.73
N HIS C 156 -7.05 -41.90 -10.99
CA HIS C 156 -7.08 -43.34 -11.19
C HIS C 156 -8.50 -43.90 -11.00
N PRO C 157 -9.46 -43.49 -11.88
CA PRO C 157 -10.86 -43.96 -11.77
C PRO C 157 -11.02 -45.48 -11.98
N ASP C 158 -12.00 -46.07 -11.28
CA ASP C 158 -12.51 -47.42 -11.54
C ASP C 158 -12.97 -47.57 -13.00
N LYS C 159 -12.54 -48.68 -13.62
CA LYS C 159 -12.94 -49.14 -14.95
C LYS C 159 -12.61 -48.11 -16.03
N LEU C 160 -11.44 -47.44 -15.93
CA LEU C 160 -11.04 -46.31 -16.78
C LEU C 160 -10.98 -46.63 -18.28
N GLU C 161 -10.72 -47.90 -18.62
CA GLU C 161 -10.70 -48.42 -19.98
C GLU C 161 -12.10 -48.50 -20.63
N GLU C 162 -13.15 -48.53 -19.79
CA GLU C 162 -14.55 -48.47 -20.19
C GLU C 162 -15.12 -47.05 -20.01
N LYS C 163 -14.57 -46.30 -19.03
CA LYS C 163 -14.92 -44.92 -18.68
C LYS C 163 -14.45 -43.92 -19.76
N PHE C 164 -13.24 -44.13 -20.30
CA PHE C 164 -12.63 -43.29 -21.34
C PHE C 164 -13.46 -43.20 -22.64
N PRO C 165 -13.83 -44.33 -23.27
CA PRO C 165 -14.68 -44.29 -24.47
C PRO C 165 -16.13 -43.80 -24.25
N GLN C 166 -16.61 -43.81 -22.99
CA GLN C 166 -17.84 -43.11 -22.61
C GLN C 166 -17.66 -41.59 -22.70
N VAL C 167 -16.78 -41.02 -21.86
CA VAL C 167 -16.63 -39.58 -21.66
C VAL C 167 -15.93 -38.83 -22.82
N ALA C 168 -14.97 -39.49 -23.51
CA ALA C 168 -14.35 -38.97 -24.73
C ALA C 168 -15.34 -38.85 -25.88
N ALA C 169 -16.34 -39.76 -25.91
CA ALA C 169 -17.47 -39.73 -26.83
C ALA C 169 -18.62 -38.79 -26.40
N THR C 170 -18.57 -38.21 -25.17
CA THR C 170 -19.44 -37.10 -24.78
C THR C 170 -18.79 -35.71 -24.98
N GLY C 171 -17.49 -35.68 -25.33
CA GLY C 171 -16.77 -34.43 -25.62
C GLY C 171 -16.16 -33.82 -24.36
N ASP C 172 -15.54 -34.66 -23.50
CA ASP C 172 -14.64 -34.24 -22.43
C ASP C 172 -13.70 -35.42 -22.10
N GLY C 173 -13.38 -35.62 -20.82
CA GLY C 173 -12.51 -36.68 -20.33
C GLY C 173 -11.10 -36.13 -20.03
N PRO C 174 -10.12 -37.03 -19.78
CA PRO C 174 -8.74 -36.62 -19.50
C PRO C 174 -8.03 -36.14 -20.77
N ASP C 175 -6.99 -35.31 -20.58
CA ASP C 175 -6.10 -34.88 -21.66
C ASP C 175 -5.22 -36.03 -22.19
N ILE C 176 -4.83 -36.95 -21.31
CA ILE C 176 -3.97 -38.08 -21.61
C ILE C 176 -4.48 -39.32 -20.85
N ILE C 177 -4.58 -40.44 -21.58
CA ILE C 177 -5.13 -41.72 -21.17
C ILE C 177 -4.04 -42.81 -21.20
N PHE C 178 -3.73 -43.39 -20.03
CA PHE C 178 -2.83 -44.54 -19.88
C PHE C 178 -3.64 -45.84 -19.78
N TRP C 179 -3.28 -46.83 -20.60
CA TRP C 179 -3.69 -48.22 -20.48
C TRP C 179 -2.69 -49.09 -21.25
N ALA C 180 -2.81 -50.42 -21.16
CA ALA C 180 -2.17 -51.33 -22.11
C ALA C 180 -2.68 -51.09 -23.56
N HIS C 181 -1.82 -51.31 -24.55
CA HIS C 181 -2.04 -50.93 -25.95
C HIS C 181 -3.26 -51.59 -26.64
N ASP C 182 -3.83 -52.66 -26.06
CA ASP C 182 -4.91 -53.48 -26.62
C ASP C 182 -6.22 -52.69 -26.87
N ARG C 183 -6.54 -51.74 -25.97
CA ARG C 183 -7.75 -50.94 -26.02
C ARG C 183 -7.70 -49.78 -27.03
N PHE C 184 -6.48 -49.35 -27.40
CA PHE C 184 -6.24 -48.14 -28.18
C PHE C 184 -6.72 -48.15 -29.64
N GLY C 185 -6.85 -49.34 -30.27
CA GLY C 185 -7.37 -49.42 -31.64
C GLY C 185 -8.89 -49.24 -31.67
N GLY C 186 -9.62 -49.59 -30.59
CA GLY C 186 -11.05 -49.32 -30.45
C GLY C 186 -11.31 -47.83 -30.21
N TYR C 187 -10.42 -47.15 -29.47
CA TYR C 187 -10.46 -45.70 -29.25
C TYR C 187 -10.14 -44.92 -30.54
N ALA C 188 -9.10 -45.36 -31.27
CA ALA C 188 -8.67 -44.79 -32.55
C ALA C 188 -9.71 -44.95 -33.67
N GLN C 189 -10.41 -46.10 -33.71
CA GLN C 189 -11.50 -46.39 -34.64
C GLN C 189 -12.72 -45.47 -34.43
N SER C 190 -12.99 -45.15 -33.17
CA SER C 190 -14.05 -44.23 -32.75
C SER C 190 -13.67 -42.74 -32.89
N GLY C 191 -12.41 -42.45 -33.25
CA GLY C 191 -11.89 -41.09 -33.46
C GLY C 191 -11.62 -40.35 -32.14
N LEU C 192 -11.44 -41.07 -31.02
CA LEU C 192 -11.28 -40.53 -29.67
C LEU C 192 -9.83 -40.20 -29.30
N LEU C 193 -8.86 -40.51 -30.18
CA LEU C 193 -7.44 -40.24 -29.98
C LEU C 193 -6.95 -39.27 -31.05
N ALA C 194 -6.14 -38.30 -30.61
CA ALA C 194 -5.30 -37.47 -31.48
C ALA C 194 -4.12 -38.29 -32.00
N GLU C 195 -3.73 -38.04 -33.26
CA GLU C 195 -2.50 -38.57 -33.85
C GLU C 195 -1.30 -37.87 -33.20
N ILE C 196 -0.39 -38.67 -32.61
CA ILE C 196 0.84 -38.17 -32.01
C ILE C 196 1.92 -37.99 -33.10
N THR C 197 2.83 -37.02 -32.88
CA THR C 197 3.76 -36.54 -33.91
C THR C 197 5.24 -36.49 -33.44
N PRO C 198 5.78 -37.56 -32.80
CA PRO C 198 7.22 -37.61 -32.46
C PRO C 198 8.11 -37.65 -33.71
N ASP C 199 9.20 -36.86 -33.70
CA ASP C 199 10.23 -36.89 -34.74
C ASP C 199 11.03 -38.21 -34.70
N LYS C 200 11.82 -38.47 -35.76
CA LYS C 200 12.69 -39.64 -35.84
C LYS C 200 13.69 -39.75 -34.66
N ALA C 201 14.27 -38.61 -34.24
CA ALA C 201 15.18 -38.55 -33.09
C ALA C 201 14.57 -39.06 -31.78
N PHE C 202 13.28 -38.73 -31.53
CA PHE C 202 12.51 -39.24 -30.41
C PHE C 202 12.13 -40.72 -30.56
N GLN C 203 11.76 -41.16 -31.78
CA GLN C 203 11.43 -42.55 -32.09
C GLN C 203 12.58 -43.54 -31.86
N ASP C 204 13.81 -43.13 -32.22
CA ASP C 204 15.06 -43.87 -31.99
C ASP C 204 15.42 -44.08 -30.51
N LYS C 205 14.81 -43.33 -29.57
CA LYS C 205 14.98 -43.53 -28.14
C LYS C 205 14.23 -44.76 -27.60
N LEU C 206 13.17 -45.22 -28.28
CA LEU C 206 12.34 -46.34 -27.83
C LEU C 206 12.52 -47.55 -28.76
N TYR C 207 12.49 -48.77 -28.20
CA TYR C 207 12.58 -50.05 -28.94
C TYR C 207 11.43 -50.19 -29.97
N PRO C 208 11.75 -50.54 -31.24
CA PRO C 208 10.78 -50.39 -32.36
C PRO C 208 9.53 -51.28 -32.33
N PHE C 209 9.57 -52.43 -31.62
CA PHE C 209 8.39 -53.29 -31.44
C PHE C 209 7.34 -52.68 -30.50
N THR C 210 7.77 -51.77 -29.60
CA THR C 210 6.88 -50.99 -28.73
C THR C 210 6.12 -49.90 -29.51
N TRP C 211 6.73 -49.33 -30.58
CA TRP C 211 6.04 -48.47 -31.55
C TRP C 211 5.01 -49.20 -32.41
N ASP C 212 5.27 -50.49 -32.74
CA ASP C 212 4.36 -51.36 -33.48
C ASP C 212 3.09 -51.72 -32.69
N ALA C 213 3.19 -51.80 -31.35
CA ALA C 213 2.08 -52.02 -30.42
C ALA C 213 1.04 -50.89 -30.43
N VAL C 214 1.51 -49.65 -30.60
CA VAL C 214 0.70 -48.43 -30.65
C VAL C 214 0.48 -47.92 -32.09
N ARG C 215 0.63 -48.80 -33.10
CA ARG C 215 0.37 -48.49 -34.49
C ARG C 215 -1.00 -49.06 -34.91
N TYR C 216 -1.84 -48.21 -35.52
CA TYR C 216 -3.19 -48.55 -35.98
C TYR C 216 -3.51 -47.76 -37.25
N ASN C 217 -3.84 -48.43 -38.36
CA ASN C 217 -4.01 -47.85 -39.71
C ASN C 217 -2.73 -47.13 -40.24
N GLY C 218 -1.55 -47.59 -39.78
CA GLY C 218 -0.26 -46.98 -40.11
C GLY C 218 -0.01 -45.66 -39.35
N LYS C 219 -0.84 -45.35 -38.33
CA LYS C 219 -0.74 -44.15 -37.49
C LYS C 219 -0.17 -44.54 -36.13
N LEU C 220 0.77 -43.75 -35.60
CA LEU C 220 1.09 -43.78 -34.16
C LEU C 220 -0.01 -42.99 -33.42
N ILE C 221 -0.73 -43.69 -32.53
CA ILE C 221 -1.90 -43.18 -31.80
C ILE C 221 -1.69 -43.11 -30.27
N ALA C 222 -0.48 -43.45 -29.79
CA ALA C 222 -0.07 -43.39 -28.40
C ALA C 222 1.45 -43.53 -28.28
N TYR C 223 2.00 -43.05 -27.15
CA TYR C 223 3.41 -43.19 -26.78
C TYR C 223 3.58 -44.46 -25.94
N PRO C 224 4.43 -45.42 -26.37
CA PRO C 224 4.71 -46.62 -25.57
C PRO C 224 5.68 -46.30 -24.43
N ILE C 225 5.36 -46.79 -23.22
CA ILE C 225 6.02 -46.42 -21.97
C ILE C 225 6.83 -47.59 -21.41
N ALA C 226 6.25 -48.80 -21.37
CA ALA C 226 6.88 -49.98 -20.79
C ALA C 226 6.15 -51.28 -21.16
N VAL C 227 6.91 -52.38 -21.19
CA VAL C 227 6.44 -53.72 -21.54
C VAL C 227 6.19 -54.54 -20.26
N GLU C 228 5.00 -55.12 -20.19
CA GLU C 228 4.43 -55.85 -19.07
C GLU C 228 4.21 -57.31 -19.46
N ALA C 229 4.48 -58.22 -18.52
CA ALA C 229 4.12 -59.63 -18.60
C ALA C 229 4.06 -60.22 -17.19
N LEU C 230 3.15 -61.18 -17.02
CA LEU C 230 2.95 -61.92 -15.79
C LEU C 230 4.13 -62.86 -15.52
N SER C 231 4.54 -62.93 -14.25
CA SER C 231 5.59 -63.80 -13.76
C SER C 231 5.09 -64.57 -12.53
N LEU C 232 5.68 -65.74 -12.29
CA LEU C 232 5.48 -66.53 -11.09
C LEU C 232 6.34 -65.91 -9.98
N ILE C 233 5.67 -65.45 -8.93
CA ILE C 233 6.29 -64.79 -7.79
C ILE C 233 6.09 -65.73 -6.59
N TYR C 234 7.17 -65.98 -5.85
CA TYR C 234 7.20 -67.00 -4.79
C TYR C 234 7.95 -66.48 -3.56
N ASN C 235 7.51 -66.93 -2.38
CA ASN C 235 8.16 -66.69 -1.09
C ASN C 235 9.31 -67.70 -0.94
N LYS C 236 10.56 -67.21 -1.03
CA LYS C 236 11.79 -68.00 -0.96
C LYS C 236 11.99 -68.76 0.37
N ASP C 237 11.41 -68.28 1.47
CA ASP C 237 11.46 -68.94 2.78
C ASP C 237 10.50 -70.15 2.84
N LEU C 238 9.23 -69.94 2.47
CA LEU C 238 8.20 -71.00 2.35
C LEU C 238 8.52 -72.05 1.29
N LEU C 239 9.23 -71.65 0.22
CA LEU C 239 9.40 -72.40 -1.00
C LEU C 239 10.69 -71.93 -1.71
N PRO C 240 11.88 -72.38 -1.25
CA PRO C 240 13.16 -71.98 -1.87
C PRO C 240 13.38 -72.47 -3.31
N ASN C 241 12.68 -73.54 -3.70
CA ASN C 241 12.71 -74.15 -5.02
C ASN C 241 11.27 -74.26 -5.53
N PRO C 242 10.77 -73.22 -6.26
CA PRO C 242 9.39 -73.24 -6.77
C PRO C 242 9.19 -74.25 -7.92
N PRO C 243 7.92 -74.71 -8.11
CA PRO C 243 7.57 -75.72 -9.13
C PRO C 243 7.76 -75.21 -10.58
N LYS C 244 8.36 -76.06 -11.41
CA LYS C 244 8.52 -75.83 -12.85
C LYS C 244 7.24 -76.06 -13.65
N THR C 245 6.27 -76.80 -13.09
CA THR C 245 5.10 -77.30 -13.79
C THR C 245 3.81 -77.02 -12.97
N TRP C 246 2.68 -76.77 -13.65
CA TRP C 246 1.36 -76.60 -13.04
C TRP C 246 0.86 -77.87 -12.32
N GLU C 247 1.17 -79.04 -12.89
CA GLU C 247 0.74 -80.37 -12.45
C GLU C 247 1.21 -80.80 -11.05
N GLU C 248 2.30 -80.21 -10.53
CA GLU C 248 2.87 -80.49 -9.21
C GLU C 248 2.36 -79.52 -8.11
N ILE C 249 1.58 -78.48 -8.48
CA ILE C 249 0.96 -77.53 -7.54
C ILE C 249 -0.11 -78.11 -6.57
N PRO C 250 -0.95 -79.10 -7.00
CA PRO C 250 -1.83 -79.85 -6.07
C PRO C 250 -1.11 -80.55 -4.92
N ALA C 251 -0.03 -81.28 -5.25
CA ALA C 251 0.89 -81.95 -4.32
C ALA C 251 1.58 -81.00 -3.35
N LEU C 252 1.96 -79.81 -3.85
CA LEU C 252 2.57 -78.73 -3.07
C LEU C 252 1.59 -78.10 -2.06
N ASP C 253 0.32 -77.96 -2.47
CA ASP C 253 -0.74 -77.29 -1.70
C ASP C 253 -1.15 -78.07 -0.44
N LYS C 254 -1.30 -79.39 -0.56
CA LYS C 254 -1.63 -80.28 0.55
C LYS C 254 -0.50 -80.45 1.58
N GLU C 255 0.77 -80.33 1.14
CA GLU C 255 1.94 -80.16 2.03
C GLU C 255 1.89 -78.82 2.80
N LEU C 256 1.48 -77.75 2.11
CA LEU C 256 1.36 -76.40 2.66
C LEU C 256 0.15 -76.22 3.59
N LYS C 257 -1.00 -76.87 3.31
CA LYS C 257 -2.16 -76.91 4.19
C LYS C 257 -1.94 -77.69 5.49
N ALA C 258 -1.01 -78.66 5.49
CA ALA C 258 -0.50 -79.29 6.72
C ALA C 258 0.31 -78.32 7.58
N LYS C 259 1.03 -77.39 6.92
CA LYS C 259 1.69 -76.22 7.53
C LYS C 259 0.71 -75.08 7.93
N GLY C 260 -0.54 -75.12 7.42
CA GLY C 260 -1.57 -74.10 7.65
C GLY C 260 -1.57 -72.98 6.60
N LYS C 261 -0.86 -73.18 5.47
CA LYS C 261 -0.67 -72.25 4.36
C LYS C 261 -1.37 -72.76 3.09
N SER C 262 -0.99 -72.23 1.91
CA SER C 262 -1.43 -72.72 0.60
C SER C 262 -0.31 -72.52 -0.45
N ALA C 263 -0.44 -73.20 -1.61
CA ALA C 263 0.53 -73.12 -2.70
C ALA C 263 0.44 -71.83 -3.52
N LEU C 264 -0.76 -71.53 -4.03
CA LEU C 264 -0.95 -70.50 -5.06
C LEU C 264 -2.30 -69.79 -4.87
N MET C 265 -2.24 -68.45 -4.81
CA MET C 265 -3.41 -67.57 -4.91
C MET C 265 -3.07 -66.41 -5.85
N PHE C 266 -3.93 -66.20 -6.85
CA PHE C 266 -3.84 -65.13 -7.85
C PHE C 266 -5.26 -64.78 -8.32
N ASN C 267 -5.42 -63.60 -8.93
CA ASN C 267 -6.68 -63.05 -9.43
C ASN C 267 -7.33 -63.98 -10.49
N LEU C 268 -8.52 -64.49 -10.16
CA LEU C 268 -9.33 -65.35 -11.04
C LEU C 268 -10.45 -64.57 -11.74
N GLN C 269 -10.73 -63.34 -11.30
CA GLN C 269 -11.82 -62.50 -11.82
C GLN C 269 -11.49 -61.88 -13.18
N GLU C 270 -10.21 -61.53 -13.39
CA GLU C 270 -9.73 -60.97 -14.65
C GLU C 270 -9.09 -62.09 -15.49
N PRO C 271 -9.54 -62.26 -16.75
CA PRO C 271 -9.03 -63.31 -17.63
C PRO C 271 -7.57 -63.14 -18.08
N TYR C 272 -6.99 -61.94 -17.92
CA TYR C 272 -5.57 -61.63 -18.15
C TYR C 272 -4.61 -62.55 -17.37
N PHE C 273 -5.01 -62.89 -16.14
CA PHE C 273 -4.26 -63.72 -15.19
C PHE C 273 -4.40 -65.22 -15.41
N THR C 274 -5.54 -65.66 -15.96
CA THR C 274 -5.85 -67.07 -16.24
C THR C 274 -5.53 -67.45 -17.71
N TRP C 275 -5.31 -66.43 -18.57
CA TRP C 275 -4.90 -66.58 -19.96
C TRP C 275 -3.56 -67.31 -20.23
N PRO C 276 -2.52 -67.18 -19.38
CA PRO C 276 -1.25 -67.91 -19.59
C PRO C 276 -1.41 -69.44 -19.57
N LEU C 277 -2.28 -69.95 -18.69
CA LEU C 277 -2.63 -71.35 -18.54
C LEU C 277 -3.49 -71.84 -19.74
N ILE C 278 -4.52 -71.06 -20.11
CA ILE C 278 -5.44 -71.31 -21.24
C ILE C 278 -4.72 -71.39 -22.59
N ALA C 279 -3.83 -70.42 -22.85
CA ALA C 279 -3.07 -70.30 -24.09
C ALA C 279 -1.87 -71.25 -24.21
N ALA C 280 -1.43 -71.85 -23.08
CA ALA C 280 -0.27 -72.75 -22.99
C ALA C 280 -0.31 -73.92 -23.98
N ASP C 281 -1.45 -74.61 -24.06
CA ASP C 281 -1.65 -75.81 -24.88
C ASP C 281 -2.29 -75.49 -26.25
N GLY C 282 -2.35 -74.21 -26.65
CA GLY C 282 -2.72 -73.82 -28.00
C GLY C 282 -4.00 -72.99 -28.07
N GLY C 283 -4.55 -72.49 -26.94
CA GLY C 283 -5.59 -71.46 -26.94
C GLY C 283 -5.02 -70.13 -27.49
N TYR C 284 -5.85 -69.33 -28.16
CA TYR C 284 -5.45 -68.05 -28.76
C TYR C 284 -6.64 -67.11 -28.92
N ALA C 285 -6.36 -65.80 -29.08
CA ALA C 285 -7.36 -64.77 -29.37
C ALA C 285 -7.72 -64.82 -30.86
N PHE C 286 -7.05 -64.00 -31.69
CA PHE C 286 -7.25 -63.92 -33.13
C PHE C 286 -5.98 -64.38 -33.87
N LYS C 287 -6.12 -65.00 -35.05
CA LYS C 287 -4.92 -65.63 -35.69
C LYS C 287 -4.51 -64.99 -37.02
N TYR C 288 -4.03 -65.81 -37.97
CA TYR C 288 -3.56 -65.33 -39.30
C TYR C 288 -2.38 -64.38 -39.17
N GLU C 289 -2.29 -63.40 -40.09
CA GLU C 289 -1.18 -62.41 -40.08
C GLU C 289 -1.38 -61.45 -38.91
N ASN C 290 -0.31 -60.81 -38.44
CA ASN C 290 -0.49 -59.78 -37.37
C ASN C 290 -1.37 -58.65 -37.92
N GLY C 291 -1.13 -58.21 -39.16
CA GLY C 291 -2.03 -57.19 -39.74
C GLY C 291 -3.45 -57.71 -39.90
N LYS C 292 -3.60 -58.94 -40.42
CA LYS C 292 -4.95 -59.51 -40.67
C LYS C 292 -5.69 -59.79 -39.36
N TYR C 293 -5.02 -60.35 -38.35
CA TYR C 293 -5.69 -60.79 -37.09
C TYR C 293 -7.07 -61.36 -37.43
N ASP C 294 -7.11 -62.37 -38.31
CA ASP C 294 -8.36 -62.95 -38.79
C ASP C 294 -9.44 -63.08 -37.69
N ILE C 295 -10.43 -62.18 -37.79
CA ILE C 295 -11.51 -62.00 -36.81
C ILE C 295 -12.58 -63.11 -36.83
N LYS C 296 -12.63 -63.88 -37.92
CA LYS C 296 -13.44 -65.10 -38.07
C LYS C 296 -12.87 -66.27 -37.25
N ASP C 297 -11.54 -66.25 -37.06
CA ASP C 297 -10.72 -67.35 -36.61
C ASP C 297 -10.29 -67.06 -35.16
N VAL C 298 -11.13 -67.53 -34.22
CA VAL C 298 -10.94 -67.33 -32.78
C VAL C 298 -10.63 -68.68 -32.11
N GLY C 299 -9.67 -68.68 -31.17
CA GLY C 299 -9.06 -69.90 -30.63
C GLY C 299 -9.50 -70.23 -29.20
N VAL C 300 -10.65 -69.71 -28.74
CA VAL C 300 -11.12 -69.93 -27.37
C VAL C 300 -11.89 -71.26 -27.19
N ASP C 301 -12.49 -71.82 -28.26
CA ASP C 301 -13.26 -73.07 -28.22
C ASP C 301 -12.41 -74.33 -28.50
N ASN C 302 -11.11 -74.18 -28.78
CA ASN C 302 -10.23 -75.33 -29.07
C ASN C 302 -9.88 -76.15 -27.83
N ALA C 303 -9.34 -77.36 -28.06
CA ALA C 303 -8.91 -78.31 -27.04
C ALA C 303 -7.79 -77.79 -26.11
N GLY C 304 -6.94 -76.88 -26.61
CA GLY C 304 -5.85 -76.28 -25.86
C GLY C 304 -6.37 -75.34 -24.76
N ALA C 305 -7.37 -74.51 -25.09
CA ALA C 305 -8.10 -73.66 -24.16
C ALA C 305 -8.92 -74.44 -23.12
N LYS C 306 -9.56 -75.54 -23.58
CA LYS C 306 -10.33 -76.46 -22.74
C LYS C 306 -9.48 -77.19 -21.70
N ALA C 307 -8.34 -77.74 -22.11
CA ALA C 307 -7.38 -78.41 -21.22
C ALA C 307 -6.85 -77.49 -20.11
N GLY C 308 -6.49 -76.24 -20.48
CA GLY C 308 -5.97 -75.25 -19.56
C GLY C 308 -7.03 -74.74 -18.58
N LEU C 309 -8.26 -74.48 -19.06
CA LEU C 309 -9.39 -74.06 -18.23
C LEU C 309 -9.89 -75.19 -17.31
N THR C 310 -9.88 -76.45 -17.79
CA THR C 310 -10.20 -77.64 -17.00
C THR C 310 -9.25 -77.80 -15.80
N PHE C 311 -7.94 -77.63 -16.00
CA PHE C 311 -6.94 -77.72 -14.93
C PHE C 311 -7.15 -76.65 -13.84
N LEU C 312 -7.47 -75.41 -14.24
CA LEU C 312 -7.82 -74.29 -13.35
C LEU C 312 -9.09 -74.57 -12.53
N VAL C 313 -10.14 -75.08 -13.19
CA VAL C 313 -11.40 -75.50 -12.58
C VAL C 313 -11.19 -76.66 -11.59
N ASP C 314 -10.34 -77.65 -11.96
CA ASP C 314 -9.92 -78.76 -11.11
C ASP C 314 -9.17 -78.33 -9.84
N LEU C 315 -8.31 -77.29 -9.90
CA LEU C 315 -7.68 -76.68 -8.73
C LEU C 315 -8.71 -76.10 -7.74
N ILE C 316 -9.78 -75.49 -8.28
CA ILE C 316 -10.90 -74.95 -7.50
C ILE C 316 -11.81 -76.06 -6.91
N LYS C 317 -12.07 -77.14 -7.66
CA LYS C 317 -12.79 -78.34 -7.19
C LYS C 317 -12.09 -79.03 -6.00
N ASN C 318 -10.76 -79.15 -6.10
CA ASN C 318 -9.92 -79.86 -5.14
C ASN C 318 -9.37 -78.93 -4.04
N LYS C 319 -9.93 -77.71 -3.92
CA LYS C 319 -9.74 -76.75 -2.82
C LYS C 319 -8.33 -76.13 -2.74
N HIS C 320 -7.53 -76.26 -3.81
CA HIS C 320 -6.22 -75.63 -3.97
C HIS C 320 -6.33 -74.13 -4.25
N MET C 321 -7.44 -73.72 -4.90
CA MET C 321 -7.83 -72.34 -5.13
C MET C 321 -9.32 -72.17 -4.79
N ASN C 322 -9.74 -70.90 -4.74
CA ASN C 322 -11.12 -70.50 -4.48
C ASN C 322 -11.53 -69.56 -5.62
N ALA C 323 -12.67 -69.84 -6.29
CA ALA C 323 -13.22 -69.05 -7.40
C ALA C 323 -13.52 -67.58 -7.11
N ASP C 324 -13.65 -67.24 -5.82
CA ASP C 324 -13.85 -65.91 -5.24
C ASP C 324 -12.60 -65.00 -5.30
N THR C 325 -11.40 -65.61 -5.34
CA THR C 325 -10.11 -64.91 -5.21
C THR C 325 -9.92 -63.86 -6.32
N ASP C 326 -9.74 -62.60 -5.88
CA ASP C 326 -9.47 -61.45 -6.75
C ASP C 326 -8.03 -60.97 -6.53
N TYR C 327 -7.70 -59.80 -7.09
CA TYR C 327 -6.40 -59.15 -6.95
C TYR C 327 -6.06 -58.82 -5.49
N SER C 328 -7.02 -58.23 -4.77
CA SER C 328 -6.88 -57.81 -3.37
C SER C 328 -6.69 -59.01 -2.42
N ILE C 329 -7.48 -60.09 -2.60
CA ILE C 329 -7.38 -61.33 -1.82
C ILE C 329 -6.01 -62.03 -1.99
N ALA C 330 -5.58 -62.18 -3.25
CA ALA C 330 -4.31 -62.82 -3.62
C ALA C 330 -3.08 -62.07 -3.13
N GLU C 331 -3.06 -60.73 -3.32
CA GLU C 331 -1.99 -59.86 -2.87
C GLU C 331 -1.91 -59.78 -1.33
N ALA C 332 -3.07 -59.70 -0.65
CA ALA C 332 -3.17 -59.75 0.81
C ALA C 332 -2.60 -61.04 1.40
N ALA C 333 -3.02 -62.20 0.87
CA ALA C 333 -2.54 -63.52 1.26
C ALA C 333 -1.02 -63.69 1.06
N PHE C 334 -0.50 -63.33 -0.13
CA PHE C 334 0.92 -63.50 -0.46
C PHE C 334 1.85 -62.61 0.36
N ASN C 335 1.49 -61.32 0.49
CA ASN C 335 2.27 -60.31 1.21
C ASN C 335 2.27 -60.54 2.73
N LYS C 336 1.21 -61.16 3.27
CA LYS C 336 1.14 -61.61 4.67
C LYS C 336 1.86 -62.95 4.93
N GLY C 337 2.31 -63.65 3.87
CA GLY C 337 3.06 -64.90 3.95
C GLY C 337 2.14 -66.13 4.19
N GLU C 338 0.85 -66.03 3.82
CA GLU C 338 -0.15 -67.08 3.95
C GLU C 338 -0.14 -68.08 2.79
N THR C 339 0.36 -67.65 1.62
CA THR C 339 0.52 -68.50 0.44
C THR C 339 1.95 -68.36 -0.09
N ALA C 340 2.49 -69.49 -0.58
CA ALA C 340 3.86 -69.61 -1.08
C ALA C 340 4.08 -68.95 -2.45
N MET C 341 3.02 -68.69 -3.23
CA MET C 341 3.10 -68.15 -4.58
C MET C 341 1.90 -67.26 -4.95
N THR C 342 2.11 -66.44 -5.98
CA THR C 342 1.12 -65.63 -6.67
C THR C 342 1.59 -65.36 -8.12
N ILE C 343 0.65 -64.99 -9.01
CA ILE C 343 0.94 -64.60 -10.39
C ILE C 343 0.55 -63.12 -10.53
N ASN C 344 1.53 -62.31 -10.96
CA ASN C 344 1.39 -60.87 -11.08
C ASN C 344 2.48 -60.27 -11.97
N GLY C 345 2.23 -59.02 -12.42
CA GLY C 345 3.16 -58.25 -13.23
C GLY C 345 4.07 -57.37 -12.35
N PRO C 346 4.96 -56.57 -12.97
CA PRO C 346 5.97 -55.74 -12.29
C PRO C 346 5.49 -54.75 -11.23
N TRP C 347 4.29 -54.18 -11.43
CA TRP C 347 3.66 -53.18 -10.56
C TRP C 347 3.45 -53.65 -9.10
N ALA C 348 3.22 -54.97 -8.91
CA ALA C 348 2.91 -55.58 -7.61
C ALA C 348 4.10 -55.63 -6.63
N TRP C 349 5.34 -55.65 -7.15
CA TRP C 349 6.58 -55.85 -6.39
C TRP C 349 6.82 -54.84 -5.24
N SER C 350 6.36 -53.58 -5.41
CA SER C 350 6.51 -52.50 -4.43
C SER C 350 5.84 -52.79 -3.07
N ASN C 351 4.63 -53.37 -3.10
CA ASN C 351 3.89 -53.77 -1.91
C ASN C 351 4.53 -54.99 -1.22
N ILE C 352 5.20 -55.87 -1.99
CA ILE C 352 5.89 -57.06 -1.46
C ILE C 352 7.21 -56.66 -0.74
N ASP C 353 7.90 -55.62 -1.24
CA ASP C 353 9.07 -55.00 -0.57
C ASP C 353 8.71 -54.41 0.80
N THR C 354 7.60 -53.66 0.85
CA THR C 354 7.02 -53.09 2.07
C THR C 354 6.56 -54.16 3.08
N SER C 355 6.03 -55.30 2.57
CA SER C 355 5.62 -56.45 3.38
C SER C 355 6.79 -57.24 4.00
N LYS C 356 8.01 -56.95 3.56
CA LYS C 356 9.23 -57.62 4.12
C LYS C 356 9.10 -59.13 3.92
N VAL C 357 8.70 -59.56 2.72
CA VAL C 357 8.63 -61.01 2.41
C VAL C 357 9.78 -61.35 1.47
N ASN C 358 10.61 -62.33 1.83
CA ASN C 358 11.74 -62.74 0.97
C ASN C 358 11.15 -63.44 -0.27
N TYR C 359 11.11 -62.74 -1.41
CA TYR C 359 10.53 -63.32 -2.62
C TYR C 359 11.56 -63.34 -3.76
N GLY C 360 11.31 -64.27 -4.69
CA GLY C 360 11.91 -64.28 -6.02
C GLY C 360 10.80 -64.11 -7.06
N VAL C 361 11.21 -63.78 -8.28
CA VAL C 361 10.36 -63.63 -9.45
C VAL C 361 11.00 -64.46 -10.58
N THR C 362 10.21 -65.35 -11.20
CA THR C 362 10.71 -66.41 -12.07
C THR C 362 9.69 -66.74 -13.17
N VAL C 363 10.08 -67.68 -14.06
CA VAL C 363 9.31 -68.23 -15.17
C VAL C 363 7.98 -68.84 -14.67
N LEU C 364 6.89 -68.58 -15.40
CA LEU C 364 5.58 -69.19 -15.20
C LEU C 364 5.67 -70.72 -15.34
N PRO C 365 4.92 -71.50 -14.51
CA PRO C 365 4.93 -72.97 -14.61
C PRO C 365 4.46 -73.47 -16.00
N THR C 366 5.03 -74.58 -16.46
CA THR C 366 4.64 -75.24 -17.69
C THR C 366 3.34 -76.06 -17.49
N PHE C 367 2.49 -76.13 -18.52
CA PHE C 367 1.29 -76.96 -18.54
C PHE C 367 1.38 -77.90 -19.74
N LYS C 368 1.41 -79.22 -19.48
CA LYS C 368 1.59 -80.30 -20.46
C LYS C 368 2.96 -80.21 -21.18
N GLY C 369 3.99 -79.74 -20.45
CA GLY C 369 5.35 -79.52 -20.95
C GLY C 369 5.47 -78.25 -21.83
N GLN C 370 4.38 -77.48 -22.01
CA GLN C 370 4.34 -76.25 -22.80
C GLN C 370 4.56 -75.06 -21.86
N PRO C 371 5.31 -74.01 -22.26
CA PRO C 371 5.35 -72.77 -21.49
C PRO C 371 3.99 -72.06 -21.45
N SER C 372 3.65 -71.51 -20.28
CA SER C 372 2.52 -70.58 -20.13
C SER C 372 2.75 -69.33 -21.00
N LYS C 373 1.70 -68.92 -21.73
CA LYS C 373 1.78 -67.86 -22.74
C LYS C 373 1.01 -66.60 -22.26
N PRO C 374 1.64 -65.73 -21.44
CA PRO C 374 0.97 -64.49 -21.00
C PRO C 374 0.80 -63.49 -22.15
N PHE C 375 -0.38 -62.84 -22.19
CA PHE C 375 -0.61 -61.73 -23.11
C PHE C 375 0.19 -60.49 -22.69
N VAL C 376 1.18 -60.14 -23.53
CA VAL C 376 2.11 -59.05 -23.27
C VAL C 376 1.45 -57.71 -23.61
N GLY C 377 1.37 -56.83 -22.60
CA GLY C 377 0.82 -55.50 -22.73
C GLY C 377 1.98 -54.51 -22.78
N VAL C 378 1.84 -53.49 -23.62
CA VAL C 378 2.69 -52.31 -23.64
C VAL C 378 1.85 -51.18 -23.05
N LEU C 379 2.19 -50.72 -21.83
CA LEU C 379 1.63 -49.53 -21.20
C LEU C 379 1.86 -48.32 -22.12
N SER C 380 0.76 -47.70 -22.53
CA SER C 380 0.72 -46.75 -23.64
C SER C 380 -0.08 -45.52 -23.22
N ALA C 381 0.36 -44.35 -23.71
CA ALA C 381 -0.12 -43.03 -23.34
C ALA C 381 -0.66 -42.30 -24.58
N GLY C 382 -1.98 -42.36 -24.79
CA GLY C 382 -2.65 -41.65 -25.89
C GLY C 382 -3.09 -40.27 -25.41
N ILE C 383 -3.23 -39.34 -26.36
CA ILE C 383 -3.78 -38.00 -26.14
C ILE C 383 -5.21 -38.02 -26.70
N ASN C 384 -6.19 -37.60 -25.89
CA ASN C 384 -7.61 -37.54 -26.25
C ASN C 384 -7.84 -36.55 -27.41
N ALA C 385 -8.70 -36.91 -28.38
CA ALA C 385 -9.09 -36.05 -29.50
C ALA C 385 -9.88 -34.81 -29.04
N ALA C 386 -10.66 -34.97 -27.97
CA ALA C 386 -11.37 -33.90 -27.27
C ALA C 386 -10.46 -33.10 -26.31
N SER C 387 -9.22 -33.56 -26.12
CA SER C 387 -8.25 -32.77 -25.34
C SER C 387 -7.53 -31.86 -26.33
N PRO C 388 -7.78 -30.53 -26.36
CA PRO C 388 -7.05 -29.61 -27.23
C PRO C 388 -5.79 -29.17 -26.47
N ASN C 389 -5.59 -29.69 -25.26
CA ASN C 389 -4.34 -29.41 -24.49
C ASN C 389 -3.19 -29.95 -25.34
N LYS C 390 -3.40 -31.09 -26.01
CA LYS C 390 -2.41 -31.68 -26.96
C LYS C 390 -0.97 -31.18 -26.79
N GLU C 391 -0.64 -29.98 -27.28
CA GLU C 391 0.76 -29.53 -27.26
C GLU C 391 1.41 -29.65 -25.86
N LEU C 392 0.65 -29.41 -24.78
CA LEU C 392 1.10 -29.56 -23.40
C LEU C 392 1.21 -31.03 -22.98
N ALA C 393 0.27 -31.87 -23.47
CA ALA C 393 0.29 -33.32 -23.31
C ALA C 393 1.46 -33.97 -24.05
N LYS C 394 1.79 -33.47 -25.27
CA LYS C 394 2.99 -33.85 -26.02
C LYS C 394 4.29 -33.50 -25.28
N GLU C 395 4.41 -32.24 -24.80
CA GLU C 395 5.53 -31.75 -24.00
C GLU C 395 5.80 -32.59 -22.74
N PHE C 396 4.72 -32.92 -22.00
CA PHE C 396 4.75 -33.78 -20.83
C PHE C 396 5.26 -35.21 -21.14
N LEU C 397 4.71 -35.83 -22.18
CA LEU C 397 5.00 -37.22 -22.55
C LEU C 397 6.43 -37.40 -23.07
N GLU C 398 6.84 -36.60 -24.05
CA GLU C 398 8.17 -36.67 -24.66
C GLU C 398 9.30 -36.20 -23.73
N ASN C 399 9.16 -34.98 -23.18
CA ASN C 399 10.27 -34.24 -22.56
C ASN C 399 10.30 -34.33 -21.02
N TYR C 400 9.29 -34.95 -20.38
CA TYR C 400 9.27 -35.15 -18.92
C TYR C 400 9.16 -36.63 -18.56
N LEU C 401 8.10 -37.32 -19.01
CA LEU C 401 7.89 -38.73 -18.68
C LEU C 401 8.91 -39.67 -19.33
N LEU C 402 9.05 -39.60 -20.67
CA LEU C 402 9.95 -40.46 -21.47
C LEU C 402 11.39 -39.92 -21.47
N THR C 403 11.91 -39.77 -20.25
CA THR C 403 13.29 -39.49 -19.86
C THR C 403 13.64 -40.46 -18.73
N ASP C 404 14.94 -40.62 -18.43
CA ASP C 404 15.43 -41.45 -17.32
C ASP C 404 14.91 -40.97 -15.95
N GLU C 405 14.82 -39.64 -15.79
CA GLU C 405 14.31 -38.93 -14.61
C GLU C 405 12.81 -39.24 -14.35
N GLY C 406 12.00 -39.18 -15.42
CA GLY C 406 10.56 -39.34 -15.35
C GLY C 406 10.15 -40.79 -15.19
N LEU C 407 10.84 -41.72 -15.88
CA LEU C 407 10.58 -43.15 -15.77
C LEU C 407 11.05 -43.73 -14.43
N GLU C 408 12.20 -43.27 -13.87
CA GLU C 408 12.64 -43.69 -12.54
C GLU C 408 11.67 -43.23 -11.43
N ALA C 409 11.09 -42.03 -11.57
CA ALA C 409 10.09 -41.47 -10.65
C ALA C 409 8.81 -42.32 -10.57
N VAL C 410 8.34 -42.86 -11.71
CA VAL C 410 7.21 -43.79 -11.77
C VAL C 410 7.62 -45.21 -11.31
N ASN C 411 8.81 -45.68 -11.71
CA ASN C 411 9.36 -47.00 -11.39
C ASN C 411 9.63 -47.21 -9.88
N LYS C 412 10.06 -46.14 -9.17
CA LYS C 412 10.25 -46.19 -7.71
C LYS C 412 8.94 -46.28 -6.91
N ASP C 413 7.80 -45.90 -7.53
CA ASP C 413 6.48 -46.01 -6.94
C ASP C 413 5.94 -47.43 -7.16
N LYS C 414 5.82 -47.84 -8.44
CA LYS C 414 5.42 -49.18 -8.88
C LYS C 414 6.28 -49.48 -10.12
N PRO C 415 7.13 -50.54 -10.09
CA PRO C 415 7.94 -50.95 -11.26
C PRO C 415 7.13 -51.15 -12.55
N LEU C 416 7.60 -50.51 -13.61
CA LEU C 416 6.96 -50.47 -14.93
C LEU C 416 7.16 -51.76 -15.75
N GLY C 417 8.19 -52.54 -15.41
CA GLY C 417 8.62 -53.72 -16.17
C GLY C 417 9.83 -53.34 -17.02
N ALA C 418 9.90 -53.91 -18.23
CA ALA C 418 10.92 -53.60 -19.22
C ALA C 418 10.52 -52.33 -19.98
N VAL C 419 11.00 -51.17 -19.52
CA VAL C 419 10.66 -49.85 -20.06
C VAL C 419 11.02 -49.69 -21.55
N ALA C 420 10.19 -48.94 -22.29
CA ALA C 420 10.36 -48.71 -23.73
C ALA C 420 11.61 -47.89 -24.05
N LEU C 421 11.96 -46.93 -23.18
CA LEU C 421 13.14 -46.06 -23.30
C LEU C 421 14.43 -46.86 -23.14
N LYS C 422 15.19 -46.96 -24.25
CA LYS C 422 16.45 -47.71 -24.37
C LYS C 422 17.47 -47.40 -23.28
N SER C 423 17.75 -46.10 -23.08
CA SER C 423 18.69 -45.57 -22.09
C SER C 423 18.40 -46.03 -20.64
N TYR C 424 17.14 -45.94 -20.20
CA TYR C 424 16.75 -46.38 -18.86
C TYR C 424 16.53 -47.90 -18.75
N GLU C 425 16.21 -48.60 -19.86
CA GLU C 425 16.12 -50.07 -19.88
C GLU C 425 17.48 -50.75 -19.72
N GLU C 426 18.53 -50.19 -20.36
CA GLU C 426 19.92 -50.63 -20.20
C GLU C 426 20.39 -50.56 -18.73
N GLU C 427 19.92 -49.56 -17.98
CA GLU C 427 20.09 -49.44 -16.52
C GLU C 427 19.28 -50.48 -15.70
N LEU C 428 18.09 -50.87 -16.20
CA LEU C 428 17.11 -51.68 -15.47
C LEU C 428 17.19 -53.19 -15.76
N ALA C 429 17.79 -53.58 -16.89
CA ALA C 429 17.96 -54.96 -17.37
C ALA C 429 18.73 -55.87 -16.40
N LYS C 430 19.59 -55.26 -15.57
CA LYS C 430 20.42 -55.86 -14.53
C LYS C 430 19.61 -56.54 -13.41
N ASP C 431 18.36 -56.11 -13.20
CA ASP C 431 17.42 -56.63 -12.21
C ASP C 431 16.96 -58.04 -12.64
N PRO C 432 17.12 -59.07 -11.76
CA PRO C 432 16.65 -60.43 -12.06
C PRO C 432 15.12 -60.58 -12.21
N ARG C 433 14.35 -59.65 -11.63
CA ARG C 433 12.90 -59.59 -11.76
C ARG C 433 12.46 -59.11 -13.16
N ILE C 434 13.20 -58.16 -13.75
CA ILE C 434 13.01 -57.72 -15.14
C ILE C 434 13.44 -58.81 -16.14
N ALA C 435 14.51 -59.56 -15.83
CA ALA C 435 14.97 -60.70 -16.63
C ALA C 435 13.93 -61.84 -16.72
N ALA C 436 13.27 -62.14 -15.59
CA ALA C 436 12.15 -63.08 -15.50
C ALA C 436 10.89 -62.59 -16.23
N THR C 437 10.61 -61.27 -16.18
CA THR C 437 9.51 -60.63 -16.91
C THR C 437 9.69 -60.71 -18.44
N MET C 438 10.92 -60.47 -18.91
CA MET C 438 11.33 -60.58 -20.31
C MET C 438 11.23 -62.01 -20.86
N GLU C 439 11.58 -63.02 -20.05
CA GLU C 439 11.50 -64.43 -20.44
C GLU C 439 10.05 -64.90 -20.64
N ASN C 440 9.17 -64.55 -19.69
CA ASN C 440 7.73 -64.83 -19.75
C ASN C 440 7.05 -64.08 -20.90
N ALA C 441 7.49 -62.84 -21.19
CA ALA C 441 7.03 -62.05 -22.33
C ALA C 441 7.40 -62.68 -23.69
N GLN C 442 8.61 -63.25 -23.80
CA GLN C 442 9.12 -63.93 -24.99
C GLN C 442 8.32 -65.23 -25.25
N LYS C 443 8.04 -65.98 -24.18
CA LYS C 443 7.25 -67.21 -24.20
C LYS C 443 5.74 -66.97 -24.43
N GLY C 444 5.28 -65.74 -24.20
CA GLY C 444 3.94 -65.27 -24.52
C GLY C 444 3.92 -64.69 -25.95
N GLU C 445 2.87 -63.90 -26.22
CA GLU C 445 2.72 -63.14 -27.46
C GLU C 445 2.11 -61.77 -27.10
N ILE C 446 2.37 -60.78 -27.97
CA ILE C 446 1.81 -59.43 -27.86
C ILE C 446 0.30 -59.44 -28.13
N MET C 447 -0.46 -58.67 -27.33
CA MET C 447 -1.89 -58.46 -27.56
C MET C 447 -2.13 -57.80 -28.93
N PRO C 448 -3.17 -58.24 -29.68
CA PRO C 448 -3.76 -57.41 -30.74
C PRO C 448 -4.29 -56.07 -30.17
N ASN C 449 -4.30 -55.03 -31.00
CA ASN C 449 -4.91 -53.75 -30.62
C ASN C 449 -6.28 -53.51 -31.29
N ILE C 450 -6.75 -54.45 -32.13
CA ILE C 450 -7.97 -54.35 -32.94
C ILE C 450 -9.23 -54.05 -32.09
N PRO C 451 -10.26 -53.35 -32.65
CA PRO C 451 -11.46 -52.94 -31.90
C PRO C 451 -12.27 -54.06 -31.21
N GLN C 452 -12.15 -55.30 -31.73
CA GLN C 452 -12.80 -56.50 -31.24
C GLN C 452 -12.21 -57.04 -29.91
N MET C 453 -11.07 -56.49 -29.44
CA MET C 453 -10.39 -56.90 -28.21
C MET C 453 -11.21 -56.71 -26.93
N SER C 454 -12.01 -55.63 -26.83
CA SER C 454 -12.89 -55.39 -25.68
C SER C 454 -14.01 -56.43 -25.56
N ALA C 455 -14.59 -56.84 -26.70
CA ALA C 455 -15.59 -57.90 -26.82
C ALA C 455 -15.01 -59.28 -26.52
N PHE C 456 -13.78 -59.55 -27.02
CA PHE C 456 -12.99 -60.74 -26.69
C PHE C 456 -12.72 -60.89 -25.19
N TRP C 457 -12.23 -59.82 -24.53
CA TRP C 457 -11.95 -59.80 -23.10
C TRP C 457 -13.19 -59.95 -22.22
N TYR C 458 -14.31 -59.34 -22.62
CA TYR C 458 -15.61 -59.49 -21.96
C TYR C 458 -16.15 -60.94 -22.04
N ALA C 459 -15.98 -61.57 -23.21
CA ALA C 459 -16.39 -62.95 -23.50
C ALA C 459 -15.56 -64.02 -22.76
N VAL C 460 -14.25 -63.80 -22.61
CA VAL C 460 -13.35 -64.72 -21.89
C VAL C 460 -13.42 -64.52 -20.36
N ARG C 461 -13.69 -63.29 -19.88
CA ARG C 461 -14.00 -63.00 -18.47
C ARG C 461 -15.24 -63.78 -18.00
N THR C 462 -16.31 -63.75 -18.83
CA THR C 462 -17.56 -64.46 -18.65
C THR C 462 -17.34 -65.99 -18.53
N ALA C 463 -16.62 -66.57 -19.50
CA ALA C 463 -16.29 -68.00 -19.55
C ALA C 463 -15.51 -68.50 -18.33
N VAL C 464 -14.46 -67.77 -17.95
CA VAL C 464 -13.59 -68.07 -16.81
C VAL C 464 -14.32 -68.01 -15.46
N ILE C 465 -15.13 -66.95 -15.23
CA ILE C 465 -15.91 -66.77 -14.00
C ILE C 465 -17.05 -67.81 -13.85
N ASN C 466 -17.74 -68.15 -14.95
CA ASN C 466 -18.82 -69.15 -14.95
C ASN C 466 -18.30 -70.59 -14.79
N ALA C 467 -17.16 -70.92 -15.43
CA ALA C 467 -16.50 -72.22 -15.30
C ALA C 467 -15.97 -72.48 -13.88
N ALA C 468 -15.32 -71.45 -13.30
CA ALA C 468 -14.78 -71.46 -11.94
C ALA C 468 -15.85 -71.57 -10.84
N SER C 469 -16.96 -70.82 -10.99
CA SER C 469 -18.10 -70.85 -10.07
C SER C 469 -18.99 -72.11 -10.22
N GLY C 470 -18.96 -72.75 -11.40
CA GLY C 470 -19.70 -73.96 -11.71
C GLY C 470 -21.04 -73.68 -12.43
N ARG C 471 -21.40 -72.41 -12.68
CA ARG C 471 -22.59 -72.00 -13.46
C ARG C 471 -22.63 -72.58 -14.88
N GLN C 472 -21.45 -72.73 -15.50
CA GLN C 472 -21.24 -73.46 -16.73
C GLN C 472 -20.12 -74.48 -16.54
N THR C 473 -20.10 -75.48 -17.44
CA THR C 473 -18.96 -76.35 -17.68
C THR C 473 -17.93 -75.64 -18.59
N VAL C 474 -16.73 -76.23 -18.70
CA VAL C 474 -15.63 -75.73 -19.53
C VAL C 474 -16.00 -75.60 -21.02
N ASP C 475 -16.63 -76.64 -21.60
CA ASP C 475 -17.04 -76.67 -23.00
C ASP C 475 -18.24 -75.76 -23.30
N GLU C 476 -19.19 -75.61 -22.36
CA GLU C 476 -20.28 -74.63 -22.43
C GLU C 476 -19.75 -73.19 -22.43
N ALA C 477 -18.88 -72.88 -21.47
CA ALA C 477 -18.26 -71.58 -21.27
C ALA C 477 -17.47 -71.07 -22.49
N LEU C 478 -16.61 -71.93 -23.05
CA LEU C 478 -15.76 -71.61 -24.19
C LEU C 478 -16.47 -71.57 -25.54
N LYS C 479 -17.56 -72.35 -25.69
CA LYS C 479 -18.51 -72.29 -26.81
C LYS C 479 -19.24 -70.94 -26.87
N ASP C 480 -19.69 -70.45 -25.71
CA ASP C 480 -20.33 -69.14 -25.55
C ASP C 480 -19.35 -67.97 -25.70
N ALA C 481 -18.07 -68.17 -25.39
CA ALA C 481 -17.01 -67.17 -25.58
C ALA C 481 -16.59 -67.02 -27.05
N GLN C 482 -16.63 -68.13 -27.82
CA GLN C 482 -16.42 -68.19 -29.27
C GLN C 482 -17.54 -67.43 -30.02
N THR C 483 -18.74 -67.40 -29.42
CA THR C 483 -19.88 -66.54 -29.73
C THR C 483 -19.59 -65.23 -29.02
N GLY D 1 33.55 28.92 27.82
CA GLY D 1 33.62 27.86 28.84
C GLY D 1 32.50 26.85 28.69
N PRO D 2 31.56 27.03 27.73
CA PRO D 2 30.44 26.13 27.58
C PRO D 2 30.79 24.91 26.72
N SER D 3 31.73 24.07 27.20
CA SER D 3 32.02 22.79 26.49
C SER D 3 31.87 21.60 27.46
N GLN D 4 31.60 21.86 28.75
CA GLN D 4 31.57 20.78 29.77
C GLN D 4 30.39 19.84 29.52
N VAL D 5 30.58 18.53 29.75
CA VAL D 5 29.45 17.53 29.65
C VAL D 5 29.33 16.83 31.01
N GLN D 6 28.15 16.89 31.64
CA GLN D 6 27.98 16.30 33.01
C GLN D 6 26.62 15.60 33.07
N LEU D 7 26.45 14.49 32.35
CA LEU D 7 25.10 13.87 32.28
C LEU D 7 25.11 12.35 32.51
N VAL D 8 25.91 11.86 33.45
CA VAL D 8 26.03 10.38 33.61
C VAL D 8 24.63 9.84 33.91
N GLU D 9 24.28 8.70 33.31
CA GLU D 9 22.91 8.10 33.51
C GLU D 9 22.90 7.28 34.80
N SER D 10 22.52 7.91 35.91
CA SER D 10 22.53 7.23 37.23
C SER D 10 21.26 6.39 37.40
N GLY D 11 21.13 5.68 38.53
CA GLY D 11 19.97 4.79 38.73
C GLY D 11 20.01 3.56 37.83
N GLY D 12 19.03 2.66 37.99
CA GLY D 12 19.01 1.43 37.21
C GLY D 12 17.71 0.66 37.35
N GLY D 13 17.39 -0.20 36.38
CA GLY D 13 16.20 -1.06 36.48
C GLY D 13 16.60 -2.52 36.43
N SER D 14 16.19 -3.31 37.42
CA SER D 14 16.54 -4.76 37.45
C SER D 14 15.25 -5.55 37.66
N VAL D 15 14.40 -5.59 36.64
CA VAL D 15 13.07 -6.26 36.80
C VAL D 15 12.94 -7.29 35.68
N GLN D 16 12.03 -8.26 35.82
CA GLN D 16 11.90 -9.34 34.81
C GLN D 16 10.91 -8.93 33.72
N ALA D 17 10.00 -9.82 33.35
CA ALA D 17 9.06 -9.54 32.23
C ALA D 17 8.19 -8.32 32.54
N GLY D 18 7.74 -8.17 33.79
CA GLY D 18 6.95 -6.98 34.19
C GLY D 18 7.51 -6.29 35.41
N GLY D 19 7.44 -4.96 35.47
CA GLY D 19 7.93 -4.23 36.65
C GLY D 19 8.04 -2.73 36.43
N SER D 20 8.81 -2.03 37.27
CA SER D 20 8.89 -0.55 37.18
C SER D 20 10.12 -0.11 37.97
N LEU D 21 10.86 0.88 37.46
CA LEU D 21 12.02 1.43 38.22
C LEU D 21 12.23 2.91 37.88
N ARG D 22 13.01 3.63 38.70
CA ARG D 22 13.30 5.06 38.47
C ARG D 22 14.77 5.21 38.09
N LEU D 23 15.02 5.91 36.98
CA LEU D 23 16.42 6.06 36.49
C LEU D 23 16.71 7.56 36.44
N SER D 24 17.99 7.98 36.43
CA SER D 24 18.30 9.42 36.50
C SER D 24 19.45 9.81 35.56
N CYS D 25 19.58 11.10 35.24
CA CYS D 25 20.76 11.59 34.47
C CYS D 25 21.31 12.80 35.26
N ALA D 26 22.13 12.54 36.27
CA ALA D 26 22.58 13.61 37.20
C ALA D 26 23.35 14.71 36.49
N ALA D 27 23.14 15.97 36.88
CA ALA D 27 23.92 17.10 36.30
C ALA D 27 24.26 18.09 37.41
N SER D 28 25.39 18.81 37.31
CA SER D 28 25.83 19.73 38.39
C SER D 28 26.21 21.09 37.81
N GLY D 29 26.30 22.13 38.66
CA GLY D 29 26.78 23.46 38.24
C GLY D 29 25.81 24.21 37.32
N SER D 30 25.45 23.63 36.18
CA SER D 30 24.58 24.34 35.19
C SER D 30 23.20 24.63 35.77
N ILE D 31 22.64 25.81 35.48
CA ILE D 31 21.25 26.12 35.92
C ILE D 31 20.30 25.31 35.03
N SER D 32 19.34 24.61 35.63
CA SER D 32 18.44 23.73 34.85
C SER D 32 17.16 24.46 34.49
N SER D 33 17.10 25.78 34.70
CA SER D 33 15.88 26.58 34.40
C SER D 33 15.54 26.54 32.90
N ILE D 34 16.55 26.60 32.02
CA ILE D 34 16.33 26.49 30.54
C ILE D 34 16.89 25.15 30.02
N THR D 35 17.68 24.45 30.83
CA THR D 35 18.34 23.22 30.35
C THR D 35 17.48 22.00 30.69
N TYR D 36 16.87 21.34 29.69
CA TYR D 36 16.14 20.07 29.96
C TYR D 36 16.35 18.97 28.93
N LEU D 37 15.98 17.74 29.30
CA LEU D 37 16.33 16.58 28.45
C LEU D 37 15.14 15.66 28.15
N GLY D 38 15.27 14.84 27.10
CA GLY D 38 14.24 13.82 26.79
C GLY D 38 14.82 12.43 26.87
N TRP D 39 14.16 11.52 27.60
CA TRP D 39 14.68 10.14 27.79
C TRP D 39 14.71 9.38 26.47
N PHE D 40 15.76 8.59 26.22
CA PHE D 40 15.92 7.90 24.91
C PHE D 40 15.87 6.37 25.03
N ARG D 41 15.21 5.66 24.10
CA ARG D 41 15.25 4.18 24.05
C ARG D 41 16.22 3.78 22.93
N GLN D 42 17.36 3.22 23.32
CA GLN D 42 18.39 2.82 22.32
C GLN D 42 18.52 1.30 22.40
N ALA D 43 17.88 0.58 21.50
CA ALA D 43 18.03 -0.89 21.47
C ALA D 43 19.43 -1.20 20.94
N PRO D 44 20.04 -2.38 21.18
CA PRO D 44 21.42 -2.61 20.73
C PRO D 44 21.43 -2.83 19.22
N GLY D 45 21.87 -1.80 18.48
CA GLY D 45 21.82 -1.85 17.00
C GLY D 45 20.97 -0.74 16.40
N LYS D 46 20.30 0.06 17.24
CA LYS D 46 19.51 1.20 16.71
C LYS D 46 19.69 2.41 17.64
N GLU D 47 19.74 3.64 17.08
CA GLU D 47 19.76 4.86 17.94
C GLU D 47 18.57 5.73 17.51
N ARG D 48 17.76 6.21 18.47
CA ARG D 48 16.53 6.95 18.10
C ARG D 48 16.02 7.82 19.25
N GLU D 49 15.05 8.71 18.96
CA GLU D 49 14.42 9.54 20.02
C GLU D 49 13.66 8.63 20.96
N GLY D 50 13.63 8.93 22.25
CA GLY D 50 13.05 7.99 23.23
C GLY D 50 11.57 8.07 23.48
N VAL D 51 11.09 7.24 24.41
CA VAL D 51 9.64 7.15 24.74
C VAL D 51 9.18 8.37 25.54
N ALA D 52 10.09 9.23 26.02
CA ALA D 52 9.64 10.34 26.86
C ALA D 52 10.35 11.64 26.51
N ALA D 53 9.84 12.78 26.99
CA ALA D 53 10.51 14.09 26.80
C ALA D 53 9.98 15.08 27.82
N LEU D 54 10.86 15.80 28.51
CA LEU D 54 10.40 16.85 29.46
C LEU D 54 11.06 18.18 29.12
N ALA D 55 10.31 19.28 29.16
CA ALA D 55 10.92 20.61 28.98
C ALA D 55 10.88 21.24 30.37
N THR D 56 11.88 22.04 30.74
CA THR D 56 11.94 22.58 32.13
C THR D 56 11.15 23.89 32.19
N TYR D 57 11.18 24.59 33.34
CA TYR D 57 10.45 25.85 33.54
C TYR D 57 8.97 25.49 33.63
N TYR D 58 8.18 25.88 32.61
CA TYR D 58 6.73 25.53 32.62
C TYR D 58 6.59 24.03 32.87
N GLY D 59 7.51 23.21 32.35
CA GLY D 59 7.48 21.76 32.70
C GLY D 59 6.55 20.92 31.86
N HIS D 60 6.08 21.44 30.72
CA HIS D 60 5.22 20.64 29.81
C HIS D 60 6.02 19.45 29.25
N THR D 61 5.39 18.27 29.13
CA THR D 61 6.09 17.06 28.63
C THR D 61 5.38 16.46 27.42
N TYR D 62 6.09 16.30 26.30
CA TYR D 62 5.51 15.69 25.06
C TYR D 62 5.22 14.19 25.21
N TYR D 63 6.10 13.41 25.84
CA TYR D 63 5.95 11.93 25.91
C TYR D 63 6.27 11.36 24.52
N ALA D 64 5.78 10.16 24.18
CA ALA D 64 6.00 9.65 22.81
C ALA D 64 4.74 8.97 22.27
N ASP D 65 4.63 8.87 20.94
CA ASP D 65 3.47 8.18 20.31
C ASP D 65 3.49 6.73 20.77
N SER D 66 4.68 6.14 20.88
CA SER D 66 4.82 4.72 21.27
C SER D 66 4.26 4.45 22.68
N VAL D 67 4.45 5.36 23.64
CA VAL D 67 4.02 5.06 25.03
C VAL D 67 2.72 5.81 25.37
N LYS D 68 1.69 5.08 25.80
CA LYS D 68 0.42 5.71 26.25
C LYS D 68 0.09 5.20 27.66
N GLY D 69 -0.02 6.10 28.64
CA GLY D 69 -0.33 5.70 30.02
C GLY D 69 0.67 4.71 30.57
N ARG D 70 1.94 4.84 30.18
CA ARG D 70 2.99 3.87 30.61
C ARG D 70 4.07 4.56 31.44
N PHE D 71 4.88 5.40 30.81
CA PHE D 71 6.02 6.02 31.54
C PHE D 71 5.86 7.54 31.59
N THR D 72 5.98 8.13 32.78
CA THR D 72 5.85 9.61 32.94
C THR D 72 7.19 10.20 33.38
N VAL D 73 7.80 11.08 32.56
CA VAL D 73 9.03 11.76 33.05
C VAL D 73 8.60 12.65 34.21
N SER D 74 9.31 12.59 35.33
CA SER D 74 8.85 13.36 36.52
C SER D 74 9.93 14.34 36.97
N LEU D 75 9.51 15.55 37.34
CA LEU D 75 10.47 16.60 37.74
C LEU D 75 11.11 16.24 39.08
N ASP D 76 12.43 16.40 39.19
CA ASP D 76 13.10 16.22 40.50
C ASP D 76 14.22 17.26 40.60
N ASN D 77 13.85 18.55 40.68
CA ASN D 77 14.88 19.63 40.69
C ASN D 77 15.37 19.85 42.12
N ALA D 78 14.81 19.10 43.07
CA ALA D 78 15.32 19.18 44.47
C ALA D 78 16.40 18.09 44.55
N LYS D 79 16.30 17.13 43.63
CA LYS D 79 17.31 16.03 43.55
C LYS D 79 18.50 16.47 42.69
N ASN D 80 18.28 17.42 41.76
CA ASN D 80 19.33 17.78 40.76
C ASN D 80 19.35 16.66 39.72
N THR D 81 18.74 15.51 40.03
CA THR D 81 18.64 14.39 39.05
C THR D 81 17.18 14.16 38.70
N VAL D 82 16.84 14.12 37.41
CA VAL D 82 15.43 13.91 36.94
C VAL D 82 15.06 12.42 36.97
N TYR D 83 13.79 12.07 37.16
CA TYR D 83 13.43 10.64 37.29
C TYR D 83 12.34 10.18 36.31
N LEU D 84 12.49 9.01 35.69
CA LEU D 84 11.45 8.40 34.80
C LEU D 84 10.89 7.20 35.55
N GLN D 85 9.59 7.23 35.82
CA GLN D 85 8.96 6.08 36.50
C GLN D 85 8.28 5.22 35.44
N MET D 86 8.76 3.99 35.27
CA MET D 86 8.16 3.05 34.28
C MET D 86 6.94 2.38 34.91
N ASN D 87 5.99 1.89 34.10
CA ASN D 87 4.83 1.11 34.62
C ASN D 87 4.50 -0.02 33.62
N SER D 88 3.92 -1.13 34.08
CA SER D 88 3.60 -2.27 33.16
C SER D 88 4.75 -2.51 32.17
N LEU D 89 5.98 -2.65 32.68
CA LEU D 89 7.16 -2.84 31.80
C LEU D 89 7.04 -4.16 31.02
N LYS D 90 7.59 -4.21 29.80
CA LYS D 90 7.54 -5.45 28.98
C LYS D 90 8.95 -5.75 28.44
N PRO D 91 9.27 -7.00 28.06
CA PRO D 91 10.60 -7.37 27.56
C PRO D 91 10.97 -6.66 26.24
N GLU D 92 9.96 -6.31 25.45
CA GLU D 92 10.19 -5.60 24.16
C GLU D 92 10.96 -4.32 24.47
N ASP D 93 10.74 -3.75 25.66
CA ASP D 93 11.37 -2.45 26.03
C ASP D 93 12.85 -2.60 26.36
N THR D 94 13.38 -3.81 26.54
CA THR D 94 14.79 -3.93 26.98
C THR D 94 15.68 -3.19 25.99
N ALA D 95 16.59 -2.34 26.50
CA ALA D 95 17.47 -1.52 25.62
C ALA D 95 18.45 -0.74 26.50
N LEU D 96 19.21 0.18 25.91
CA LEU D 96 20.07 1.09 26.71
C LEU D 96 19.31 2.41 26.79
N TYR D 97 19.17 3.01 27.97
CA TYR D 97 18.32 4.22 28.08
C TYR D 97 19.21 5.45 28.30
N TYR D 98 18.93 6.55 27.59
CA TYR D 98 19.81 7.75 27.66
C TYR D 98 18.95 9.00 27.89
N CYS D 99 19.57 10.19 27.96
CA CYS D 99 18.82 11.46 28.09
C CYS D 99 19.32 12.44 27.01
N ALA D 100 18.51 13.41 26.58
CA ALA D 100 18.88 14.30 25.44
C ALA D 100 19.83 15.40 25.88
N ALA D 101 19.85 15.74 27.16
CA ALA D 101 20.81 16.74 27.69
C ALA D 101 20.85 18.01 26.81
N ALA D 102 19.71 18.47 26.30
CA ALA D 102 19.70 19.62 25.36
C ALA D 102 19.72 20.95 26.09
N TYR D 103 19.90 22.06 25.35
CA TYR D 103 19.86 23.40 25.97
C TYR D 103 18.76 24.23 25.31
N SER D 104 18.65 24.21 23.98
CA SER D 104 17.66 25.08 23.28
C SER D 104 16.77 24.37 22.26
N GLY D 105 15.44 24.36 22.45
CA GLY D 105 14.54 23.78 21.44
C GLY D 105 13.07 24.11 21.65
N ILE D 106 12.26 24.04 20.59
CA ILE D 106 10.79 24.35 20.67
C ILE D 106 10.04 23.16 21.23
N TRP D 107 8.90 23.37 21.88
CA TRP D 107 8.03 22.25 22.33
C TRP D 107 6.65 22.43 21.72
N THR D 108 6.09 21.39 21.11
CA THR D 108 4.73 21.48 20.55
C THR D 108 4.01 20.19 20.96
N PRO D 109 2.67 20.09 20.92
CA PRO D 109 1.99 18.83 21.24
C PRO D 109 2.50 17.73 20.30
N LEU D 110 2.85 18.08 19.06
CA LEU D 110 3.41 17.09 18.09
C LEU D 110 4.72 16.52 18.64
N GLY D 111 5.59 17.36 19.23
CA GLY D 111 6.80 16.82 19.89
C GLY D 111 7.88 17.85 20.12
N VAL D 112 8.74 17.61 21.12
CA VAL D 112 9.85 18.56 21.46
C VAL D 112 10.94 18.44 20.39
N TRP D 113 10.96 19.36 19.43
CA TRP D 113 11.93 19.23 18.33
C TRP D 113 13.28 19.86 18.71
N ALA D 114 13.98 19.28 19.68
CA ALA D 114 15.33 19.77 20.03
C ALA D 114 16.30 18.59 19.93
N THR D 115 17.38 18.75 19.16
CA THR D 115 18.33 17.62 18.94
C THR D 115 19.77 18.10 19.18
N TYR D 116 20.15 18.31 20.44
CA TYR D 116 21.50 18.88 20.68
C TYR D 116 22.16 18.25 21.91
N GLU D 117 23.50 18.29 21.98
CA GLU D 117 24.23 17.85 23.20
C GLU D 117 23.76 16.49 23.73
N TYR D 118 23.89 15.41 22.94
CA TYR D 118 23.49 14.06 23.42
C TYR D 118 24.59 13.56 24.35
N TRP D 119 24.60 14.07 25.59
CA TRP D 119 25.66 13.74 26.56
C TRP D 119 25.32 12.50 27.36
N GLY D 120 24.15 11.88 27.14
CA GLY D 120 23.74 10.76 28.00
C GLY D 120 24.73 9.63 27.99
N GLN D 121 25.13 9.14 29.17
CA GLN D 121 26.08 8.00 29.28
C GLN D 121 25.44 6.72 28.74
N GLY D 122 24.21 6.44 29.18
CA GLY D 122 23.48 5.24 28.75
C GLY D 122 23.46 4.17 29.82
N THR D 123 22.27 3.79 30.28
CA THR D 123 22.16 2.67 31.27
C THR D 123 21.26 1.61 30.67
N GLN D 124 21.75 0.37 30.59
CA GLN D 124 20.95 -0.75 30.04
C GLN D 124 19.88 -1.13 31.07
N VAL D 125 18.60 -0.85 30.76
CA VAL D 125 17.51 -1.32 31.65
C VAL D 125 17.49 -2.83 31.49
N THR D 126 17.77 -3.58 32.56
CA THR D 126 17.89 -5.05 32.42
C THR D 126 16.52 -5.71 32.60
N VAL D 127 15.91 -6.18 31.50
CA VAL D 127 14.63 -6.94 31.65
C VAL D 127 14.70 -8.24 30.84
N PRO D 128 14.70 -9.42 31.51
CA PRO D 128 14.63 -10.71 30.81
C PRO D 128 13.17 -11.10 30.49
N PRO D 129 12.93 -12.05 29.57
CA PRO D 129 11.57 -12.54 29.26
C PRO D 129 11.00 -13.42 30.38
N LEU D 130 9.69 -13.73 30.35
CA LEU D 130 9.05 -14.59 31.38
C LEU D 130 9.83 -15.91 31.43
N VAL D 131 10.13 -16.43 32.62
CA VAL D 131 11.05 -17.60 32.72
C VAL D 131 10.33 -18.92 33.02
N ILE D 132 10.77 -20.04 32.42
CA ILE D 132 10.22 -21.40 32.73
C ILE D 132 11.41 -22.32 32.97
N TRP D 133 11.46 -23.11 34.05
CA TRP D 133 12.64 -24.00 34.19
C TRP D 133 12.27 -25.46 34.33
N ILE D 134 12.71 -26.30 33.39
CA ILE D 134 12.50 -27.78 33.52
C ILE D 134 13.53 -28.48 32.64
N ASN D 135 13.79 -29.76 32.89
CA ASN D 135 14.66 -30.56 31.98
C ASN D 135 13.71 -31.10 30.92
N GLY D 136 13.86 -30.69 29.66
CA GLY D 136 12.86 -31.11 28.67
C GLY D 136 13.07 -32.54 28.22
N ASP D 137 13.11 -33.51 29.14
CA ASP D 137 13.15 -34.94 28.73
C ASP D 137 11.81 -35.09 28.02
N LYS D 138 10.76 -34.49 28.60
CA LYS D 138 9.47 -34.38 27.90
C LYS D 138 9.61 -32.98 27.29
N GLY D 139 9.65 -32.87 25.96
CA GLY D 139 9.95 -31.57 25.34
C GLY D 139 9.02 -30.47 25.80
N TYR D 140 9.61 -29.32 26.15
CA TYR D 140 8.81 -28.16 26.62
C TYR D 140 8.27 -27.45 25.38
N ASN D 141 8.63 -27.90 24.18
CA ASN D 141 8.24 -27.21 22.92
C ASN D 141 6.71 -27.17 22.72
N GLY D 142 5.99 -28.27 22.98
CA GLY D 142 4.51 -28.22 22.90
C GLY D 142 3.94 -27.27 23.94
N LEU D 143 4.44 -27.35 25.17
CA LEU D 143 4.02 -26.39 26.23
C LEU D 143 4.50 -24.98 25.86
N ALA D 144 5.69 -24.85 25.27
CA ALA D 144 6.25 -23.53 24.85
C ALA D 144 5.35 -22.91 23.79
N GLU D 145 4.79 -23.71 22.88
CA GLU D 145 3.82 -23.18 21.88
C GLU D 145 2.58 -22.63 22.58
N VAL D 146 2.04 -23.36 23.57
CA VAL D 146 0.90 -22.79 24.34
C VAL D 146 1.43 -21.55 25.05
N GLY D 147 2.64 -21.64 25.60
CA GLY D 147 3.27 -20.51 26.30
C GLY D 147 3.55 -19.35 25.37
N LYS D 148 3.97 -19.62 24.12
CA LYS D 148 4.19 -18.55 23.12
C LYS D 148 2.86 -17.87 22.82
N LYS D 149 1.77 -18.65 22.72
CA LYS D 149 0.43 -18.05 22.52
C LYS D 149 0.08 -17.24 23.78
N PHE D 150 0.38 -17.77 24.96
CA PHE D 150 0.13 -17.04 26.24
C PHE D 150 1.02 -15.79 26.22
N GLU D 151 2.24 -15.91 25.69
CA GLU D 151 3.20 -14.77 25.63
C GLU D 151 2.60 -13.66 24.76
N LYS D 152 1.95 -14.03 23.65
CA LYS D 152 1.33 -13.01 22.75
C LYS D 152 0.22 -12.28 23.50
N ASP D 153 -0.59 -13.01 24.28
CA ASP D 153 -1.71 -12.39 25.04
C ASP D 153 -1.15 -11.41 26.08
N THR D 154 -0.05 -11.79 26.75
CA THR D 154 0.53 -10.93 27.81
C THR D 154 1.57 -9.97 27.22
N GLY D 155 1.88 -10.11 25.93
CA GLY D 155 2.87 -9.23 25.26
C GLY D 155 4.21 -9.31 25.95
N ILE D 156 4.58 -10.50 26.43
CA ILE D 156 5.85 -10.67 27.21
C ILE D 156 6.66 -11.78 26.55
N LYS D 157 7.98 -11.60 26.37
CA LYS D 157 8.85 -12.61 25.70
C LYS D 157 8.99 -13.84 26.60
N VAL D 158 9.37 -15.00 26.06
CA VAL D 158 9.39 -16.23 26.91
C VAL D 158 10.82 -16.80 26.98
N THR D 159 11.25 -17.28 28.16
CA THR D 159 12.58 -17.92 28.31
C THR D 159 12.45 -19.34 28.86
N VAL D 160 12.95 -20.36 28.12
CA VAL D 160 12.99 -21.79 28.56
C VAL D 160 14.26 -22.40 27.94
N GLU D 161 14.73 -23.56 28.43
CA GLU D 161 16.00 -24.14 27.90
C GLU D 161 15.96 -25.66 27.93
N HIS D 162 16.72 -26.32 27.05
CA HIS D 162 16.79 -27.81 27.00
C HIS D 162 18.04 -28.22 27.77
N PRO D 163 17.94 -28.67 29.03
CA PRO D 163 19.10 -28.97 29.83
C PRO D 163 19.28 -30.35 30.45
N ASP D 164 20.14 -30.39 31.49
CA ASP D 164 20.38 -31.64 32.23
C ASP D 164 20.55 -31.27 33.70
N LYS D 165 20.38 -32.25 34.59
CA LYS D 165 20.55 -32.05 36.05
C LYS D 165 19.62 -30.95 36.58
N LEU D 166 18.40 -30.79 36.05
CA LEU D 166 17.41 -29.81 36.64
C LEU D 166 16.87 -30.42 37.92
N GLU D 167 16.65 -31.73 37.88
CA GLU D 167 16.10 -32.39 39.10
C GLU D 167 17.05 -32.04 40.24
N GLU D 168 18.37 -32.14 40.02
CA GLU D 168 19.34 -31.68 41.04
C GLU D 168 19.36 -30.16 41.11
N LYS D 169 19.31 -29.48 39.96
CA LYS D 169 19.50 -28.00 39.93
C LYS D 169 18.41 -27.16 40.62
N PHE D 170 17.13 -27.43 40.39
CA PHE D 170 16.09 -26.51 40.93
C PHE D 170 16.03 -26.47 42.47
N PRO D 171 16.11 -27.57 43.23
CA PRO D 171 16.09 -27.47 44.70
C PRO D 171 17.31 -26.84 45.37
N GLN D 172 18.53 -27.17 44.93
CA GLN D 172 19.75 -26.69 45.62
C GLN D 172 20.39 -25.49 44.91
N VAL D 173 20.62 -25.59 43.60
CA VAL D 173 21.33 -24.50 42.86
C VAL D 173 20.49 -23.23 42.86
N ALA D 174 19.17 -23.34 42.76
CA ALA D 174 18.26 -22.17 42.70
C ALA D 174 18.30 -21.35 44.00
N ALA D 175 18.67 -21.98 45.12
CA ALA D 175 18.70 -21.30 46.43
C ALA D 175 19.66 -20.10 46.34
N THR D 176 20.73 -20.22 45.55
CA THR D 176 21.69 -19.10 45.34
C THR D 176 20.97 -17.91 44.67
N GLY D 177 19.86 -18.16 43.98
CA GLY D 177 19.11 -17.09 43.29
C GLY D 177 18.72 -17.43 41.87
N ASP D 178 19.21 -18.57 41.34
CA ASP D 178 18.78 -19.02 39.99
C ASP D 178 17.51 -19.86 40.14
N GLY D 179 17.08 -20.56 39.08
CA GLY D 179 15.85 -21.38 39.14
C GLY D 179 14.67 -20.56 38.68
N PRO D 180 14.42 -20.45 37.37
CA PRO D 180 13.35 -19.58 36.84
C PRO D 180 11.91 -19.91 37.27
N ASP D 181 10.89 -19.17 36.76
CA ASP D 181 9.50 -19.26 37.30
C ASP D 181 8.72 -20.58 37.27
N ILE D 182 8.68 -21.36 36.18
CA ILE D 182 7.73 -22.54 36.16
C ILE D 182 8.38 -23.90 35.89
N ILE D 183 7.76 -25.00 36.37
CA ILE D 183 8.36 -26.37 36.24
C ILE D 183 7.25 -27.39 36.01
N PHE D 184 7.49 -28.51 35.31
CA PHE D 184 6.51 -29.62 35.16
C PHE D 184 7.28 -30.92 35.41
N TRP D 185 7.60 -31.25 36.66
CA TRP D 185 8.54 -32.37 36.91
C TRP D 185 8.13 -33.29 38.03
N ALA D 186 8.98 -34.27 38.34
CA ALA D 186 8.64 -35.29 39.35
C ALA D 186 8.34 -34.64 40.69
N HIS D 187 7.35 -35.19 41.41
CA HIS D 187 6.89 -34.62 42.71
C HIS D 187 8.02 -34.65 43.75
N ASP D 188 8.92 -35.62 43.65
CA ASP D 188 10.01 -35.74 44.65
C ASP D 188 10.85 -34.46 44.63
N ARG D 189 11.14 -33.92 43.44
CA ARG D 189 11.86 -32.62 43.34
C ARG D 189 10.96 -31.52 43.86
N PHE D 190 9.64 -31.65 43.72
CA PHE D 190 8.71 -30.55 44.11
C PHE D 190 8.82 -30.25 45.60
N GLY D 191 8.96 -31.29 46.43
CA GLY D 191 9.20 -31.04 47.87
C GLY D 191 10.49 -30.27 48.03
N GLY D 192 11.51 -30.63 47.25
CA GLY D 192 12.81 -29.93 47.28
C GLY D 192 12.71 -28.48 46.83
N TYR D 193 11.93 -28.18 45.79
CA TYR D 193 11.74 -26.77 45.36
C TYR D 193 11.07 -25.99 46.48
N ALA D 194 10.06 -26.60 47.12
CA ALA D 194 9.37 -25.95 48.26
C ALA D 194 10.34 -25.77 49.43
N GLN D 195 11.23 -26.76 49.64
CA GLN D 195 12.25 -26.64 50.72
C GLN D 195 13.14 -25.46 50.40
N SER D 196 13.49 -25.27 49.12
CA SER D 196 14.28 -24.08 48.70
C SER D 196 13.44 -22.82 48.98
N GLY D 197 12.12 -22.90 48.78
CA GLY D 197 11.22 -21.75 49.02
C GLY D 197 10.88 -20.98 47.77
N LEU D 198 11.54 -21.29 46.64
CA LEU D 198 11.18 -20.65 45.36
C LEU D 198 9.75 -21.04 44.97
N LEU D 199 9.40 -22.31 45.14
CA LEU D 199 8.04 -22.81 44.76
C LEU D 199 6.99 -22.18 45.68
N ALA D 200 5.79 -21.91 45.14
CA ALA D 200 4.70 -21.33 45.95
C ALA D 200 3.43 -22.17 45.78
N GLU D 201 2.57 -22.21 46.80
CA GLU D 201 1.31 -23.01 46.75
C GLU D 201 0.40 -22.46 45.65
N ILE D 202 -0.27 -23.35 44.92
CA ILE D 202 -1.22 -22.91 43.85
C ILE D 202 -2.63 -23.36 44.24
N THR D 203 -3.59 -22.44 44.23
CA THR D 203 -4.99 -22.83 44.56
C THR D 203 -5.79 -23.00 43.26
N PRO D 204 -6.24 -24.22 42.91
CA PRO D 204 -7.04 -24.43 41.71
C PRO D 204 -8.45 -23.86 41.86
N ASP D 205 -9.11 -23.54 40.75
CA ASP D 205 -10.52 -23.08 40.87
C ASP D 205 -11.40 -24.33 40.96
N LYS D 206 -12.60 -24.20 41.53
CA LYS D 206 -13.48 -25.39 41.74
C LYS D 206 -13.74 -26.07 40.39
N ALA D 207 -13.96 -25.30 39.32
CA ALA D 207 -14.23 -25.87 37.99
C ALA D 207 -13.02 -26.69 37.53
N PHE D 208 -11.81 -26.18 37.76
CA PHE D 208 -10.57 -26.90 37.37
C PHE D 208 -10.49 -28.23 38.15
N GLN D 209 -10.86 -28.19 39.43
CA GLN D 209 -10.82 -29.42 40.27
C GLN D 209 -11.77 -30.46 39.68
N ASP D 210 -12.95 -30.04 39.24
CA ASP D 210 -13.92 -30.98 38.60
C ASP D 210 -13.32 -31.53 37.30
N LYS D 211 -12.68 -30.66 36.50
CA LYS D 211 -12.12 -31.10 35.19
C LYS D 211 -11.01 -32.13 35.39
N LEU D 212 -10.13 -31.91 36.38
CA LEU D 212 -8.98 -32.84 36.58
C LEU D 212 -9.43 -34.06 37.39
N TYR D 213 -8.73 -35.19 37.22
CA TYR D 213 -9.06 -36.42 37.97
C TYR D 213 -8.69 -36.25 39.45
N PRO D 214 -9.47 -36.83 40.39
CA PRO D 214 -9.17 -36.72 41.82
C PRO D 214 -7.83 -37.35 42.22
N PHE D 215 -7.48 -38.50 41.62
CA PHE D 215 -6.21 -39.20 41.96
C PHE D 215 -5.01 -38.32 41.60
N THR D 216 -5.10 -37.60 40.47
CA THR D 216 -4.01 -36.68 40.06
C THR D 216 -3.87 -35.58 41.12
N TRP D 217 -4.98 -35.08 41.65
CA TRP D 217 -4.94 -34.04 42.72
C TRP D 217 -4.23 -34.58 43.96
N ASP D 218 -4.48 -35.84 44.31
CA ASP D 218 -3.79 -36.46 45.46
C ASP D 218 -2.28 -36.51 45.19
N ALA D 219 -1.87 -36.86 43.97
CA ALA D 219 -0.43 -36.99 43.66
C ALA D 219 0.30 -35.66 43.81
N VAL D 220 -0.28 -34.56 43.29
CA VAL D 220 0.35 -33.21 43.40
C VAL D 220 0.37 -32.76 44.86
N ARG D 221 -0.68 -33.07 45.62
CA ARG D 221 -0.77 -32.55 47.02
C ARG D 221 0.47 -32.99 47.79
N TYR D 222 1.12 -32.04 48.47
CA TYR D 222 2.34 -32.36 49.26
C TYR D 222 2.11 -31.87 50.69
N ASN D 223 2.30 -32.76 51.68
CA ASN D 223 2.08 -32.40 53.11
C ASN D 223 0.66 -31.86 53.29
N GLY D 224 -0.31 -32.42 52.56
CA GLY D 224 -1.72 -32.00 52.70
C GLY D 224 -1.98 -30.65 52.05
N LYS D 225 -1.03 -30.14 51.27
CA LYS D 225 -1.19 -28.80 50.64
C LYS D 225 -1.05 -28.93 49.13
N LEU D 226 -1.91 -28.26 48.36
CA LEU D 226 -1.86 -28.38 46.89
C LEU D 226 -0.80 -27.41 46.37
N ILE D 227 0.47 -27.81 46.42
CA ILE D 227 1.58 -26.89 46.02
C ILE D 227 1.81 -27.04 44.51
N ALA D 228 1.02 -27.89 43.84
CA ALA D 228 1.30 -28.15 42.41
C ALA D 228 0.04 -28.49 41.60
N TYR D 229 0.12 -28.39 40.27
CA TYR D 229 -1.01 -28.75 39.36
C TYR D 229 -0.54 -29.82 38.39
N PRO D 230 -1.25 -30.94 38.21
CA PRO D 230 -0.78 -32.03 37.35
C PRO D 230 -1.16 -31.85 35.87
N ILE D 231 -0.17 -31.57 35.00
CA ILE D 231 -0.53 -31.48 33.56
C ILE D 231 -1.09 -32.85 33.14
N ALA D 232 -0.46 -33.94 33.58
CA ALA D 232 -0.86 -35.31 33.17
C ALA D 232 -0.18 -36.33 34.09
N VAL D 233 -0.45 -37.63 33.90
CA VAL D 233 0.25 -38.69 34.68
C VAL D 233 1.16 -39.48 33.74
N GLU D 234 2.45 -39.63 34.06
CA GLU D 234 3.40 -40.29 33.12
C GLU D 234 3.75 -41.70 33.61
N ALA D 235 3.54 -42.72 32.77
CA ALA D 235 3.91 -44.10 33.12
C ALA D 235 4.71 -44.73 31.98
N LEU D 236 5.80 -45.46 32.30
CA LEU D 236 6.60 -46.14 31.25
C LEU D 236 5.76 -47.22 30.57
N SER D 237 5.91 -47.40 29.26
CA SER D 237 5.19 -48.49 28.56
C SER D 237 6.19 -49.27 27.70
N LEU D 238 6.00 -50.59 27.58
CA LEU D 238 6.90 -51.40 26.71
C LEU D 238 6.69 -50.95 25.26
N ILE D 239 7.79 -50.79 24.51
CA ILE D 239 7.68 -50.41 23.07
C ILE D 239 8.32 -51.52 22.24
N TYR D 240 7.61 -52.03 21.24
CA TYR D 240 8.14 -53.12 20.37
C TYR D 240 8.16 -52.65 18.91
N ASN D 241 9.27 -52.89 18.20
CA ASN D 241 9.32 -52.53 16.76
C ASN D 241 8.43 -53.52 16.00
N LYS D 242 7.51 -53.02 15.18
CA LYS D 242 6.56 -53.92 14.47
C LYS D 242 7.31 -54.81 13.48
N ASP D 243 8.28 -54.26 12.75
CA ASP D 243 9.01 -55.06 11.72
C ASP D 243 9.80 -56.18 12.39
N LEU D 244 10.52 -55.88 13.47
CA LEU D 244 11.36 -56.90 14.14
C LEU D 244 10.49 -57.98 14.79
N LEU D 245 9.42 -57.59 15.48
CA LEU D 245 8.57 -58.58 16.19
C LEU D 245 7.10 -58.39 15.77
N PRO D 246 6.42 -59.42 15.23
CA PRO D 246 4.99 -59.30 14.93
C PRO D 246 4.18 -59.11 16.22
N ASN D 247 4.51 -59.89 17.27
CA ASN D 247 3.82 -59.77 18.57
C ASN D 247 4.86 -59.71 19.71
N PRO D 248 4.78 -58.78 20.66
CA PRO D 248 5.69 -58.75 21.82
C PRO D 248 5.39 -59.90 22.79
N PRO D 249 6.39 -60.47 23.49
CA PRO D 249 6.13 -61.50 24.50
C PRO D 249 5.30 -60.92 25.66
N LYS D 250 4.32 -61.67 26.15
CA LYS D 250 3.43 -61.18 27.24
C LYS D 250 4.01 -61.57 28.59
N THR D 251 5.12 -62.32 28.59
CA THR D 251 5.74 -62.77 29.87
C THR D 251 7.17 -62.22 29.97
N TRP D 252 7.54 -61.68 31.12
CA TRP D 252 8.92 -61.18 31.34
C TRP D 252 9.91 -62.34 31.23
N GLU D 253 9.53 -63.52 31.72
CA GLU D 253 10.41 -64.73 31.65
C GLU D 253 10.68 -65.07 30.19
N GLU D 254 9.69 -64.86 29.31
CA GLU D 254 9.86 -65.13 27.85
C GLU D 254 10.92 -64.21 27.25
N ILE D 255 11.08 -62.98 27.76
CA ILE D 255 12.01 -61.99 27.12
C ILE D 255 13.46 -62.49 27.09
N PRO D 256 14.07 -63.09 28.14
CA PRO D 256 15.43 -63.63 28.03
C PRO D 256 15.55 -64.76 26.99
N ALA D 257 14.55 -65.65 26.92
CA ALA D 257 14.56 -66.72 25.89
C ALA D 257 14.49 -66.08 24.50
N LEU D 258 13.65 -65.05 24.33
CA LEU D 258 13.55 -64.33 23.04
C LEU D 258 14.90 -63.64 22.77
N ASP D 259 15.53 -63.11 23.81
CA ASP D 259 16.84 -62.41 23.66
C ASP D 259 17.90 -63.42 23.17
N LYS D 260 17.85 -64.66 23.67
CA LYS D 260 18.83 -65.70 23.26
C LYS D 260 18.68 -65.97 21.75
N GLU D 261 17.44 -66.06 21.25
CA GLU D 261 17.24 -66.24 19.79
C GLU D 261 17.79 -65.01 19.06
N LEU D 262 17.52 -63.83 19.60
CA LEU D 262 18.02 -62.56 18.99
C LEU D 262 19.55 -62.52 19.06
N LYS D 263 20.15 -63.09 20.10
CA LYS D 263 21.63 -63.12 20.24
C LYS D 263 22.23 -63.91 19.06
N ALA D 264 21.59 -65.01 18.67
CA ALA D 264 22.07 -65.77 17.48
C ALA D 264 21.96 -64.85 16.25
N LYS D 265 20.86 -64.10 16.15
CA LYS D 265 20.68 -63.11 15.05
C LYS D 265 21.78 -62.04 15.16
N GLY D 266 22.16 -61.68 16.38
CA GLY D 266 23.15 -60.60 16.60
C GLY D 266 22.49 -59.30 17.00
N LYS D 267 21.16 -59.30 17.18
CA LYS D 267 20.46 -58.08 17.66
C LYS D 267 19.84 -58.37 19.04
N SER D 268 20.17 -57.55 20.05
CA SER D 268 19.62 -57.74 21.42
C SER D 268 18.12 -57.47 21.42
N ALA D 269 17.33 -58.32 22.09
CA ALA D 269 15.86 -58.14 22.10
C ALA D 269 15.48 -56.84 22.81
N LEU D 270 16.10 -56.53 23.94
CA LEU D 270 15.71 -55.32 24.70
C LEU D 270 16.93 -54.45 25.03
N MET D 271 16.86 -53.14 24.80
CA MET D 271 17.97 -52.24 25.22
C MET D 271 17.33 -51.09 25.99
N PHE D 272 17.73 -50.87 27.26
CA PHE D 272 17.20 -49.73 28.05
C PHE D 272 18.24 -49.31 29.10
N ASN D 273 18.11 -48.08 29.61
CA ASN D 273 19.11 -47.58 30.60
C ASN D 273 18.88 -48.24 31.96
N LEU D 274 19.93 -48.85 32.52
CA LEU D 274 19.80 -49.43 33.88
C LEU D 274 20.26 -48.39 34.90
N GLN D 275 20.91 -47.32 34.44
CA GLN D 275 21.43 -46.27 35.35
C GLN D 275 20.26 -45.54 36.06
N GLU D 276 19.18 -45.26 35.33
CA GLU D 276 17.99 -44.64 35.96
C GLU D 276 17.26 -45.70 36.80
N PRO D 277 16.79 -45.36 38.03
CA PRO D 277 16.02 -46.33 38.81
C PRO D 277 14.54 -46.28 38.39
N TYR D 278 14.06 -45.16 37.86
CA TYR D 278 12.67 -45.04 37.34
C TYR D 278 12.51 -45.99 36.15
N PHE D 279 13.56 -46.14 35.34
CA PHE D 279 13.56 -47.02 34.14
C PHE D 279 13.51 -48.49 34.58
N THR D 280 14.20 -48.83 35.67
CA THR D 280 14.30 -50.25 36.11
C THR D 280 13.24 -50.58 37.16
N TRP D 281 12.32 -49.65 37.43
CA TRP D 281 11.31 -49.88 38.49
C TRP D 281 10.18 -50.83 38.04
N PRO D 282 9.70 -50.92 36.76
CA PRO D 282 8.61 -51.86 36.47
C PRO D 282 8.88 -53.32 36.88
N LEU D 283 10.09 -53.83 36.63
CA LEU D 283 10.43 -55.21 37.07
C LEU D 283 10.39 -55.29 38.61
N ILE D 284 10.93 -54.26 39.29
CA ILE D 284 10.94 -54.25 40.77
C ILE D 284 9.50 -54.23 41.29
N ALA D 285 8.65 -53.39 40.70
CA ALA D 285 7.23 -53.28 41.12
C ALA D 285 6.47 -54.58 40.82
N ALA D 286 6.80 -55.24 39.71
CA ALA D 286 6.12 -56.51 39.34
C ALA D 286 6.35 -57.54 40.44
N ASP D 287 7.54 -57.51 41.06
CA ASP D 287 7.87 -58.49 42.12
C ASP D 287 7.39 -57.97 43.48
N GLY D 288 6.66 -56.86 43.50
CA GLY D 288 6.08 -56.33 44.77
C GLY D 288 6.88 -55.19 45.38
N GLY D 289 7.90 -54.68 44.68
CA GLY D 289 8.63 -53.51 45.20
C GLY D 289 7.73 -52.28 45.27
N TYR D 290 7.84 -51.50 46.35
CA TYR D 290 6.97 -50.32 46.54
C TYR D 290 7.80 -49.11 46.97
N ALA D 291 7.42 -47.89 46.56
CA ALA D 291 8.15 -46.70 47.02
C ALA D 291 7.99 -46.57 48.54
N PHE D 292 6.77 -46.76 49.05
CA PHE D 292 6.48 -46.65 50.50
C PHE D 292 5.27 -47.53 50.83
N LYS D 293 5.01 -47.79 52.11
CA LYS D 293 3.90 -48.71 52.50
C LYS D 293 2.93 -47.98 53.43
N TYR D 294 1.74 -48.56 53.68
CA TYR D 294 0.69 -47.96 54.55
C TYR D 294 -0.09 -46.90 53.76
N GLU D 295 -0.79 -46.01 54.46
CA GLU D 295 -1.66 -45.00 53.77
C GLU D 295 -0.78 -44.10 52.90
N ASN D 296 -1.32 -43.65 51.77
CA ASN D 296 -0.54 -42.80 50.83
C ASN D 296 -0.12 -41.52 51.56
N GLY D 297 -1.02 -40.96 52.37
CA GLY D 297 -0.65 -39.76 53.16
C GLY D 297 0.47 -40.06 54.14
N LYS D 298 0.43 -41.23 54.80
CA LYS D 298 1.45 -41.57 55.83
C LYS D 298 2.85 -41.66 55.21
N TYR D 299 2.98 -42.33 54.05
CA TYR D 299 4.29 -42.46 53.38
C TYR D 299 5.34 -42.96 54.39
N ASP D 300 5.05 -44.04 55.12
CA ASP D 300 5.96 -44.47 56.21
C ASP D 300 7.36 -44.77 55.66
N ILE D 301 8.39 -44.11 56.21
CA ILE D 301 9.80 -44.31 55.77
C ILE D 301 10.29 -45.71 56.16
N LYS D 302 9.89 -46.21 57.34
CA LYS D 302 10.43 -47.50 57.85
C LYS D 302 10.12 -48.65 56.88
N ASP D 303 8.93 -48.68 56.29
CA ASP D 303 8.62 -49.74 55.30
C ASP D 303 9.03 -49.26 53.91
N VAL D 304 9.99 -49.96 53.29
CA VAL D 304 10.49 -49.56 51.94
C VAL D 304 10.55 -50.80 51.05
N GLY D 305 10.28 -50.65 49.75
CA GLY D 305 10.34 -51.78 48.80
C GLY D 305 11.73 -52.36 48.69
N VAL D 306 12.76 -51.49 48.69
CA VAL D 306 14.16 -51.96 48.50
C VAL D 306 14.51 -52.93 49.63
N ASP D 307 14.07 -52.64 50.86
CA ASP D 307 14.30 -53.56 52.01
C ASP D 307 13.58 -54.88 51.74
N ASN D 308 12.37 -54.82 51.17
CA ASN D 308 11.56 -56.05 50.93
C ASN D 308 12.29 -56.97 49.95
N ALA D 309 12.23 -58.29 50.19
CA ALA D 309 12.95 -59.28 49.35
C ALA D 309 12.47 -59.26 47.90
N GLY D 310 11.17 -59.06 47.67
CA GLY D 310 10.63 -59.14 46.30
C GLY D 310 11.27 -58.13 45.35
N ALA D 311 11.49 -56.90 45.80
CA ALA D 311 12.09 -55.86 44.94
C ALA D 311 13.50 -56.30 44.54
N LYS D 312 14.26 -56.87 45.50
CA LYS D 312 15.64 -57.34 45.21
C LYS D 312 15.57 -58.45 44.16
N ALA D 313 14.60 -59.36 44.28
CA ALA D 313 14.45 -60.48 43.32
C ALA D 313 14.14 -59.94 41.91
N GLY D 314 13.28 -58.93 41.81
CA GLY D 314 12.98 -58.32 40.49
C GLY D 314 14.23 -57.69 39.88
N LEU D 315 15.02 -56.98 40.70
CA LEU D 315 16.29 -56.40 40.21
C LEU D 315 17.25 -57.52 39.83
N THR D 316 17.25 -58.62 40.58
CA THR D 316 18.13 -59.78 40.28
C THR D 316 17.79 -60.34 38.90
N PHE D 317 16.50 -60.42 38.57
CA PHE D 317 16.07 -60.86 37.21
C PHE D 317 16.72 -59.93 36.19
N LEU D 318 16.68 -58.63 36.45
CA LEU D 318 17.29 -57.63 35.53
C LEU D 318 18.80 -57.90 35.43
N VAL D 319 19.45 -58.28 36.54
CA VAL D 319 20.93 -58.46 36.42
C VAL D 319 21.21 -59.82 35.76
N ASP D 320 20.26 -60.77 35.79
CA ASP D 320 20.47 -62.01 35.00
C ASP D 320 20.52 -61.65 33.51
N LEU D 321 19.72 -60.69 33.08
CA LEU D 321 19.72 -60.19 31.67
C LEU D 321 21.08 -59.53 31.41
N ILE D 322 21.59 -58.76 32.37
CA ILE D 322 22.91 -58.06 32.22
C ILE D 322 24.02 -59.11 32.05
N LYS D 323 23.86 -60.27 32.70
CA LYS D 323 24.91 -61.32 32.66
C LYS D 323 24.81 -62.02 31.31
N ASN D 324 23.57 -62.20 30.81
CA ASN D 324 23.36 -62.81 29.47
C ASN D 324 23.74 -61.80 28.38
N LYS D 325 23.90 -60.52 28.75
CA LYS D 325 24.24 -59.43 27.79
C LYS D 325 22.99 -58.96 27.05
N HIS D 326 21.88 -59.54 27.51
CA HIS D 326 20.55 -59.17 27.00
C HIS D 326 20.27 -57.75 27.45
N MET D 327 21.01 -57.27 28.46
CA MET D 327 20.88 -55.88 28.94
C MET D 327 22.30 -55.34 29.06
N ASN D 328 22.55 -54.09 28.64
CA ASN D 328 23.95 -53.60 28.65
C ASN D 328 24.10 -52.45 29.65
N ALA D 329 25.07 -52.56 30.56
CA ALA D 329 25.34 -51.49 31.55
C ALA D 329 25.82 -50.23 30.81
N ASP D 330 26.58 -50.39 29.73
CA ASP D 330 27.16 -49.23 29.02
C ASP D 330 26.09 -48.60 28.13
N THR D 331 25.06 -49.38 27.75
CA THR D 331 23.94 -48.79 26.97
C THR D 331 23.21 -47.77 27.86
N ASP D 332 22.82 -46.63 27.27
CA ASP D 332 22.13 -45.56 28.04
C ASP D 332 20.78 -45.29 27.38
N TYR D 333 19.89 -44.55 28.04
CA TYR D 333 18.52 -44.34 27.48
C TYR D 333 18.62 -43.66 26.11
N SER D 334 19.53 -42.69 25.96
CA SER D 334 19.71 -42.02 24.65
C SER D 334 20.17 -43.05 23.61
N ILE D 335 21.12 -43.92 23.97
CA ILE D 335 21.59 -44.99 23.05
C ILE D 335 20.44 -45.94 22.74
N ALA D 336 19.65 -46.31 23.76
CA ALA D 336 18.54 -47.26 23.56
C ALA D 336 17.49 -46.67 22.62
N GLU D 337 17.18 -45.38 22.78
CA GLU D 337 16.19 -44.71 21.90
C GLU D 337 16.72 -44.71 20.46
N ALA D 338 18.01 -44.40 20.30
CA ALA D 338 18.62 -44.41 18.95
C ALA D 338 18.58 -45.83 18.38
N ALA D 339 18.86 -46.83 19.22
CA ALA D 339 18.87 -48.25 18.76
C ALA D 339 17.46 -48.64 18.29
N PHE D 340 16.42 -48.21 19.02
CA PHE D 340 15.03 -48.57 18.65
C PHE D 340 14.68 -47.97 17.29
N ASN D 341 15.07 -46.71 17.06
CA ASN D 341 14.83 -46.07 15.74
C ASN D 341 15.65 -46.81 14.68
N LYS D 342 16.90 -47.16 15.01
CA LYS D 342 17.78 -47.92 14.07
C LYS D 342 17.19 -49.30 13.83
N GLY D 343 16.56 -49.91 14.84
CA GLY D 343 16.07 -51.28 14.72
C GLY D 343 17.08 -52.27 15.28
N GLU D 344 18.15 -51.75 15.90
CA GLU D 344 19.18 -52.62 16.54
C GLU D 344 18.52 -53.41 17.68
N THR D 345 17.61 -52.78 18.43
CA THR D 345 16.90 -53.48 19.53
C THR D 345 15.41 -53.66 19.17
N ALA D 346 14.91 -54.89 19.27
CA ALA D 346 13.49 -55.16 18.93
C ALA D 346 12.55 -54.43 19.89
N MET D 347 12.88 -54.40 21.19
CA MET D 347 11.98 -53.78 22.21
C MET D 347 12.80 -52.88 23.13
N THR D 348 12.16 -51.89 23.76
CA THR D 348 12.88 -51.05 24.75
C THR D 348 11.94 -50.66 25.88
N ILE D 349 12.47 -50.43 27.09
CA ILE D 349 11.62 -49.91 28.20
C ILE D 349 11.92 -48.42 28.26
N ASN D 350 10.92 -47.57 28.00
CA ASN D 350 11.21 -46.11 27.91
C ASN D 350 10.03 -45.30 28.46
N GLY D 351 10.29 -44.03 28.80
CA GLY D 351 9.22 -43.15 29.30
C GLY D 351 8.30 -42.76 28.16
N PRO D 352 7.09 -42.21 28.43
CA PRO D 352 6.13 -41.90 27.38
C PRO D 352 6.73 -40.93 26.35
N TRP D 353 7.65 -40.06 26.79
CA TRP D 353 8.26 -39.04 25.89
C TRP D 353 8.97 -39.69 24.70
N ALA D 354 9.49 -40.91 24.86
CA ALA D 354 10.27 -41.57 23.78
C ALA D 354 9.42 -41.75 22.52
N TRP D 355 8.11 -41.95 22.65
CA TRP D 355 7.27 -42.29 21.46
C TRP D 355 7.36 -41.21 20.38
N SER D 356 7.34 -39.92 20.77
CA SER D 356 7.36 -38.84 19.74
C SER D 356 8.66 -38.86 18.94
N ASN D 357 9.80 -39.14 19.58
CA ASN D 357 11.09 -39.25 18.85
C ASN D 357 11.01 -40.42 17.86
N ILE D 358 10.43 -41.56 18.27
CA ILE D 358 10.25 -42.71 17.34
C ILE D 358 9.33 -42.29 16.19
N ASP D 359 8.29 -41.50 16.49
CA ASP D 359 7.35 -41.01 15.44
C ASP D 359 8.13 -40.16 14.43
N THR D 360 9.06 -39.32 14.91
CA THR D 360 9.90 -38.50 14.00
C THR D 360 10.74 -39.42 13.10
N SER D 361 11.29 -40.49 13.67
CA SER D 361 12.06 -41.48 12.86
C SER D 361 11.14 -42.13 11.83
N LYS D 362 9.89 -42.41 12.20
CA LYS D 362 8.88 -43.01 11.27
C LYS D 362 9.09 -44.52 11.11
N VAL D 363 9.99 -45.11 11.90
CA VAL D 363 10.17 -46.59 11.85
C VAL D 363 8.89 -47.24 12.40
N ASN D 364 8.45 -48.36 11.81
CA ASN D 364 7.19 -49.00 12.26
C ASN D 364 7.39 -49.49 13.70
N TYR D 365 6.46 -49.17 14.60
CA TYR D 365 6.60 -49.55 16.02
C TYR D 365 5.23 -49.62 16.69
N GLY D 366 5.14 -50.32 17.82
CA GLY D 366 3.87 -50.40 18.57
C GLY D 366 4.12 -50.21 20.06
N VAL D 367 3.14 -49.71 20.79
CA VAL D 367 3.27 -49.55 22.27
C VAL D 367 2.38 -50.59 22.95
N THR D 368 2.93 -51.36 23.90
CA THR D 368 2.16 -52.44 24.54
C THR D 368 2.31 -52.37 26.07
N VAL D 369 1.37 -52.96 26.80
CA VAL D 369 1.48 -53.01 28.29
C VAL D 369 2.71 -53.83 28.66
N LEU D 370 3.40 -53.46 29.74
CA LEU D 370 4.66 -54.16 30.13
C LEU D 370 4.36 -55.62 30.43
N PRO D 371 5.23 -56.58 30.03
CA PRO D 371 4.95 -58.01 30.21
C PRO D 371 4.83 -58.45 31.68
N THR D 372 3.92 -59.39 31.97
CA THR D 372 3.74 -59.89 33.35
C THR D 372 4.99 -60.64 33.81
N PHE D 373 5.42 -60.42 35.05
CA PHE D 373 6.58 -61.17 35.61
C PHE D 373 6.09 -62.07 36.73
N LYS D 374 6.33 -63.38 36.63
CA LYS D 374 5.91 -64.36 37.67
C LYS D 374 4.38 -64.28 37.85
N GLY D 375 3.64 -64.03 36.76
CA GLY D 375 2.16 -63.98 36.84
C GLY D 375 1.64 -62.65 37.35
N GLN D 376 2.54 -61.69 37.61
CA GLN D 376 2.11 -60.34 38.09
C GLN D 376 2.54 -59.30 37.06
N PRO D 377 1.64 -58.44 36.53
CA PRO D 377 2.01 -57.49 35.48
C PRO D 377 3.06 -56.48 35.96
N SER D 378 4.03 -56.16 35.10
CA SER D 378 5.07 -55.17 35.46
C SER D 378 4.40 -53.80 35.67
N LYS D 379 4.74 -53.12 36.77
CA LYS D 379 4.09 -51.82 37.08
C LYS D 379 5.14 -50.70 36.98
N PRO D 380 5.02 -49.77 36.00
CA PRO D 380 5.96 -48.66 35.88
C PRO D 380 5.79 -47.63 37.00
N PHE D 381 6.88 -46.96 37.41
CA PHE D 381 6.73 -45.87 38.40
C PHE D 381 5.90 -44.76 37.74
N VAL D 382 4.99 -44.15 38.51
CA VAL D 382 4.10 -43.12 37.90
C VAL D 382 4.55 -41.74 38.38
N GLY D 383 4.83 -40.84 37.44
CA GLY D 383 5.23 -39.46 37.79
C GLY D 383 4.18 -38.48 37.33
N VAL D 384 3.88 -37.46 38.14
CA VAL D 384 2.78 -36.52 37.77
C VAL D 384 3.42 -35.19 37.31
N LEU D 385 2.82 -34.55 36.31
CA LEU D 385 3.38 -33.29 35.77
C LEU D 385 2.94 -32.12 36.67
N SER D 386 3.40 -32.13 37.93
CA SER D 386 3.13 -31.02 38.90
C SER D 386 3.69 -29.69 38.38
N ALA D 387 3.11 -28.54 38.73
CA ALA D 387 3.61 -27.27 38.14
C ALA D 387 3.91 -26.28 39.26
N GLY D 388 4.68 -25.21 38.99
CA GLY D 388 5.11 -24.32 40.09
C GLY D 388 5.32 -22.84 39.77
N ILE D 389 5.45 -22.00 40.81
CA ILE D 389 5.67 -20.52 40.67
C ILE D 389 6.94 -20.13 41.44
N ASN D 390 7.83 -19.30 40.89
CA ASN D 390 9.01 -18.81 41.68
C ASN D 390 8.75 -17.40 42.22
N ALA D 391 8.90 -17.18 43.54
CA ALA D 391 8.65 -15.86 44.19
C ALA D 391 9.71 -14.81 43.85
N ALA D 392 10.99 -15.19 43.76
CA ALA D 392 12.06 -14.19 43.58
C ALA D 392 11.90 -13.39 42.28
N SER D 393 11.56 -14.05 41.16
CA SER D 393 11.47 -13.32 39.87
C SER D 393 10.33 -12.31 39.96
N PRO D 394 10.49 -11.07 39.46
CA PRO D 394 9.44 -10.04 39.59
C PRO D 394 8.09 -10.37 38.94
N ASN D 395 8.06 -10.92 37.73
CA ASN D 395 6.74 -11.32 37.16
C ASN D 395 6.38 -12.76 37.56
N LYS D 396 6.33 -13.05 38.86
CA LYS D 396 5.92 -14.39 39.37
C LYS D 396 4.45 -14.66 39.11
N GLU D 397 3.59 -13.63 39.16
CA GLU D 397 2.12 -13.82 39.05
C GLU D 397 1.73 -14.50 37.74
N LEU D 398 2.48 -14.28 36.66
CA LEU D 398 2.11 -14.84 35.33
C LEU D 398 2.09 -16.37 35.44
N ALA D 399 3.04 -16.96 36.18
CA ALA D 399 3.12 -18.43 36.25
C ALA D 399 1.84 -19.01 36.83
N LYS D 400 1.28 -18.41 37.90
CA LYS D 400 0.10 -19.04 38.56
C LYS D 400 -1.09 -19.14 37.60
N GLU D 401 -1.41 -18.07 36.85
CA GLU D 401 -2.49 -18.16 35.83
C GLU D 401 -2.09 -19.13 34.71
N PHE D 402 -0.84 -19.07 34.24
CA PHE D 402 -0.36 -19.91 33.10
C PHE D 402 -0.50 -21.39 33.45
N LEU D 403 -0.09 -21.84 34.63
CA LEU D 403 -0.31 -23.28 34.99
C LEU D 403 -1.80 -23.59 35.05
N GLU D 404 -2.61 -22.69 35.64
CA GLU D 404 -4.07 -22.94 35.81
C GLU D 404 -4.74 -23.25 34.47
N ASN D 405 -4.46 -22.45 33.43
CA ASN D 405 -5.17 -22.65 32.14
C ASN D 405 -4.24 -23.00 30.96
N TYR D 406 -3.24 -22.17 30.64
CA TYR D 406 -2.43 -22.41 29.41
C TYR D 406 -1.65 -23.72 29.49
N LEU D 407 -0.99 -23.98 30.62
CA LEU D 407 -0.19 -25.22 30.77
C LEU D 407 -1.10 -26.44 30.73
N LEU D 408 -2.28 -26.33 31.37
CA LEU D 408 -3.18 -27.51 31.47
C LEU D 408 -4.44 -27.28 30.63
N THR D 409 -4.47 -27.84 29.42
CA THR D 409 -5.67 -27.74 28.55
C THR D 409 -5.80 -29.08 27.85
N ASP D 410 -6.99 -29.58 27.50
CA ASP D 410 -7.03 -30.89 26.79
C ASP D 410 -6.32 -30.74 25.45
N GLU D 411 -6.58 -29.65 24.72
CA GLU D 411 -5.86 -29.38 23.45
C GLU D 411 -4.38 -29.14 23.75
N GLY D 412 -4.08 -28.42 24.84
CA GLY D 412 -2.69 -28.17 25.26
C GLY D 412 -1.99 -29.46 25.63
N LEU D 413 -2.69 -30.39 26.28
CA LEU D 413 -2.11 -31.68 26.71
C LEU D 413 -1.66 -32.37 25.44
N GLU D 414 -2.47 -32.30 24.39
CA GLU D 414 -2.09 -32.89 23.07
C GLU D 414 -0.86 -32.15 22.55
N ALA D 415 -0.79 -30.84 22.75
CA ALA D 415 0.33 -30.05 22.18
C ALA D 415 1.67 -30.52 22.77
N VAL D 416 1.75 -30.74 24.09
CA VAL D 416 3.01 -31.30 24.68
C VAL D 416 3.16 -32.74 24.21
N ASN D 417 2.07 -33.50 24.11
CA ASN D 417 2.13 -34.94 23.74
C ASN D 417 2.74 -35.10 22.34
N LYS D 418 2.36 -34.25 21.37
CA LYS D 418 3.01 -34.36 20.04
C LYS D 418 4.52 -34.02 20.14
N ASP D 419 4.89 -32.98 20.89
CA ASP D 419 6.33 -32.63 21.08
C ASP D 419 7.05 -33.72 21.87
N LYS D 420 6.49 -34.20 22.98
CA LYS D 420 7.03 -35.38 23.71
C LYS D 420 5.90 -35.90 24.60
N PRO D 421 5.39 -37.15 24.43
CA PRO D 421 4.19 -37.62 25.17
C PRO D 421 4.22 -37.67 26.70
N LEU D 422 3.10 -37.36 27.35
CA LEU D 422 3.03 -37.34 28.83
C LEU D 422 2.18 -38.52 29.28
N GLY D 423 2.03 -39.51 28.40
CA GLY D 423 1.24 -40.72 28.73
C GLY D 423 -0.20 -40.40 29.07
N ALA D 424 -0.70 -40.95 30.19
CA ALA D 424 -2.10 -40.72 30.61
C ALA D 424 -2.25 -39.26 31.01
N VAL D 425 -3.46 -38.72 30.98
CA VAL D 425 -3.57 -37.25 31.26
C VAL D 425 -4.46 -37.00 32.49
N ALA D 426 -4.44 -35.76 32.99
CA ALA D 426 -5.27 -35.38 34.16
C ALA D 426 -6.65 -34.97 33.65
N LEU D 427 -6.69 -34.26 32.51
CA LEU D 427 -7.98 -33.83 31.91
C LEU D 427 -8.79 -35.07 31.55
N LYS D 428 -10.09 -35.08 31.85
CA LYS D 428 -10.93 -36.27 31.57
C LYS D 428 -11.18 -36.37 30.07
N SER D 429 -11.38 -35.24 29.38
CA SER D 429 -11.75 -35.31 27.93
C SER D 429 -10.61 -35.90 27.10
N TYR D 430 -9.38 -35.42 27.28
CA TYR D 430 -8.24 -35.99 26.53
C TYR D 430 -8.12 -37.48 26.90
N GLU D 431 -8.37 -37.84 28.15
CA GLU D 431 -8.20 -39.25 28.59
C GLU D 431 -9.11 -40.19 27.78
N GLU D 432 -10.35 -39.77 27.49
CA GLU D 432 -11.27 -40.59 26.67
C GLU D 432 -10.70 -40.79 25.26
N GLU D 433 -10.20 -39.72 24.64
CA GLU D 433 -9.57 -39.84 23.29
C GLU D 433 -8.32 -40.72 23.41
N LEU D 434 -7.56 -40.53 24.49
CA LEU D 434 -6.31 -41.31 24.73
C LEU D 434 -6.64 -42.79 24.92
N ALA D 435 -7.78 -43.11 25.54
CA ALA D 435 -8.20 -44.52 25.70
C ALA D 435 -8.41 -45.14 24.32
N LYS D 436 -9.01 -44.39 23.39
CA LYS D 436 -9.20 -44.91 22.01
C LYS D 436 -7.83 -45.13 21.35
N ASP D 437 -6.89 -44.21 21.56
CA ASP D 437 -5.54 -44.34 20.92
C ASP D 437 -4.78 -45.49 21.60
N PRO D 438 -4.11 -46.38 20.84
CA PRO D 438 -3.42 -47.54 21.43
C PRO D 438 -2.23 -47.25 22.35
N ARG D 439 -1.36 -46.30 21.99
CA ARG D 439 -0.12 -46.09 22.78
C ARG D 439 -0.41 -45.67 24.22
N ILE D 440 -1.26 -44.65 24.39
CA ILE D 440 -1.61 -44.19 25.76
C ILE D 440 -2.47 -45.25 26.46
N ALA D 441 -3.34 -45.96 25.73
CA ALA D 441 -4.22 -46.93 26.41
C ALA D 441 -3.35 -47.96 27.12
N ALA D 442 -2.26 -48.41 26.48
CA ALA D 442 -1.34 -49.36 27.12
C ALA D 442 -0.70 -48.70 28.35
N THR D 443 -0.30 -47.43 28.22
CA THR D 443 0.29 -46.69 29.37
C THR D 443 -0.74 -46.50 30.48
N MET D 444 -2.01 -46.24 30.14
CA MET D 444 -3.07 -46.01 31.17
C MET D 444 -3.25 -47.27 31.99
N GLU D 445 -3.25 -48.44 31.34
CA GLU D 445 -3.36 -49.71 32.08
C GLU D 445 -2.10 -49.85 32.95
N ASN D 446 -0.94 -49.51 32.39
CA ASN D 446 0.34 -49.60 33.13
C ASN D 446 0.27 -48.64 34.34
N ALA D 447 -0.30 -47.45 34.14
CA ALA D 447 -0.39 -46.44 35.23
C ALA D 447 -1.26 -46.99 36.37
N GLN D 448 -2.35 -47.69 36.04
CA GLN D 448 -3.26 -48.22 37.09
C GLN D 448 -2.47 -49.20 37.96
N LYS D 449 -1.66 -50.07 37.34
CA LYS D 449 -0.81 -51.01 38.12
C LYS D 449 0.24 -50.22 38.91
N GLY D 450 0.82 -49.17 38.31
CA GLY D 450 1.91 -48.41 38.96
C GLY D 450 1.45 -47.54 40.12
N GLU D 451 2.37 -47.18 41.01
CA GLU D 451 2.03 -46.31 42.17
C GLU D 451 2.79 -44.98 42.03
N ILE D 452 2.12 -43.86 42.30
CA ILE D 452 2.76 -42.51 42.15
C ILE D 452 3.92 -42.37 43.15
N MET D 453 5.01 -41.72 42.72
CA MET D 453 6.17 -41.49 43.63
C MET D 453 5.81 -40.50 44.73
N PRO D 454 6.32 -40.65 45.97
CA PRO D 454 6.07 -39.68 47.05
C PRO D 454 6.66 -38.30 46.77
N ASN D 455 5.97 -37.23 47.21
CA ASN D 455 6.42 -35.84 46.93
C ASN D 455 7.35 -35.33 48.04
N ILE D 456 7.55 -36.12 49.11
CA ILE D 456 8.35 -35.63 50.27
C ILE D 456 9.83 -35.43 49.88
N PRO D 457 10.53 -34.43 50.45
CA PRO D 457 11.96 -34.21 50.18
C PRO D 457 12.81 -35.40 50.65
N GLN D 458 12.42 -36.03 51.77
CA GLN D 458 13.15 -37.22 52.29
C GLN D 458 13.10 -38.33 51.23
N MET D 459 11.95 -38.48 50.55
CA MET D 459 11.83 -39.48 49.47
C MET D 459 12.83 -39.14 48.36
N SER D 460 13.01 -37.85 48.06
CA SER D 460 13.94 -37.44 46.97
C SER D 460 15.36 -37.89 47.30
N ALA D 461 15.78 -37.75 48.56
CA ALA D 461 17.11 -38.26 48.98
C ALA D 461 17.16 -39.78 48.85
N PHE D 462 16.09 -40.46 49.25
CA PHE D 462 16.02 -41.95 49.15
C PHE D 462 16.08 -42.35 47.67
N TRP D 463 15.39 -41.59 46.80
CA TRP D 463 15.35 -41.91 45.35
C TRP D 463 16.77 -41.80 44.78
N TYR D 464 17.56 -40.81 45.22
CA TYR D 464 18.96 -40.69 44.75
C TYR D 464 19.76 -41.91 45.21
N ALA D 465 19.52 -42.38 46.44
CA ALA D 465 20.24 -43.58 46.96
C ALA D 465 19.89 -44.79 46.07
N VAL D 466 18.63 -44.93 45.68
CA VAL D 466 18.22 -46.05 44.77
C VAL D 466 18.95 -45.90 43.44
N ARG D 467 19.10 -44.65 42.95
CA ARG D 467 19.76 -44.42 41.63
C ARG D 467 21.20 -44.93 41.69
N THR D 468 21.91 -44.62 42.79
CA THR D 468 23.31 -45.12 42.96
C THR D 468 23.29 -46.64 43.03
N ALA D 469 22.34 -47.21 43.79
CA ALA D 469 22.24 -48.68 43.95
C ALA D 469 22.03 -49.35 42.59
N VAL D 470 21.07 -48.87 41.80
CA VAL D 470 20.75 -49.50 40.49
C VAL D 470 21.90 -49.29 39.48
N ILE D 471 22.83 -48.36 39.75
CA ILE D 471 24.01 -48.16 38.87
C ILE D 471 25.02 -49.21 39.33
N ASN D 472 25.11 -49.42 40.63
CA ASN D 472 26.00 -50.47 41.21
C ASN D 472 25.56 -51.85 40.72
N ALA D 473 24.25 -52.13 40.78
CA ALA D 473 23.72 -53.44 40.32
C ALA D 473 24.07 -53.63 38.84
N ALA D 474 23.87 -52.59 38.03
CA ALA D 474 24.14 -52.70 36.58
C ALA D 474 25.64 -52.98 36.34
N SER D 475 26.51 -52.30 37.09
CA SER D 475 27.97 -52.46 36.88
C SER D 475 28.44 -53.80 37.47
N GLY D 476 27.72 -54.32 38.47
CA GLY D 476 28.08 -55.61 39.09
C GLY D 476 29.17 -55.43 40.12
N ARG D 477 29.59 -54.18 40.36
CA ARG D 477 30.60 -53.89 41.41
C ARG D 477 30.02 -54.28 42.77
N GLN D 478 28.74 -53.98 42.98
CA GLN D 478 28.07 -54.32 44.27
C GLN D 478 26.91 -55.27 43.98
N THR D 479 26.68 -56.26 44.86
CA THR D 479 25.57 -57.22 44.67
C THR D 479 24.24 -56.45 44.71
N VAL D 480 23.26 -56.86 43.91
CA VAL D 480 21.97 -56.11 43.81
C VAL D 480 21.30 -56.10 45.19
N ASP D 481 21.29 -57.22 45.89
CA ASP D 481 20.62 -57.30 47.22
C ASP D 481 21.34 -56.37 48.20
N GLU D 482 22.68 -56.36 48.16
CA GLU D 482 23.47 -55.46 49.05
C GLU D 482 23.18 -54.01 48.68
N ALA D 483 23.11 -53.69 47.38
CA ALA D 483 22.86 -52.31 46.92
C ALA D 483 21.47 -51.86 47.38
N LEU D 484 20.46 -52.73 47.27
CA LEU D 484 19.08 -52.39 47.72
C LEU D 484 19.07 -52.16 49.23
N LYS D 485 19.82 -52.98 49.98
CA LYS D 485 19.92 -52.79 51.45
C LYS D 485 20.58 -51.44 51.72
N ASP D 486 21.60 -51.08 50.93
CA ASP D 486 22.29 -49.77 51.10
C ASP D 486 21.29 -48.63 50.83
N ALA D 487 20.42 -48.80 49.83
CA ALA D 487 19.39 -47.77 49.53
C ALA D 487 18.43 -47.64 50.71
N GLN D 488 18.05 -48.77 51.32
CA GLN D 488 17.12 -48.75 52.50
C GLN D 488 17.79 -48.02 53.66
N THR D 489 19.09 -48.24 53.86
CA THR D 489 19.83 -47.61 55.00
C THR D 489 20.66 -46.43 54.49
#